data_6KTC
# 
_entry.id   6KTC 
# 
_audit_conform.dict_name       mmcif_pdbx.dic 
_audit_conform.dict_version    5.380 
_audit_conform.dict_location   http://mmcif.pdb.org/dictionaries/ascii/mmcif_pdbx.dic 
# 
loop_
_database_2.database_id 
_database_2.database_code 
_database_2.pdbx_database_accession 
_database_2.pdbx_DOI 
PDB   6KTC         pdb_00006ktc 10.2210/pdb6ktc/pdb 
WWPDB D_1300012540 ?            ?                   
# 
_pdbx_database_status.status_code                     REL 
_pdbx_database_status.status_code_sf                  REL 
_pdbx_database_status.status_code_mr                  ? 
_pdbx_database_status.entry_id                        6KTC 
_pdbx_database_status.recvd_initial_deposition_date   2019-08-27 
_pdbx_database_status.SG_entry                        N 
_pdbx_database_status.deposit_site                    PDBJ 
_pdbx_database_status.process_site                    PDBJ 
_pdbx_database_status.status_code_cs                  ? 
_pdbx_database_status.methods_development_category    ? 
_pdbx_database_status.pdb_format_compatible           Y 
_pdbx_database_status.status_code_nmr_data            ? 
# 
loop_
_audit_author.name 
_audit_author.pdbx_ordinal 
_audit_author.identifier_ORCID 
'Zou, F.' 1 ? 
'Li, S.'  2 ? 
# 
_citation.abstract                  ? 
_citation.abstract_id_CAS           ? 
_citation.book_id_ISBN              ? 
_citation.book_publisher            ? 
_citation.book_publisher_city       ? 
_citation.book_title                ? 
_citation.coordinate_linkage        ? 
_citation.country                   US 
_citation.database_id_Medline       ? 
_citation.details                   ? 
_citation.id                        primary 
_citation.journal_abbrev            Proc.Natl.Acad.Sci.USA 
_citation.journal_id_ASTM           PNASA6 
_citation.journal_id_CSD            0040 
_citation.journal_id_ISSN           1091-6490 
_citation.journal_full              ? 
_citation.journal_issue             ? 
_citation.journal_volume            117 
_citation.language                  ? 
_citation.page_first                3603 
_citation.page_last                 3609 
_citation.title                     
'DrosophilaYBX1 homolog YPS promotes ovarian germ line stem cell development by preferentially recognizing 5-methylcytosine RNAs.' 
_citation.year                      2020 
_citation.database_id_CSD           ? 
_citation.pdbx_database_id_DOI      10.1073/pnas.1910862117 
_citation.pdbx_database_id_PubMed   32015133 
_citation.unpublished_flag          ? 
# 
loop_
_citation_author.citation_id 
_citation_author.name 
_citation_author.ordinal 
_citation_author.identifier_ORCID 
primary 'Zou, F.'    1  ? 
primary 'Tu, R.'     2  ? 
primary 'Duan, B.'   3  ? 
primary 'Yang, Z.'   4  ? 
primary 'Ping, Z.'   5  ? 
primary 'Song, X.'   6  ? 
primary 'Chen, S.'   7  ? 
primary 'Price, A.'  8  ? 
primary 'Li, H.'     9  ? 
primary 'Scott, A.'  10 ? 
primary 'Perera, A.' 11 ? 
primary 'Li, S.'     12 ? 
primary 'Xie, T.'    13 ? 
# 
_cell.angle_alpha                  90.00 
_cell.angle_alpha_esd              ? 
_cell.angle_beta                   90.00 
_cell.angle_beta_esd               ? 
_cell.angle_gamma                  120.00 
_cell.angle_gamma_esd              ? 
_cell.entry_id                     6KTC 
_cell.details                      ? 
_cell.formula_units_Z              ? 
_cell.length_a                     66.706 
_cell.length_a_esd                 ? 
_cell.length_b                     66.706 
_cell.length_b_esd                 ? 
_cell.length_c                     34.224 
_cell.length_c_esd                 ? 
_cell.volume                       ? 
_cell.volume_esd                   ? 
_cell.Z_PDB                        6 
_cell.reciprocal_angle_alpha       ? 
_cell.reciprocal_angle_beta        ? 
_cell.reciprocal_angle_gamma       ? 
_cell.reciprocal_angle_alpha_esd   ? 
_cell.reciprocal_angle_beta_esd    ? 
_cell.reciprocal_angle_gamma_esd   ? 
_cell.reciprocal_length_a          ? 
_cell.reciprocal_length_b          ? 
_cell.reciprocal_length_c          ? 
_cell.reciprocal_length_a_esd      ? 
_cell.reciprocal_length_b_esd      ? 
_cell.reciprocal_length_c_esd      ? 
_cell.pdbx_unique_axis             ? 
# 
_symmetry.entry_id                         6KTC 
_symmetry.cell_setting                     ? 
_symmetry.Int_Tables_number                171 
_symmetry.space_group_name_Hall            ? 
_symmetry.space_group_name_H-M             'P 62' 
_symmetry.pdbx_full_space_group_name_H-M   ? 
# 
loop_
_entity.id 
_entity.type 
_entity.src_method 
_entity.pdbx_description 
_entity.formula_weight 
_entity.pdbx_number_of_molecules 
_entity.pdbx_ec 
_entity.pdbx_mutation 
_entity.pdbx_fragment 
_entity.details 
1 polymer man 'Nuclease-sensitive element-binding protein 1' 8710.782 1  ? ? 'CSD domain' ? 
2 polymer syn 
;RNA (5'-R(P*GP*(5MC)P*CP*U)-3')
;
1230.804 1  ? ? ?            ? 
3 water   nat water                                          18.015   30 ? ? ?            ? 
# 
loop_
_entity_poly.entity_id 
_entity_poly.type 
_entity_poly.nstd_linkage 
_entity_poly.nstd_monomer 
_entity_poly.pdbx_seq_one_letter_code 
_entity_poly.pdbx_seq_one_letter_code_can 
_entity_poly.pdbx_strand_id 
_entity_poly.pdbx_target_identifier 
1 'polypeptide(L)'   no no  SKKVIATKVLGTVKWFNVRNGYGFINRNDTKEDVFVHQTAIKKNNPRKYLRSVGDGETVEFDVVEGEKGAEAANVTGPG 
SKKVIATKVLGTVKWFNVRNGYGFINRNDTKEDVFVHQTAIKKNNPRKYLRSVGDGETVEFDVVEGEKGAEAANVTGPG A ? 
2 polyribonucleotide no yes 'G(5MC)CU'                                                                      GCCU V ? 
# 
loop_
_entity_poly_seq.entity_id 
_entity_poly_seq.num 
_entity_poly_seq.mon_id 
_entity_poly_seq.hetero 
1 1  SER n 
1 2  LYS n 
1 3  LYS n 
1 4  VAL n 
1 5  ILE n 
1 6  ALA n 
1 7  THR n 
1 8  LYS n 
1 9  VAL n 
1 10 LEU n 
1 11 GLY n 
1 12 THR n 
1 13 VAL n 
1 14 LYS n 
1 15 TRP n 
1 16 PHE n 
1 17 ASN n 
1 18 VAL n 
1 19 ARG n 
1 20 ASN n 
1 21 GLY n 
1 22 TYR n 
1 23 GLY n 
1 24 PHE n 
1 25 ILE n 
1 26 ASN n 
1 27 ARG n 
1 28 ASN n 
1 29 ASP n 
1 30 THR n 
1 31 LYS n 
1 32 GLU n 
1 33 ASP n 
1 34 VAL n 
1 35 PHE n 
1 36 VAL n 
1 37 HIS n 
1 38 GLN n 
1 39 THR n 
1 40 ALA n 
1 41 ILE n 
1 42 LYS n 
1 43 LYS n 
1 44 ASN n 
1 45 ASN n 
1 46 PRO n 
1 47 ARG n 
1 48 LYS n 
1 49 TYR n 
1 50 LEU n 
1 51 ARG n 
1 52 SER n 
1 53 VAL n 
1 54 GLY n 
1 55 ASP n 
1 56 GLY n 
1 57 GLU n 
1 58 THR n 
1 59 VAL n 
1 60 GLU n 
1 61 PHE n 
1 62 ASP n 
1 63 VAL n 
1 64 VAL n 
1 65 GLU n 
1 66 GLY n 
1 67 GLU n 
1 68 LYS n 
1 69 GLY n 
1 70 ALA n 
1 71 GLU n 
1 72 ALA n 
1 73 ALA n 
1 74 ASN n 
1 75 VAL n 
1 76 THR n 
1 77 GLY n 
1 78 PRO n 
1 79 GLY n 
2 1  G   n 
2 2  5MC n 
2 3  C   n 
2 4  U   n 
# 
_entity_src_gen.entity_id                          1 
_entity_src_gen.pdbx_src_id                        1 
_entity_src_gen.pdbx_alt_source_flag               sample 
_entity_src_gen.pdbx_seq_type                      'Biological sequence' 
_entity_src_gen.pdbx_beg_seq_num                   1 
_entity_src_gen.pdbx_end_seq_num                   79 
_entity_src_gen.gene_src_common_name               Human 
_entity_src_gen.gene_src_genus                     ? 
_entity_src_gen.pdbx_gene_src_gene                 'YBX1, NSEP1, YB1' 
_entity_src_gen.gene_src_species                   ? 
_entity_src_gen.gene_src_strain                    ? 
_entity_src_gen.gene_src_tissue                    ? 
_entity_src_gen.gene_src_tissue_fraction           ? 
_entity_src_gen.gene_src_details                   ? 
_entity_src_gen.pdbx_gene_src_fragment             ? 
_entity_src_gen.pdbx_gene_src_scientific_name      'Homo sapiens' 
_entity_src_gen.pdbx_gene_src_ncbi_taxonomy_id     9606 
_entity_src_gen.pdbx_gene_src_variant              ? 
_entity_src_gen.pdbx_gene_src_cell_line            ? 
_entity_src_gen.pdbx_gene_src_atcc                 ? 
_entity_src_gen.pdbx_gene_src_organ                ? 
_entity_src_gen.pdbx_gene_src_organelle            ? 
_entity_src_gen.pdbx_gene_src_cell                 ? 
_entity_src_gen.pdbx_gene_src_cellular_location    ? 
_entity_src_gen.host_org_common_name               ? 
_entity_src_gen.pdbx_host_org_scientific_name      'Escherichia coli' 
_entity_src_gen.pdbx_host_org_ncbi_taxonomy_id     562 
_entity_src_gen.host_org_genus                     ? 
_entity_src_gen.pdbx_host_org_gene                 ? 
_entity_src_gen.pdbx_host_org_organ                ? 
_entity_src_gen.host_org_species                   ? 
_entity_src_gen.pdbx_host_org_tissue               ? 
_entity_src_gen.pdbx_host_org_tissue_fraction      ? 
_entity_src_gen.pdbx_host_org_strain               ? 
_entity_src_gen.pdbx_host_org_variant              ? 
_entity_src_gen.pdbx_host_org_cell_line            ? 
_entity_src_gen.pdbx_host_org_atcc                 ? 
_entity_src_gen.pdbx_host_org_culture_collection   ? 
_entity_src_gen.pdbx_host_org_cell                 ? 
_entity_src_gen.pdbx_host_org_organelle            ? 
_entity_src_gen.pdbx_host_org_cellular_location    ? 
_entity_src_gen.pdbx_host_org_vector_type          ? 
_entity_src_gen.pdbx_host_org_vector               ? 
_entity_src_gen.host_org_details                   ? 
_entity_src_gen.expression_system_id               ? 
_entity_src_gen.plasmid_name                       ? 
_entity_src_gen.plasmid_details                    ? 
_entity_src_gen.pdbx_description                   ? 
# 
_pdbx_entity_src_syn.entity_id              2 
_pdbx_entity_src_syn.pdbx_src_id            1 
_pdbx_entity_src_syn.pdbx_alt_source_flag   sample 
_pdbx_entity_src_syn.pdbx_beg_seq_num       1 
_pdbx_entity_src_syn.pdbx_end_seq_num       4 
_pdbx_entity_src_syn.organism_scientific    'Homo sapiens' 
_pdbx_entity_src_syn.organism_common_name   Human 
_pdbx_entity_src_syn.ncbi_taxonomy_id       9606 
_pdbx_entity_src_syn.details                ? 
# 
loop_
_struct_ref.id 
_struct_ref.db_name 
_struct_ref.db_code 
_struct_ref.pdbx_db_accession 
_struct_ref.pdbx_db_isoform 
_struct_ref.entity_id 
_struct_ref.pdbx_seq_one_letter_code 
_struct_ref.pdbx_align_begin 
1 UNP YBOX1_HUMAN P67809 ? 1 KKVIATKVLGTVKWFNVRNGYGFINRNDTKEDVFVHQTAIKKNNPRKYLRSVGDGETVEFDVVEGEKGAEAANVTGPG 52 
2 PDB 6KTC        6KTC   ? 2 ?                                                                              1  
# 
loop_
_struct_ref_seq.align_id 
_struct_ref_seq.ref_id 
_struct_ref_seq.pdbx_PDB_id_code 
_struct_ref_seq.pdbx_strand_id 
_struct_ref_seq.seq_align_beg 
_struct_ref_seq.pdbx_seq_align_beg_ins_code 
_struct_ref_seq.seq_align_end 
_struct_ref_seq.pdbx_seq_align_end_ins_code 
_struct_ref_seq.pdbx_db_accession 
_struct_ref_seq.db_align_beg 
_struct_ref_seq.pdbx_db_align_beg_ins_code 
_struct_ref_seq.db_align_end 
_struct_ref_seq.pdbx_db_align_end_ins_code 
_struct_ref_seq.pdbx_auth_seq_align_beg 
_struct_ref_seq.pdbx_auth_seq_align_end 
1 1 6KTC A 2 ? 79 ? P67809 52 ? 129 ? 2 79 
2 2 6KTC V 1 ? 4  ? 6KTC   9  ? 12  ? 9 12 
# 
_struct_ref_seq_dif.align_id                     1 
_struct_ref_seq_dif.pdbx_pdb_id_code             6KTC 
_struct_ref_seq_dif.mon_id                       SER 
_struct_ref_seq_dif.pdbx_pdb_strand_id           A 
_struct_ref_seq_dif.seq_num                      1 
_struct_ref_seq_dif.pdbx_pdb_ins_code            ? 
_struct_ref_seq_dif.pdbx_seq_db_name             UNP 
_struct_ref_seq_dif.pdbx_seq_db_accession_code   P67809 
_struct_ref_seq_dif.db_mon_id                    ? 
_struct_ref_seq_dif.pdbx_seq_db_seq_num          ? 
_struct_ref_seq_dif.details                      'expression tag' 
_struct_ref_seq_dif.pdbx_auth_seq_num            1 
_struct_ref_seq_dif.pdbx_ordinal                 1 
# 
loop_
_chem_comp.id 
_chem_comp.type 
_chem_comp.mon_nstd_flag 
_chem_comp.name 
_chem_comp.pdbx_synonyms 
_chem_comp.formula 
_chem_comp.formula_weight 
5MC 'RNA linking'       n "5-METHYLCYTIDINE-5'-MONOPHOSPHATE" ? 'C10 H16 N3 O8 P' 337.223 
ALA 'L-peptide linking' y ALANINE                             ? 'C3 H7 N O2'      89.093  
ARG 'L-peptide linking' y ARGININE                            ? 'C6 H15 N4 O2 1'  175.209 
ASN 'L-peptide linking' y ASPARAGINE                          ? 'C4 H8 N2 O3'     132.118 
ASP 'L-peptide linking' y 'ASPARTIC ACID'                     ? 'C4 H7 N O4'      133.103 
C   'RNA linking'       y "CYTIDINE-5'-MONOPHOSPHATE"         ? 'C9 H14 N3 O8 P'  323.197 
G   'RNA linking'       y "GUANOSINE-5'-MONOPHOSPHATE"        ? 'C10 H14 N5 O8 P' 363.221 
GLN 'L-peptide linking' y GLUTAMINE                           ? 'C5 H10 N2 O3'    146.144 
GLU 'L-peptide linking' y 'GLUTAMIC ACID'                     ? 'C5 H9 N O4'      147.129 
GLY 'peptide linking'   y GLYCINE                             ? 'C2 H5 N O2'      75.067  
HIS 'L-peptide linking' y HISTIDINE                           ? 'C6 H10 N3 O2 1'  156.162 
HOH non-polymer         . WATER                               ? 'H2 O'            18.015  
ILE 'L-peptide linking' y ISOLEUCINE                          ? 'C6 H13 N O2'     131.173 
LEU 'L-peptide linking' y LEUCINE                             ? 'C6 H13 N O2'     131.173 
LYS 'L-peptide linking' y LYSINE                              ? 'C6 H15 N2 O2 1'  147.195 
PHE 'L-peptide linking' y PHENYLALANINE                       ? 'C9 H11 N O2'     165.189 
PRO 'L-peptide linking' y PROLINE                             ? 'C5 H9 N O2'      115.130 
SER 'L-peptide linking' y SERINE                              ? 'C3 H7 N O3'      105.093 
THR 'L-peptide linking' y THREONINE                           ? 'C4 H9 N O3'      119.119 
TRP 'L-peptide linking' y TRYPTOPHAN                          ? 'C11 H12 N2 O2'   204.225 
TYR 'L-peptide linking' y TYROSINE                            ? 'C9 H11 N O3'     181.189 
U   'RNA linking'       y "URIDINE-5'-MONOPHOSPHATE"          ? 'C9 H13 N2 O9 P'  324.181 
VAL 'L-peptide linking' y VALINE                              ? 'C5 H11 N O2'     117.146 
# 
_exptl.absorpt_coefficient_mu     ? 
_exptl.absorpt_correction_T_max   ? 
_exptl.absorpt_correction_T_min   ? 
_exptl.absorpt_correction_type    ? 
_exptl.absorpt_process_details    ? 
_exptl.entry_id                   6KTC 
_exptl.crystals_number            1 
_exptl.details                    ? 
_exptl.method                     'X-RAY DIFFRACTION' 
_exptl.method_details             ? 
# 
_exptl_crystal.colour                      ? 
_exptl_crystal.density_diffrn              ? 
_exptl_crystal.density_Matthews            2.21 
_exptl_crystal.density_method              ? 
_exptl_crystal.density_percent_sol         44.37 
_exptl_crystal.description                 ? 
_exptl_crystal.F_000                       ? 
_exptl_crystal.id                          1 
_exptl_crystal.preparation                 ? 
_exptl_crystal.size_max                    ? 
_exptl_crystal.size_mid                    ? 
_exptl_crystal.size_min                    ? 
_exptl_crystal.size_rad                    ? 
_exptl_crystal.colour_lustre               ? 
_exptl_crystal.colour_modifier             ? 
_exptl_crystal.colour_primary              ? 
_exptl_crystal.density_meas                ? 
_exptl_crystal.density_meas_esd            ? 
_exptl_crystal.density_meas_gt             ? 
_exptl_crystal.density_meas_lt             ? 
_exptl_crystal.density_meas_temp           ? 
_exptl_crystal.density_meas_temp_esd       ? 
_exptl_crystal.density_meas_temp_gt        ? 
_exptl_crystal.density_meas_temp_lt        ? 
_exptl_crystal.pdbx_crystal_image_url      ? 
_exptl_crystal.pdbx_crystal_image_format   ? 
_exptl_crystal.pdbx_mosaicity              ? 
_exptl_crystal.pdbx_mosaicity_esd          ? 
# 
_exptl_crystal_grow.apparatus       ? 
_exptl_crystal_grow.atmosphere      ? 
_exptl_crystal_grow.crystal_id      1 
_exptl_crystal_grow.details         ? 
_exptl_crystal_grow.method          'VAPOR DIFFUSION, SITTING DROP' 
_exptl_crystal_grow.method_ref      ? 
_exptl_crystal_grow.pH              ? 
_exptl_crystal_grow.pressure        ? 
_exptl_crystal_grow.pressure_esd    ? 
_exptl_crystal_grow.seeding         ? 
_exptl_crystal_grow.seeding_ref     ? 
_exptl_crystal_grow.temp            297 
_exptl_crystal_grow.temp_details    ? 
_exptl_crystal_grow.temp_esd        ? 
_exptl_crystal_grow.time            ? 
_exptl_crystal_grow.pdbx_details    '2.5 M Ammonium sulfate, 0.1 M Tris pH 8.5.' 
_exptl_crystal_grow.pdbx_pH_range   ? 
# 
_diffrn.ambient_environment              ? 
_diffrn.ambient_temp                     100 
_diffrn.ambient_temp_details             ? 
_diffrn.ambient_temp_esd                 ? 
_diffrn.crystal_id                       1 
_diffrn.crystal_support                  ? 
_diffrn.crystal_treatment                ? 
_diffrn.details                          ? 
_diffrn.id                               1 
_diffrn.ambient_pressure                 ? 
_diffrn.ambient_pressure_esd             ? 
_diffrn.ambient_pressure_gt              ? 
_diffrn.ambient_pressure_lt              ? 
_diffrn.ambient_temp_gt                  ? 
_diffrn.ambient_temp_lt                  ? 
_diffrn.pdbx_serial_crystal_experiment   N 
# 
_diffrn_detector.details                      ? 
_diffrn_detector.detector                     PIXEL 
_diffrn_detector.diffrn_id                    1 
_diffrn_detector.type                         'DECTRIS PILATUS3 6M' 
_diffrn_detector.area_resol_mean              ? 
_diffrn_detector.dtime                        ? 
_diffrn_detector.pdbx_frames_total            ? 
_diffrn_detector.pdbx_collection_time_total   ? 
_diffrn_detector.pdbx_collection_date         2018-06-25 
_diffrn_detector.pdbx_frequency               ? 
# 
_diffrn_radiation.collimation                      ? 
_diffrn_radiation.diffrn_id                        1 
_diffrn_radiation.filter_edge                      ? 
_diffrn_radiation.inhomogeneity                    ? 
_diffrn_radiation.monochromator                    ? 
_diffrn_radiation.polarisn_norm                    ? 
_diffrn_radiation.polarisn_ratio                   ? 
_diffrn_radiation.probe                            ? 
_diffrn_radiation.type                             ? 
_diffrn_radiation.xray_symbol                      ? 
_diffrn_radiation.wavelength_id                    1 
_diffrn_radiation.pdbx_monochromatic_or_laue_m_l   M 
_diffrn_radiation.pdbx_wavelength_list             ? 
_diffrn_radiation.pdbx_wavelength                  ? 
_diffrn_radiation.pdbx_diffrn_protocol             'SINGLE WAVELENGTH' 
_diffrn_radiation.pdbx_analyzer                    ? 
_diffrn_radiation.pdbx_scattering_type             x-ray 
# 
_diffrn_radiation_wavelength.id           1 
_diffrn_radiation_wavelength.wavelength   0.9789 
_diffrn_radiation_wavelength.wt           1.0 
# 
_diffrn_source.current                     ? 
_diffrn_source.details                     ? 
_diffrn_source.diffrn_id                   1 
_diffrn_source.power                       ? 
_diffrn_source.size                        ? 
_diffrn_source.source                      SYNCHROTRON 
_diffrn_source.target                      ? 
_diffrn_source.type                        'SSRF BEAMLINE BL19U1' 
_diffrn_source.voltage                     ? 
_diffrn_source.take-off_angle              ? 
_diffrn_source.pdbx_wavelength_list        0.9789 
_diffrn_source.pdbx_wavelength             ? 
_diffrn_source.pdbx_synchrotron_beamline   BL19U1 
_diffrn_source.pdbx_synchrotron_site       SSRF 
# 
_reflns.B_iso_Wilson_estimate            ? 
_reflns.entry_id                         6KTC 
_reflns.data_reduction_details           ? 
_reflns.data_reduction_method            ? 
_reflns.d_resolution_high                2.0 
_reflns.d_resolution_low                 50.0 
_reflns.details                          ? 
_reflns.limit_h_max                      ? 
_reflns.limit_h_min                      ? 
_reflns.limit_k_max                      ? 
_reflns.limit_k_min                      ? 
_reflns.limit_l_max                      ? 
_reflns.limit_l_min                      ? 
_reflns.number_all                       ? 
_reflns.number_obs                       5075 
_reflns.observed_criterion               ? 
_reflns.observed_criterion_F_max         ? 
_reflns.observed_criterion_F_min         ? 
_reflns.observed_criterion_I_max         ? 
_reflns.observed_criterion_I_min         ? 
_reflns.observed_criterion_sigma_F       ? 
_reflns.observed_criterion_sigma_I       ? 
_reflns.percent_possible_obs             97.8 
_reflns.R_free_details                   ? 
_reflns.Rmerge_F_all                     ? 
_reflns.Rmerge_F_obs                     ? 
_reflns.Friedel_coverage                 ? 
_reflns.number_gt                        ? 
_reflns.threshold_expression             ? 
_reflns.pdbx_redundancy                  13.2 
_reflns.pdbx_Rmerge_I_obs                ? 
_reflns.pdbx_Rmerge_I_all                ? 
_reflns.pdbx_Rsym_value                  0.131 
_reflns.pdbx_netI_over_av_sigmaI         ? 
_reflns.pdbx_netI_over_sigmaI            17.4 
_reflns.pdbx_res_netI_over_av_sigmaI_2   ? 
_reflns.pdbx_res_netI_over_sigmaI_2      ? 
_reflns.pdbx_chi_squared                 ? 
_reflns.pdbx_scaling_rejects             ? 
_reflns.pdbx_d_res_high_opt              ? 
_reflns.pdbx_d_res_low_opt               ? 
_reflns.pdbx_d_res_opt_method            ? 
_reflns.phase_calculation_details        ? 
_reflns.pdbx_Rrim_I_all                  ? 
_reflns.pdbx_Rpim_I_all                  ? 
_reflns.pdbx_d_opt                       ? 
_reflns.pdbx_number_measured_all         ? 
_reflns.pdbx_diffrn_id                   1 
_reflns.pdbx_ordinal                     1 
_reflns.pdbx_CC_half                     ? 
_reflns.pdbx_R_split                     ? 
# 
_reflns_shell.d_res_high                  2.0 
_reflns_shell.d_res_low                   2.03 
_reflns_shell.meanI_over_sigI_all         ? 
_reflns_shell.meanI_over_sigI_obs         4.7 
_reflns_shell.number_measured_all         ? 
_reflns_shell.number_measured_obs         ? 
_reflns_shell.number_possible             ? 
_reflns_shell.number_unique_all           ? 
_reflns_shell.number_unique_obs           265 
_reflns_shell.percent_possible_all        86.9 
_reflns_shell.percent_possible_obs        ? 
_reflns_shell.Rmerge_F_all                ? 
_reflns_shell.Rmerge_F_obs                ? 
_reflns_shell.Rmerge_I_all                ? 
_reflns_shell.Rmerge_I_obs                ? 
_reflns_shell.meanI_over_sigI_gt          ? 
_reflns_shell.meanI_over_uI_all           ? 
_reflns_shell.meanI_over_uI_gt            ? 
_reflns_shell.number_measured_gt          ? 
_reflns_shell.number_unique_gt            ? 
_reflns_shell.percent_possible_gt         ? 
_reflns_shell.Rmerge_F_gt                 ? 
_reflns_shell.Rmerge_I_gt                 ? 
_reflns_shell.pdbx_redundancy             8.9 
_reflns_shell.pdbx_Rsym_value             0.305 
_reflns_shell.pdbx_chi_squared            ? 
_reflns_shell.pdbx_netI_over_sigmaI_all   ? 
_reflns_shell.pdbx_netI_over_sigmaI_obs   ? 
_reflns_shell.pdbx_Rrim_I_all             ? 
_reflns_shell.pdbx_Rpim_I_all             ? 
_reflns_shell.pdbx_rejects                ? 
_reflns_shell.pdbx_ordinal                1 
_reflns_shell.pdbx_diffrn_id              1 
_reflns_shell.pdbx_CC_half                ? 
_reflns_shell.pdbx_R_split                ? 
# 
_refine.aniso_B[1][1]                            ? 
_refine.aniso_B[1][2]                            ? 
_refine.aniso_B[1][3]                            ? 
_refine.aniso_B[2][2]                            ? 
_refine.aniso_B[2][3]                            ? 
_refine.aniso_B[3][3]                            ? 
_refine.B_iso_max                                ? 
_refine.B_iso_mean                               ? 
_refine.B_iso_min                                ? 
_refine.correlation_coeff_Fo_to_Fc               ? 
_refine.correlation_coeff_Fo_to_Fc_free          ? 
_refine.details                                  ? 
_refine.diff_density_max                         ? 
_refine.diff_density_max_esd                     ? 
_refine.diff_density_min                         ? 
_refine.diff_density_min_esd                     ? 
_refine.diff_density_rms                         ? 
_refine.diff_density_rms_esd                     ? 
_refine.entry_id                                 6KTC 
_refine.pdbx_refine_id                           'X-RAY DIFFRACTION' 
_refine.ls_abs_structure_details                 ? 
_refine.ls_abs_structure_Flack                   ? 
_refine.ls_abs_structure_Flack_esd               ? 
_refine.ls_abs_structure_Rogers                  ? 
_refine.ls_abs_structure_Rogers_esd              ? 
_refine.ls_d_res_high                            2.008 
_refine.ls_d_res_low                             33.353 
_refine.ls_extinction_coef                       ? 
_refine.ls_extinction_coef_esd                   ? 
_refine.ls_extinction_expression                 ? 
_refine.ls_extinction_method                     ? 
_refine.ls_goodness_of_fit_all                   ? 
_refine.ls_goodness_of_fit_all_esd               ? 
_refine.ls_goodness_of_fit_obs                   ? 
_refine.ls_goodness_of_fit_obs_esd               ? 
_refine.ls_hydrogen_treatment                    ? 
_refine.ls_matrix_type                           ? 
_refine.ls_number_constraints                    ? 
_refine.ls_number_parameters                     ? 
_refine.ls_number_reflns_all                     ? 
_refine.ls_number_reflns_obs                     5075 
_refine.ls_number_reflns_R_free                  222 
_refine.ls_number_reflns_R_work                  ? 
_refine.ls_number_restraints                     ? 
_refine.ls_percent_reflns_obs                    85.50 
_refine.ls_percent_reflns_R_free                 4.37 
_refine.ls_R_factor_all                          ? 
_refine.ls_R_factor_obs                          0.2388 
_refine.ls_R_factor_R_free                       0.2740 
_refine.ls_R_factor_R_free_error                 ? 
_refine.ls_R_factor_R_free_error_details         ? 
_refine.ls_R_factor_R_work                       0.2371 
_refine.ls_R_Fsqd_factor_obs                     ? 
_refine.ls_R_I_factor_obs                        ? 
_refine.ls_redundancy_reflns_all                 ? 
_refine.ls_redundancy_reflns_obs                 ? 
_refine.ls_restrained_S_all                      ? 
_refine.ls_restrained_S_obs                      ? 
_refine.ls_shift_over_esd_max                    ? 
_refine.ls_shift_over_esd_mean                   ? 
_refine.ls_structure_factor_coef                 ? 
_refine.ls_weighting_details                     ? 
_refine.ls_weighting_scheme                      ? 
_refine.ls_wR_factor_all                         ? 
_refine.ls_wR_factor_obs                         ? 
_refine.ls_wR_factor_R_free                      ? 
_refine.ls_wR_factor_R_work                      ? 
_refine.occupancy_max                            ? 
_refine.occupancy_min                            ? 
_refine.solvent_model_details                    ? 
_refine.solvent_model_param_bsol                 ? 
_refine.solvent_model_param_ksol                 ? 
_refine.ls_R_factor_gt                           ? 
_refine.ls_goodness_of_fit_gt                    ? 
_refine.ls_goodness_of_fit_ref                   ? 
_refine.ls_shift_over_su_max                     ? 
_refine.ls_shift_over_su_max_lt                  ? 
_refine.ls_shift_over_su_mean                    ? 
_refine.ls_shift_over_su_mean_lt                 ? 
_refine.pdbx_ls_sigma_I                          ? 
_refine.pdbx_ls_sigma_F                          1.39 
_refine.pdbx_ls_sigma_Fsqd                       ? 
_refine.pdbx_data_cutoff_high_absF               ? 
_refine.pdbx_data_cutoff_high_rms_absF           ? 
_refine.pdbx_data_cutoff_low_absF                ? 
_refine.pdbx_isotropic_thermal_model             ? 
_refine.pdbx_ls_cross_valid_method               'FREE R-VALUE' 
_refine.pdbx_method_to_determine_struct          'MOLECULAR REPLACEMENT' 
_refine.pdbx_starting_model                      3I2Z 
_refine.pdbx_stereochemistry_target_values       ? 
_refine.pdbx_R_Free_selection_details            ? 
_refine.pdbx_stereochem_target_val_spec_case     ? 
_refine.pdbx_overall_ESU_R                       ? 
_refine.pdbx_overall_ESU_R_Free                  ? 
_refine.pdbx_solvent_vdw_probe_radii             1.11 
_refine.pdbx_solvent_ion_probe_radii             ? 
_refine.pdbx_solvent_shrinkage_radii             0.90 
_refine.pdbx_real_space_R                        ? 
_refine.pdbx_density_correlation                 ? 
_refine.pdbx_pd_number_of_powder_patterns        ? 
_refine.pdbx_pd_number_of_points                 ? 
_refine.pdbx_pd_meas_number_of_points            ? 
_refine.pdbx_pd_proc_ls_prof_R_factor            ? 
_refine.pdbx_pd_proc_ls_prof_wR_factor           ? 
_refine.pdbx_pd_Marquardt_correlation_coeff      ? 
_refine.pdbx_pd_Fsqrd_R_factor                   ? 
_refine.pdbx_pd_ls_matrix_band_width             ? 
_refine.pdbx_overall_phase_error                 31.62 
_refine.pdbx_overall_SU_R_free_Cruickshank_DPI   ? 
_refine.pdbx_overall_SU_R_free_Blow_DPI          ? 
_refine.pdbx_overall_SU_R_Blow_DPI               ? 
_refine.pdbx_TLS_residual_ADP_flag               ? 
_refine.pdbx_diffrn_id                           1 
_refine.overall_SU_B                             ? 
_refine.overall_SU_ML                            0.26 
_refine.overall_SU_R_Cruickshank_DPI             ? 
_refine.overall_SU_R_free                        ? 
_refine.overall_FOM_free_R_set                   ? 
_refine.overall_FOM_work_R_set                   ? 
_refine.pdbx_average_fsc_overall                 ? 
_refine.pdbx_average_fsc_work                    ? 
_refine.pdbx_average_fsc_free                    ? 
# 
_refine_hist.pdbx_refine_id                   'X-RAY DIFFRACTION' 
_refine_hist.cycle_id                         LAST 
_refine_hist.pdbx_number_atoms_protein        569 
_refine_hist.pdbx_number_atoms_nucleic_acid   84 
_refine_hist.pdbx_number_atoms_ligand         0 
_refine_hist.number_atoms_solvent             30 
_refine_hist.number_atoms_total               683 
_refine_hist.d_res_high                       2.008 
_refine_hist.d_res_low                        33.353 
# 
loop_
_refine_ls_restr.pdbx_refine_id 
_refine_ls_restr.criterion 
_refine_ls_restr.dev_ideal 
_refine_ls_restr.dev_ideal_target 
_refine_ls_restr.number 
_refine_ls_restr.rejects 
_refine_ls_restr.type 
_refine_ls_restr.weight 
_refine_ls_restr.pdbx_restraint_function 
'X-RAY DIFFRACTION' ? 0.003  ? 668 ? f_bond_d           ? ? 
'X-RAY DIFFRACTION' ? 0.647  ? 915 ? f_angle_d          ? ? 
'X-RAY DIFFRACTION' ? 15.754 ? 245 ? f_dihedral_angle_d ? ? 
'X-RAY DIFFRACTION' ? 0.022  ? 106 ? f_chiral_restr     ? ? 
'X-RAY DIFFRACTION' ? 0.002  ? 105 ? f_plane_restr      ? ? 
# 
loop_
_refine_ls_shell.pdbx_refine_id 
_refine_ls_shell.d_res_high 
_refine_ls_shell.d_res_low 
_refine_ls_shell.number_reflns_all 
_refine_ls_shell.number_reflns_obs 
_refine_ls_shell.number_reflns_R_free 
_refine_ls_shell.number_reflns_R_work 
_refine_ls_shell.percent_reflns_obs 
_refine_ls_shell.percent_reflns_R_free 
_refine_ls_shell.R_factor_all 
_refine_ls_shell.R_factor_obs 
_refine_ls_shell.R_factor_R_free 
_refine_ls_shell.R_factor_R_free_error 
_refine_ls_shell.R_factor_R_work 
_refine_ls_shell.redundancy_reflns_all 
_refine_ls_shell.redundancy_reflns_obs 
_refine_ls_shell.wR_factor_all 
_refine_ls_shell.wR_factor_obs 
_refine_ls_shell.wR_factor_R_free 
_refine_ls_shell.wR_factor_R_work 
_refine_ls_shell.pdbx_total_number_of_bins_used 
_refine_ls_shell.pdbx_phase_error 
_refine_ls_shell.pdbx_fsc_work 
_refine_ls_shell.pdbx_fsc_free 
'X-RAY DIFFRACTION' 2.0079 2.5296  . . 86  2038 73.00 . . . 0.3369 . 0.2567 . . . . . . . . . . 
'X-RAY DIFFRACTION' 2.5296 33.3576 . . 136 2815 98.00 . . . 0.2599 . 0.2311 . . . . . . . . . . 
# 
_struct.entry_id                     6KTC 
_struct.title                        'Crystal structure of YBX1 CSD with m5C RNA' 
_struct.pdbx_model_details           ? 
_struct.pdbx_formula_weight          ? 
_struct.pdbx_formula_weight_method   ? 
_struct.pdbx_model_type_details      ? 
_struct.pdbx_CASP_flag               N 
# 
_struct_keywords.entry_id        6KTC 
_struct_keywords.text            'm5C, CSD, RNA BINDING PROTEIN-RNA complex' 
_struct_keywords.pdbx_keywords   'RNA BINDING PROTEIN/RNA' 
# 
loop_
_struct_asym.id 
_struct_asym.pdbx_blank_PDB_chainid_flag 
_struct_asym.pdbx_modified 
_struct_asym.entity_id 
_struct_asym.details 
A N N 1 ? 
B N N 2 ? 
C N N 3 ? 
D N N 3 ? 
# 
_struct_conf.conf_type_id            HELX_P 
_struct_conf.id                      HELX_P1 
_struct_conf.pdbx_PDB_helix_id       AA1 
_struct_conf.beg_label_comp_id       THR 
_struct_conf.beg_label_asym_id       A 
_struct_conf.beg_label_seq_id        39 
_struct_conf.pdbx_beg_PDB_ins_code   ? 
_struct_conf.end_label_comp_id       ILE 
_struct_conf.end_label_asym_id       A 
_struct_conf.end_label_seq_id        41 
_struct_conf.pdbx_end_PDB_ins_code   ? 
_struct_conf.beg_auth_comp_id        THR 
_struct_conf.beg_auth_asym_id        A 
_struct_conf.beg_auth_seq_id         39 
_struct_conf.end_auth_comp_id        ILE 
_struct_conf.end_auth_asym_id        A 
_struct_conf.end_auth_seq_id         41 
_struct_conf.pdbx_PDB_helix_class    5 
_struct_conf.details                 ? 
_struct_conf.pdbx_PDB_helix_length   3 
# 
_struct_conf_type.id          HELX_P 
_struct_conf_type.criteria    ? 
_struct_conf_type.reference   ? 
# 
loop_
_struct_conn.id 
_struct_conn.conn_type_id 
_struct_conn.pdbx_leaving_atom_flag 
_struct_conn.pdbx_PDB_id 
_struct_conn.ptnr1_label_asym_id 
_struct_conn.ptnr1_label_comp_id 
_struct_conn.ptnr1_label_seq_id 
_struct_conn.ptnr1_label_atom_id 
_struct_conn.pdbx_ptnr1_label_alt_id 
_struct_conn.pdbx_ptnr1_PDB_ins_code 
_struct_conn.pdbx_ptnr1_standard_comp_id 
_struct_conn.ptnr1_symmetry 
_struct_conn.ptnr2_label_asym_id 
_struct_conn.ptnr2_label_comp_id 
_struct_conn.ptnr2_label_seq_id 
_struct_conn.ptnr2_label_atom_id 
_struct_conn.pdbx_ptnr2_label_alt_id 
_struct_conn.pdbx_ptnr2_PDB_ins_code 
_struct_conn.ptnr1_auth_asym_id 
_struct_conn.ptnr1_auth_comp_id 
_struct_conn.ptnr1_auth_seq_id 
_struct_conn.ptnr2_auth_asym_id 
_struct_conn.ptnr2_auth_comp_id 
_struct_conn.ptnr2_auth_seq_id 
_struct_conn.ptnr2_symmetry 
_struct_conn.pdbx_ptnr3_label_atom_id 
_struct_conn.pdbx_ptnr3_label_seq_id 
_struct_conn.pdbx_ptnr3_label_comp_id 
_struct_conn.pdbx_ptnr3_label_asym_id 
_struct_conn.pdbx_ptnr3_label_alt_id 
_struct_conn.pdbx_ptnr3_PDB_ins_code 
_struct_conn.details 
_struct_conn.pdbx_dist_value 
_struct_conn.pdbx_value_order 
_struct_conn.pdbx_role 
covale1 covale both ? B G   1 "O3'" ? ? ? 1_555 B 5MC 2 P ? ? V G   9  V 5MC 10 1_555 ? ? ? ? ? ? ? 1.606 ? ? 
covale2 covale both ? B 5MC 2 "O3'" ? ? ? 1_555 B C   3 P ? ? V 5MC 10 V C   11 1_555 ? ? ? ? ? ? ? 1.606 ? ? 
# 
_struct_conn_type.id          covale 
_struct_conn_type.criteria    ? 
_struct_conn_type.reference   ? 
# 
_struct_sheet.id               AA1 
_struct_sheet.type             ? 
_struct_sheet.number_strands   6 
_struct_sheet.details          ? 
# 
loop_
_struct_sheet_order.sheet_id 
_struct_sheet_order.range_id_1 
_struct_sheet_order.range_id_2 
_struct_sheet_order.offset 
_struct_sheet_order.sense 
AA1 1 2 ? anti-parallel 
AA1 2 3 ? anti-parallel 
AA1 3 4 ? parallel      
AA1 4 5 ? anti-parallel 
AA1 5 6 ? anti-parallel 
# 
loop_
_struct_sheet_range.sheet_id 
_struct_sheet_range.id 
_struct_sheet_range.beg_label_comp_id 
_struct_sheet_range.beg_label_asym_id 
_struct_sheet_range.beg_label_seq_id 
_struct_sheet_range.pdbx_beg_PDB_ins_code 
_struct_sheet_range.end_label_comp_id 
_struct_sheet_range.end_label_asym_id 
_struct_sheet_range.end_label_seq_id 
_struct_sheet_range.pdbx_end_PDB_ins_code 
_struct_sheet_range.beg_auth_comp_id 
_struct_sheet_range.beg_auth_asym_id 
_struct_sheet_range.beg_auth_seq_id 
_struct_sheet_range.end_auth_comp_id 
_struct_sheet_range.end_auth_asym_id 
_struct_sheet_range.end_auth_seq_id 
AA1 1 VAL A 4  ? ASN A 17 ? VAL A 4  ASN A 17 
AA1 2 TYR A 22 ? ARG A 27 ? TYR A 22 ARG A 27 
AA1 3 ASP A 33 ? HIS A 37 ? ASP A 33 HIS A 37 
AA1 4 GLY A 69 ? THR A 76 ? GLY A 69 THR A 76 
AA1 5 THR A 58 ? GLY A 66 ? THR A 58 GLY A 66 
AA1 6 VAL A 4  ? ASN A 17 ? VAL A 4  ASN A 17 
# 
loop_
_pdbx_struct_sheet_hbond.sheet_id 
_pdbx_struct_sheet_hbond.range_id_1 
_pdbx_struct_sheet_hbond.range_id_2 
_pdbx_struct_sheet_hbond.range_1_label_atom_id 
_pdbx_struct_sheet_hbond.range_1_label_comp_id 
_pdbx_struct_sheet_hbond.range_1_label_asym_id 
_pdbx_struct_sheet_hbond.range_1_label_seq_id 
_pdbx_struct_sheet_hbond.range_1_PDB_ins_code 
_pdbx_struct_sheet_hbond.range_1_auth_atom_id 
_pdbx_struct_sheet_hbond.range_1_auth_comp_id 
_pdbx_struct_sheet_hbond.range_1_auth_asym_id 
_pdbx_struct_sheet_hbond.range_1_auth_seq_id 
_pdbx_struct_sheet_hbond.range_2_label_atom_id 
_pdbx_struct_sheet_hbond.range_2_label_comp_id 
_pdbx_struct_sheet_hbond.range_2_label_asym_id 
_pdbx_struct_sheet_hbond.range_2_label_seq_id 
_pdbx_struct_sheet_hbond.range_2_PDB_ins_code 
_pdbx_struct_sheet_hbond.range_2_auth_atom_id 
_pdbx_struct_sheet_hbond.range_2_auth_comp_id 
_pdbx_struct_sheet_hbond.range_2_auth_asym_id 
_pdbx_struct_sheet_hbond.range_2_auth_seq_id 
AA1 1 2 N THR A 12 ? N THR A 12 O ASN A 26 ? O ASN A 26 
AA1 2 3 N ILE A 25 ? N ILE A 25 O VAL A 34 ? O VAL A 34 
AA1 3 4 N PHE A 35 ? N PHE A 35 O ALA A 72 ? O ALA A 72 
AA1 4 5 O THR A 76 ? O THR A 76 N GLU A 60 ? N GLU A 60 
AA1 5 6 O VAL A 63 ? O VAL A 63 N ILE A 5  ? N ILE A 5  
# 
_atom_sites.entry_id                    6KTC 
_atom_sites.Cartn_transf_matrix[1][1]   ? 
_atom_sites.Cartn_transf_matrix[1][2]   ? 
_atom_sites.Cartn_transf_matrix[1][3]   ? 
_atom_sites.Cartn_transf_matrix[2][1]   ? 
_atom_sites.Cartn_transf_matrix[2][2]   ? 
_atom_sites.Cartn_transf_matrix[2][3]   ? 
_atom_sites.Cartn_transf_matrix[3][1]   ? 
_atom_sites.Cartn_transf_matrix[3][2]   ? 
_atom_sites.Cartn_transf_matrix[3][3]   ? 
_atom_sites.Cartn_transf_vector[1]      ? 
_atom_sites.Cartn_transf_vector[2]      ? 
_atom_sites.Cartn_transf_vector[3]      ? 
_atom_sites.fract_transf_matrix[1][1]   0.01366202 
_atom_sites.fract_transf_matrix[1][2]   -0.00239415 
_atom_sites.fract_transf_matrix[1][3]   -0.01035646 
_atom_sites.fract_transf_matrix[2][1]   0.00187463 
_atom_sites.fract_transf_matrix[2][2]   0.00967614 
_atom_sites.fract_transf_matrix[2][3]   -0.01423005 
_atom_sites.fract_transf_matrix[3][1]   0.01511984 
_atom_sites.fract_transf_matrix[3][2]   0.01970459 
_atom_sites.fract_transf_matrix[3][3]   0.01539057 
_atom_sites.fract_transf_vector[1]      0.279683 
_atom_sites.fract_transf_vector[2]      0.426715 
_atom_sites.fract_transf_vector[3]      0.215030 
_atom_sites.solution_primary            ? 
_atom_sites.solution_secondary          ? 
_atom_sites.solution_hydrogens          ? 
_atom_sites.special_details             ? 
# 
loop_
_atom_type.symbol 
C 
N 
O 
P 
# 
loop_
_atom_site.group_PDB 
_atom_site.id 
_atom_site.type_symbol 
_atom_site.label_atom_id 
_atom_site.label_alt_id 
_atom_site.label_comp_id 
_atom_site.label_asym_id 
_atom_site.label_entity_id 
_atom_site.label_seq_id 
_atom_site.pdbx_PDB_ins_code 
_atom_site.Cartn_x 
_atom_site.Cartn_y 
_atom_site.Cartn_z 
_atom_site.occupancy 
_atom_site.B_iso_or_equiv 
_atom_site.pdbx_formal_charge 
_atom_site.auth_seq_id 
_atom_site.auth_comp_id 
_atom_site.auth_asym_id 
_atom_site.auth_atom_id 
_atom_site.pdbx_PDB_model_num 
ATOM   1   N N     . LYS A 1 2  ? -10.468 -4.143  11.794  1.00 56.50 ? 2   LYS A N     1 
ATOM   2   C CA    . LYS A 1 2  ? -9.726  -2.951  11.397  1.00 54.19 ? 2   LYS A CA    1 
ATOM   3   C C     . LYS A 1 2  ? -10.626 -1.998  10.618  1.00 52.99 ? 2   LYS A C     1 
ATOM   4   O O     . LYS A 1 2  ? -11.302 -2.394  9.666   1.00 52.51 ? 2   LYS A O     1 
ATOM   5   C CB    . LYS A 1 2  ? -8.517  -3.324  10.553  1.00 52.11 ? 2   LYS A CB    1 
ATOM   6   C CG    . LYS A 1 2  ? -8.030  -4.749  10.766  1.00 53.98 ? 2   LYS A CG    1 
ATOM   7   C CD    . LYS A 1 2  ? -6.763  -5.008  9.970   1.00 52.26 ? 2   LYS A CD    1 
ATOM   8   C CE    . LYS A 1 2  ? -6.511  -6.495  9.814   1.00 54.63 ? 2   LYS A CE    1 
ATOM   9   N NZ    . LYS A 1 2  ? -5.253  -6.770  9.071   1.00 53.26 ? 2   LYS A NZ    1 
ATOM   10  N N     . LYS A 1 3  ? -10.628 -0.739  11.031  1.00 46.97 ? 3   LYS A N     1 
ATOM   11  C CA    . LYS A 1 3  ? -11.485 0.272   10.434  1.00 46.11 ? 3   LYS A CA    1 
ATOM   12  C C     . LYS A 1 3  ? -10.886 0.862   9.163   1.00 43.85 ? 3   LYS A C     1 
ATOM   13  O O     . LYS A 1 3  ? -9.700  1.187   9.111   1.00 34.09 ? 3   LYS A O     1 
ATOM   14  C CB    . LYS A 1 3  ? -11.762 1.381   11.453  1.00 45.96 ? 3   LYS A CB    1 
ATOM   15  C CG    . LYS A 1 3  ? -12.193 0.887   12.824  1.00 47.92 ? 3   LYS A CG    1 
ATOM   16  C CD    . LYS A 1 3  ? -13.172 1.869   13.440  1.00 48.11 ? 3   LYS A CD    1 
ATOM   17  C CE    . LYS A 1 3  ? -13.752 1.393   14.758  1.00 50.83 ? 3   LYS A CE    1 
ATOM   18  N NZ    . LYS A 1 3  ? -13.339 2.303   15.861  1.00 51.24 ? 3   LYS A NZ    1 
ATOM   19  N N     . VAL A 1 4  ? -11.713 0.985   8.133   1.00 35.29 ? 4   VAL A N     1 
ATOM   20  C CA    . VAL A 1 4  ? -11.306 1.665   6.915   1.00 33.10 ? 4   VAL A CA    1 
ATOM   21  C C     . VAL A 1 4  ? -11.248 3.161   7.202   1.00 32.45 ? 4   VAL A C     1 
ATOM   22  O O     . VAL A 1 4  ? -12.187 3.726   7.756   1.00 33.72 ? 4   VAL A O     1 
ATOM   23  C CB    . VAL A 1 4  ? -12.274 1.376   5.748   1.00 39.76 ? 4   VAL A CB    1 
ATOM   24  C CG1   . VAL A 1 4  ? -11.784 2.029   4.468   1.00 31.31 ? 4   VAL A CG1   1 
ATOM   25  C CG2   . VAL A 1 4  ? -12.430 -0.127  5.553   1.00 40.81 ? 4   VAL A CG2   1 
ATOM   26  N N     . ILE A 1 5  ? -10.133 3.797   6.861   1.00 30.68 ? 5   ILE A N     1 
ATOM   27  C CA    . ILE A 1 5  ? -9.994  5.233   7.073   1.00 34.45 ? 5   ILE A CA    1 
ATOM   28  C C     . ILE A 1 5  ? -10.324 5.983   5.790   1.00 34.24 ? 5   ILE A C     1 
ATOM   29  O O     . ILE A 1 5  ? -11.070 6.963   5.801   1.00 35.14 ? 5   ILE A O     1 
ATOM   30  C CB    . ILE A 1 5  ? -8.577  5.613   7.543   1.00 32.95 ? 5   ILE A CB    1 
ATOM   31  C CG1   . ILE A 1 5  ? -8.280  4.977   8.902   1.00 33.38 ? 5   ILE A CG1   1 
ATOM   32  C CG2   . ILE A 1 5  ? -8.430  7.123   7.619   1.00 33.03 ? 5   ILE A CG2   1 
ATOM   33  C CD1   . ILE A 1 5  ? -9.296  5.322   9.966   1.00 34.86 ? 5   ILE A CD1   1 
ATOM   34  N N     . ALA A 1 6  ? -9.765  5.504   4.685   1.00 27.98 ? 6   ALA A N     1 
ATOM   35  C CA    . ALA A 1 6  ? -10.010 6.096   3.380   1.00 27.24 ? 6   ALA A CA    1 
ATOM   36  C C     . ALA A 1 6  ? -10.082 5.008   2.317   1.00 26.93 ? 6   ALA A C     1 
ATOM   37  O O     . ALA A 1 6  ? -9.593  3.896   2.521   1.00 28.51 ? 6   ALA A O     1 
ATOM   38  C CB    . ALA A 1 6  ? -8.927  7.108   3.042   1.00 25.98 ? 6   ALA A CB    1 
ATOM   39  N N     . THR A 1 7  ? -10.696 5.328   1.184   1.00 28.10 ? 7   THR A N     1 
ATOM   40  C CA    . THR A 1 7  ? -10.847 4.360   0.104   1.00 27.43 ? 7   THR A CA    1 
ATOM   41  C C     . THR A 1 7  ? -10.451 4.962   -1.243  1.00 26.52 ? 7   THR A C     1 
ATOM   42  O O     . THR A 1 7  ? -10.522 6.178   -1.433  1.00 26.07 ? 7   THR A O     1 
ATOM   43  C CB    . THR A 1 7  ? -12.296 3.825   0.029   1.00 29.91 ? 7   THR A CB    1 
ATOM   44  O OG1   . THR A 1 7  ? -12.329 2.626   -0.756  1.00 31.27 ? 7   THR A OG1   1 
ATOM   45  C CG2   . THR A 1 7  ? -13.235 4.864   -0.572  1.00 29.73 ? 7   THR A CG2   1 
ATOM   46  N N     . LYS A 1 8  ? -10.026 4.097   -2.162  1.00 27.35 ? 8   LYS A N     1 
ATOM   47  C CA    . LYS A 1 8  ? -9.598  4.496   -3.505  1.00 27.11 ? 8   LYS A CA    1 
ATOM   48  C C     . LYS A 1 8  ? -8.536  5.595   -3.484  1.00 25.58 ? 8   LYS A C     1 
ATOM   49  O O     . LYS A 1 8  ? -8.577  6.532   -4.280  1.00 25.91 ? 8   LYS A O     1 
ATOM   50  C CB    . LYS A 1 8  ? -10.805 4.944   -4.340  1.00 29.20 ? 8   LYS A CB    1 
ATOM   51  C CG    . LYS A 1 8  ? -12.041 4.076   -4.158  1.00 31.43 ? 8   LYS A CG    1 
ATOM   52  C CD    . LYS A 1 8  ? -13.151 4.482   -5.115  1.00 33.94 ? 8   LYS A CD    1 
ATOM   53  C CE    . LYS A 1 8  ? -14.380 3.603   -4.940  1.00 36.99 ? 8   LYS A CE    1 
ATOM   54  N NZ    . LYS A 1 8  ? -14.257 2.313   -5.671  1.00 38.05 ? 8   LYS A NZ    1 
ATOM   55  N N     . VAL A 1 9  ? -7.588  5.464   -2.562  1.00 23.93 ? 9   VAL A N     1 
ATOM   56  C CA    . VAL A 1 9  ? -6.473  6.394   -2.448  1.00 23.12 ? 9   VAL A CA    1 
ATOM   57  C C     . VAL A 1 9  ? -5.368  6.035   -3.436  1.00 22.51 ? 9   VAL A C     1 
ATOM   58  O O     . VAL A 1 9  ? -4.998  4.868   -3.564  1.00 22.06 ? 9   VAL A O     1 
ATOM   59  C CB    . VAL A 1 9  ? -5.890  6.400   -1.018  1.00 22.95 ? 9   VAL A CB    1 
ATOM   60  C CG1   . VAL A 1 9  ? -4.770  7.423   -0.897  1.00 22.83 ? 9   VAL A CG1   1 
ATOM   61  C CG2   . VAL A 1 9  ? -6.980  6.676   -0.002  1.00 24.00 ? 9   VAL A CG2   1 
ATOM   62  N N     . LEU A 1 10 ? -4.849  7.038   -4.135  1.00 20.86 ? 10  LEU A N     1 
ATOM   63  C CA    . LEU A 1 10 ? -3.731  6.835   -5.048  1.00 19.84 ? 10  LEU A CA    1 
ATOM   64  C C     . LEU A 1 10 ? -2.409  7.149   -4.354  1.00 19.16 ? 10  LEU A C     1 
ATOM   65  O O     . LEU A 1 10 ? -2.337  8.057   -3.526  1.00 19.70 ? 10  LEU A O     1 
ATOM   66  C CB    . LEU A 1 10 ? -3.890  7.699   -6.300  1.00 21.25 ? 10  LEU A CB    1 
ATOM   67  C CG    . LEU A 1 10 ? -5.023  7.311   -7.251  1.00 22.27 ? 10  LEU A CG    1 
ATOM   68  C CD1   . LEU A 1 10 ? -5.211  8.372   -8.326  1.00 22.87 ? 10  LEU A CD1   1 
ATOM   69  C CD2   . LEU A 1 10 ? -4.749  5.952   -7.876  1.00 22.79 ? 10  LEU A CD2   1 
ATOM   70  N N     . GLY A 1 11 ? -1.367  6.395   -4.689  1.00 22.21 ? 11  GLY A N     1 
ATOM   71  C CA    . GLY A 1 11 ? -0.061  6.619   -4.096  1.00 17.90 ? 11  GLY A CA    1 
ATOM   72  C C     . GLY A 1 11 ? 1.079   6.061   -4.924  1.00 16.92 ? 11  GLY A C     1 
ATOM   73  O O     . GLY A 1 11 ? 0.858   5.299   -5.859  1.00 17.40 ? 11  GLY A O     1 
ATOM   74  N N     . THR A 1 12 ? 2.307   6.443   -4.584  1.00 19.40 ? 12  THR A N     1 
ATOM   75  C CA    . THR A 1 12 ? 3.478   5.920   -5.278  1.00 18.70 ? 12  THR A CA    1 
ATOM   76  C C     . THR A 1 12 ? 4.341   5.077   -4.345  1.00 19.08 ? 12  THR A C     1 
ATOM   77  O O     . THR A 1 12 ? 4.728   5.530   -3.268  1.00 19.59 ? 12  THR A O     1 
ATOM   78  C CB    . THR A 1 12 ? 4.346   7.045   -5.872  1.00 19.16 ? 12  THR A CB    1 
ATOM   79  O OG1   . THR A 1 12 ? 4.845   7.877   -4.817  1.00 21.19 ? 12  THR A OG1   1 
ATOM   80  C CG2   . THR A 1 12 ? 3.539   7.889   -6.845  1.00 18.89 ? 12  THR A CG2   1 
ATOM   81  N N     . VAL A 1 13 ? 4.639   3.853   -4.765  1.00 18.29 ? 13  VAL A N     1 
ATOM   82  C CA    . VAL A 1 13 ? 5.479   2.954   -3.983  1.00 20.12 ? 13  VAL A CA    1 
ATOM   83  C C     . VAL A 1 13 ? 6.879   3.525   -3.796  1.00 21.96 ? 13  VAL A C     1 
ATOM   84  O O     . VAL A 1 13 ? 7.632   3.669   -4.759  1.00 22.25 ? 13  VAL A O     1 
ATOM   85  C CB    . VAL A 1 13 ? 5.590   1.571   -4.648  1.00 19.61 ? 13  VAL A CB    1 
ATOM   86  C CG1   . VAL A 1 13 ? 6.383   0.621   -3.763  1.00 12.86 ? 13  VAL A CG1   1 
ATOM   87  C CG2   . VAL A 1 13 ? 4.210   1.011   -4.949  1.00 20.09 ? 13  VAL A CG2   1 
ATOM   88  N N     . LYS A 1 14 ? 7.225   3.853   -2.554  1.00 20.59 ? 14  LYS A N     1 
ATOM   89  C CA    . LYS A 1 14 ? 8.553   4.380   -2.264  1.00 21.36 ? 14  LYS A CA    1 
ATOM   90  C C     . LYS A 1 14 ? 9.574   3.250   -2.378  1.00 20.29 ? 14  LYS A C     1 
ATOM   91  O O     . LYS A 1 14 ? 10.574  3.373   -3.085  1.00 20.11 ? 14  LYS A O     1 
ATOM   92  C CB    . LYS A 1 14 ? 8.604   5.016   -0.876  1.00 24.22 ? 14  LYS A CB    1 
ATOM   93  C CG    . LYS A 1 14 ? 9.893   5.778   -0.598  1.00 26.57 ? 14  LYS A CG    1 
ATOM   94  C CD    . LYS A 1 14 ? 9.967   6.298   0.829   1.00 29.17 ? 14  LYS A CD    1 
ATOM   95  C CE    . LYS A 1 14 ? 11.151  7.241   0.997   1.00 30.83 ? 14  LYS A CE    1 
ATOM   96  N NZ    . LYS A 1 14 ? 11.376  7.617   2.418   1.00 33.23 ? 14  LYS A NZ    1 
ATOM   97  N N     . TRP A 1 15 ? 9.304   2.149   -1.680  1.00 26.29 ? 15  TRP A N     1 
ATOM   98  C CA    . TRP A 1 15 ? 10.069  0.916   -1.839  1.00 24.38 ? 15  TRP A CA    1 
ATOM   99  C C     . TRP A 1 15 ? 9.309   -0.273  -1.265  1.00 22.95 ? 15  TRP A C     1 
ATOM   100 O O     . TRP A 1 15 ? 8.503   -0.122  -0.349  1.00 23.74 ? 15  TRP A O     1 
ATOM   101 C CB    . TRP A 1 15 ? 11.445  1.024   -1.174  1.00 24.64 ? 15  TRP A CB    1 
ATOM   102 C CG    . TRP A 1 15 ? 11.423  1.239   0.312   1.00 25.88 ? 15  TRP A CG    1 
ATOM   103 C CD1   . TRP A 1 15 ? 11.448  2.436   0.967   1.00 26.90 ? 15  TRP A CD1   1 
ATOM   104 C CD2   . TRP A 1 15 ? 11.396  0.230   1.328   1.00 26.48 ? 15  TRP A CD2   1 
ATOM   105 N NE1   . TRP A 1 15 ? 11.430  2.236   2.325   1.00 28.48 ? 15  TRP A NE1   1 
ATOM   106 C CE2   . TRP A 1 15 ? 11.397  0.885   2.575   1.00 28.49 ? 15  TRP A CE2   1 
ATOM   107 C CE3   . TRP A 1 15 ? 11.364  -1.171  1.307   1.00 25.99 ? 15  TRP A CE3   1 
ATOM   108 C CZ2   . TRP A 1 15 ? 11.369  0.199   3.787   1.00 30.45 ? 15  TRP A CZ2   1 
ATOM   109 C CZ3   . TRP A 1 15 ? 11.338  -1.853  2.511   1.00 27.87 ? 15  TRP A CZ3   1 
ATOM   110 C CH2   . TRP A 1 15 ? 11.339  -1.168  3.732   1.00 30.00 ? 15  TRP A CH2   1 
ATOM   111 N N     . PHE A 1 16 ? 9.574   -1.451  -1.818  1.00 20.77 ? 16  PHE A N     1 
ATOM   112 C CA    . PHE A 1 16 ? 8.985   -2.695  -1.333  1.00 20.62 ? 16  PHE A CA    1 
ATOM   113 C C     . PHE A 1 16 ? 10.027  -3.806  -1.365  1.00 20.68 ? 16  PHE A C     1 
ATOM   114 O O     . PHE A 1 16 ? 10.547  -4.151  -2.427  1.00 20.59 ? 16  PHE A O     1 
ATOM   115 C CB    . PHE A 1 16 ? 7.760   -3.084  -2.168  1.00 19.09 ? 16  PHE A CB    1 
ATOM   116 C CG    . PHE A 1 16 ? 7.102   -4.363  -1.724  1.00 19.81 ? 16  PHE A CG    1 
ATOM   117 C CD1   . PHE A 1 16 ? 7.434   -5.573  -2.314  1.00 19.71 ? 16  PHE A CD1   1 
ATOM   118 C CD2   . PHE A 1 16 ? 6.150   -4.353  -0.718  1.00 21.15 ? 16  PHE A CD2   1 
ATOM   119 C CE1   . PHE A 1 16 ? 6.829   -6.749  -1.906  1.00 21.04 ? 16  PHE A CE1   1 
ATOM   120 C CE2   . PHE A 1 16 ? 5.543   -5.526  -0.306  1.00 22.48 ? 16  PHE A CE2   1 
ATOM   121 C CZ    . PHE A 1 16 ? 5.882   -6.724  -0.901  1.00 22.75 ? 16  PHE A CZ    1 
ATOM   122 N N     . ASN A 1 17 ? 10.328  -4.361  -0.197  1.00 22.17 ? 17  ASN A N     1 
ATOM   123 C CA    . ASN A 1 17 ? 11.350  -5.393  -0.079  1.00 22.50 ? 17  ASN A CA    1 
ATOM   124 C C     . ASN A 1 17 ? 10.729  -6.785  0.014   1.00 22.48 ? 17  ASN A C     1 
ATOM   125 O O     . ASN A 1 17 ? 10.029  -7.099  0.976   1.00 23.93 ? 17  ASN A O     1 
ATOM   126 C CB    . ASN A 1 17 ? 12.232  -5.116  1.140   1.00 24.37 ? 17  ASN A CB    1 
ATOM   127 C CG    . ASN A 1 17 ? 13.460  -5.997  1.183   1.00 23.86 ? 17  ASN A CG    1 
ATOM   128 O OD1   . ASN A 1 17 ? 13.368  -7.190  1.454   1.00 24.05 ? 17  ASN A OD1   1 
ATOM   129 N ND2   . ASN A 1 17 ? 14.620  -5.410  0.915   1.00 23.30 ? 17  ASN A ND2   1 
ATOM   130 N N     . VAL A 1 18 ? 10.992  -7.616  -0.992  1.00 25.43 ? 18  VAL A N     1 
ATOM   131 C CA    . VAL A 1 18 ? 10.388  -8.943  -1.072  1.00 25.53 ? 18  VAL A CA    1 
ATOM   132 C C     . VAL A 1 18 ? 10.963  -9.914  -0.045  1.00 28.56 ? 18  VAL A C     1 
ATOM   133 O O     . VAL A 1 18 ? 10.384  -10.970 0.213   1.00 28.45 ? 18  VAL A O     1 
ATOM   134 C CB    . VAL A 1 18 ? 10.561  -9.552  -2.480  1.00 27.40 ? 18  VAL A CB    1 
ATOM   135 C CG1   . VAL A 1 18 ? 9.772   -8.752  -3.506  1.00 26.90 ? 18  VAL A CG1   1 
ATOM   136 C CG2   . VAL A 1 18 ? 12.031  -9.613  -2.858  1.00 29.97 ? 18  VAL A CG2   1 
ATOM   137 N N     . ARG A 1 19 ? 12.101  -9.558  0.541   1.00 27.35 ? 19  ARG A N     1 
ATOM   138 C CA    . ARG A 1 19 ? 12.740  -10.418 1.530   1.00 28.50 ? 19  ARG A CA    1 
ATOM   139 C C     . ARG A 1 19 ? 12.074  -10.266 2.895   1.00 33.25 ? 19  ARG A C     1 
ATOM   140 O O     . ARG A 1 19 ? 11.804  -11.255 3.576   1.00 33.79 ? 19  ARG A O     1 
ATOM   141 C CB    . ARG A 1 19 ? 14.238  -10.108 1.623   1.00 31.01 ? 19  ARG A CB    1 
ATOM   142 C CG    . ARG A 1 19 ? 14.986  -10.923 2.656   1.00 38.69 ? 19  ARG A CG    1 
ATOM   143 C CD    . ARG A 1 19 ? 16.398  -10.396 2.861   1.00 41.11 ? 19  ARG A CD    1 
ATOM   144 N NE    . ARG A 1 19 ? 17.303  -11.432 3.351   1.00 43.00 ? 19  ARG A NE    1 
ATOM   145 C CZ    . ARG A 1 19 ? 18.525  -11.644 2.874   1.00 45.18 ? 19  ARG A CZ    1 
ATOM   146 N NH1   . ARG A 1 19 ? 19.000  -10.887 1.893   1.00 45.96 ? 19  ARG A NH1   1 
ATOM   147 N NH2   . ARG A 1 19 ? 19.278  -12.611 3.381   1.00 47.31 ? 19  ARG A NH2   1 
ATOM   148 N N     . ASN A 1 20 ? 11.806  -9.025  3.287   1.00 33.43 ? 20  ASN A N     1 
ATOM   149 C CA    . ASN A 1 20 ? 11.133  -8.751  4.552   1.00 31.52 ? 20  ASN A CA    1 
ATOM   150 C C     . ASN A 1 20 ? 9.619   -8.858  4.418   1.00 28.26 ? 20  ASN A C     1 
ATOM   151 O O     . ASN A 1 20 ? 8.911   -9.085  5.400   1.00 27.27 ? 20  ASN A O     1 
ATOM   152 C CB    . ASN A 1 20 ? 11.516  -7.367  5.076   1.00 32.81 ? 20  ASN A CB    1 
ATOM   153 C CG    . ASN A 1 20 ? 13.011  -7.128  5.044   1.00 35.86 ? 20  ASN A CG    1 
ATOM   154 O OD1   . ASN A 1 20 ? 13.786  -7.905  5.604   1.00 37.14 ? 20  ASN A OD1   1 
ATOM   155 N ND2   . ASN A 1 20 ? 13.426  -6.047  4.394   1.00 38.31 ? 20  ASN A ND2   1 
ATOM   156 N N     . GLY A 1 21 ? 9.130   -8.689  3.195   1.00 29.14 ? 21  GLY A N     1 
ATOM   157 C CA    . GLY A 1 21 ? 7.715   -8.823  2.916   1.00 27.26 ? 21  GLY A CA    1 
ATOM   158 C C     . GLY A 1 21 ? 6.897   -7.581  3.215   1.00 24.89 ? 21  GLY A C     1 
ATOM   159 O O     . GLY A 1 21 ? 5.688   -7.669  3.429   1.00 24.60 ? 21  GLY A O     1 
ATOM   160 N N     . TYR A 1 22 ? 7.548   -6.421  3.235   1.00 25.94 ? 22  TYR A N     1 
ATOM   161 C CA    . TYR A 1 22 ? 6.827   -5.167  3.433   1.00 24.74 ? 22  TYR A CA    1 
ATOM   162 C C     . TYR A 1 22 ? 7.520   -3.990  2.755   1.00 24.70 ? 22  TYR A C     1 
ATOM   163 O O     . TYR A 1 22 ? 8.617   -4.124  2.210   1.00 22.31 ? 22  TYR A O     1 
ATOM   164 C CB    . TYR A 1 22 ? 6.647   -4.877  4.928   1.00 25.10 ? 22  TYR A CB    1 
ATOM   165 C CG    . TYR A 1 22 ? 7.883   -4.358  5.635   1.00 26.77 ? 22  TYR A CG    1 
ATOM   166 C CD1   . TYR A 1 22 ? 8.803   -5.232  6.199   1.00 28.70 ? 22  TYR A CD1   1 
ATOM   167 C CD2   . TYR A 1 22 ? 8.117   -2.993  5.759   1.00 27.14 ? 22  TYR A CD2   1 
ATOM   168 C CE1   . TYR A 1 22 ? 9.927   -4.762  6.853   1.00 30.66 ? 22  TYR A CE1   1 
ATOM   169 C CE2   . TYR A 1 22 ? 9.237   -2.515  6.409   1.00 29.02 ? 22  TYR A CE2   1 
ATOM   170 C CZ    . TYR A 1 22 ? 10.138  -3.403  6.954   1.00 31.04 ? 22  TYR A CZ    1 
ATOM   171 O OH    . TYR A 1 22 ? 11.255  -2.929  7.603   1.00 33.46 ? 22  TYR A OH    1 
ATOM   172 N N     . GLY A 1 23 ? 6.863   -2.836  2.798   1.00 24.25 ? 23  GLY A N     1 
ATOM   173 C CA    . GLY A 1 23 ? 7.394   -1.614  2.226   1.00 23.86 ? 23  GLY A CA    1 
ATOM   174 C C     . GLY A 1 23 ? 6.531   -0.421  2.588   1.00 22.53 ? 23  GLY A C     1 
ATOM   175 O O     . GLY A 1 23 ? 5.722   -0.489  3.517   1.00 22.20 ? 23  GLY A O     1 
ATOM   176 N N     . PHE A 1 24 ? 6.690   0.675   1.850   1.00 24.20 ? 24  PHE A N     1 
ATOM   177 C CA    . PHE A 1 24 ? 5.924   1.886   2.125   1.00 23.28 ? 24  PHE A CA    1 
ATOM   178 C C     . PHE A 1 24 ? 5.405   2.556   0.856   1.00 22.46 ? 24  PHE A C     1 
ATOM   179 O O     . PHE A 1 24 ? 6.104   2.634   -0.159  1.00 22.65 ? 24  PHE A O     1 
ATOM   180 C CB    . PHE A 1 24 ? 6.772   2.874   2.930   1.00 24.42 ? 24  PHE A CB    1 
ATOM   181 C CG    . PHE A 1 24 ? 7.028   2.437   4.344   1.00 25.53 ? 24  PHE A CG    1 
ATOM   182 C CD1   . PHE A 1 24 ? 8.185   1.750   4.675   1.00 26.33 ? 24  PHE A CD1   1 
ATOM   183 C CD2   . PHE A 1 24 ? 6.108   2.708   5.344   1.00 25.73 ? 24  PHE A CD2   1 
ATOM   184 C CE1   . PHE A 1 24 ? 8.420   1.344   5.975   1.00 27.21 ? 24  PHE A CE1   1 
ATOM   185 C CE2   . PHE A 1 24 ? 6.338   2.305   6.646   1.00 26.84 ? 24  PHE A CE2   1 
ATOM   186 C CZ    . PHE A 1 24 ? 7.494   1.622   6.962   1.00 27.41 ? 24  PHE A CZ    1 
ATOM   187 N N     . ILE A 1 25 ? 4.169   3.042   0.928   1.00 19.03 ? 25  ILE A N     1 
ATOM   188 C CA    . ILE A 1 25 ? 3.546   3.747   -0.184  1.00 19.85 ? 25  ILE A CA    1 
ATOM   189 C C     . ILE A 1 25 ? 3.266   5.196   0.194   1.00 20.50 ? 25  ILE A C     1 
ATOM   190 O O     . ILE A 1 25 ? 2.634   5.463   1.210   1.00 21.10 ? 25  ILE A O     1 
ATOM   191 C CB    . ILE A 1 25 ? 2.223   3.079   -0.613  1.00 20.13 ? 25  ILE A CB    1 
ATOM   192 C CG1   . ILE A 1 25 ? 2.462   1.625   -1.021  1.00 21.06 ? 25  ILE A CG1   1 
ATOM   193 C CG2   . ILE A 1 25 ? 1.582   3.853   -1.752  1.00 20.59 ? 25  ILE A CG2   1 
ATOM   194 C CD1   . ILE A 1 25 ? 1.187   0.849   -1.282  1.00 21.92 ? 25  ILE A CD1   1 
ATOM   195 N N     . ASN A 1 26 ? 3.736   6.135   -0.619  1.00 21.39 ? 26  ASN A N     1 
ATOM   196 C CA    . ASN A 1 26 ? 3.487   7.546   -0.354  1.00 22.06 ? 26  ASN A CA    1 
ATOM   197 C C     . ASN A 1 26 ? 2.157   8.001   -0.947  1.00 21.66 ? 26  ASN A C     1 
ATOM   198 O O     . ASN A 1 26 ? 1.991   8.031   -2.167  1.00 21.39 ? 26  ASN A O     1 
ATOM   199 C CB    . ASN A 1 26 ? 4.627   8.406   -0.899  1.00 23.65 ? 26  ASN A CB    1 
ATOM   200 C CG    . ASN A 1 26 ? 4.484   9.868   -0.521  1.00 24.22 ? 26  ASN A CG    1 
ATOM   201 O OD1   . ASN A 1 26 ? 3.917   10.663  -1.270  1.00 24.23 ? 26  ASN A OD1   1 
ATOM   202 N ND2   . ASN A 1 26 ? 4.995   10.229  0.651   1.00 24.91 ? 26  ASN A ND2   1 
ATOM   203 N N     . ARG A 1 27 ? 1.214   8.344   -0.073  1.00 20.49 ? 27  ARG A N     1 
ATOM   204 C CA    . ARG A 1 27 ? -0.102  8.819   -0.490  1.00 20.98 ? 27  ARG A CA    1 
ATOM   205 C C     . ARG A 1 27 ? 0.014   10.083  -1.331  1.00 21.67 ? 27  ARG A C     1 
ATOM   206 O O     . ARG A 1 27 ? 0.714   11.017  -0.956  1.00 21.66 ? 27  ARG A O     1 
ATOM   207 C CB    . ARG A 1 27 ? -0.988  9.089   0.729   1.00 21.18 ? 27  ARG A CB    1 
ATOM   208 C CG    . ARG A 1 27 ? -1.393  7.848   1.504   1.00 20.81 ? 27  ARG A CG    1 
ATOM   209 C CD    . ARG A 1 27 ? -2.223  8.209   2.727   1.00 21.89 ? 27  ARG A CD    1 
ATOM   210 N NE    . ARG A 1 27 ? -3.518  8.781   2.364   1.00 23.52 ? 27  ARG A NE    1 
ATOM   211 C CZ    . ARG A 1 27 ? -4.490  9.042   3.234   1.00 26.79 ? 27  ARG A CZ    1 
ATOM   212 N NH1   . ARG A 1 27 ? -4.318  8.780   4.522   1.00 27.01 ? 27  ARG A NH1   1 
ATOM   213 N NH2   . ARG A 1 27 ? -5.634  9.563   2.814   1.00 29.56 ? 27  ARG A NH2   1 
ATOM   214 N N     . ASN A 1 28 ? -0.669  10.112  -2.469  1.00 20.85 ? 28  ASN A N     1 
ATOM   215 C CA    . ASN A 1 28 ? -0.613  11.280  -3.339  1.00 23.00 ? 28  ASN A CA    1 
ATOM   216 C C     . ASN A 1 28 ? -1.439  12.445  -2.801  1.00 24.92 ? 28  ASN A C     1 
ATOM   217 O O     . ASN A 1 28 ? -1.181  13.600  -3.135  1.00 30.53 ? 28  ASN A O     1 
ATOM   218 C CB    . ASN A 1 28 ? -1.082  10.918  -4.751  1.00 23.56 ? 28  ASN A CB    1 
ATOM   219 C CG    . ASN A 1 28 ? -0.098  10.025  -5.480  1.00 22.91 ? 28  ASN A CG    1 
ATOM   220 O OD1   . ASN A 1 28 ? 1.080   9.960   -5.125  1.00 22.57 ? 28  ASN A OD1   1 
ATOM   221 N ND2   . ASN A 1 28 ? -0.573  9.340   -6.515  1.00 22.71 ? 28  ASN A ND2   1 
ATOM   222 N N     . ASP A 1 29 ? -2.419  12.142  -1.957  1.00 24.72 ? 29  ASP A N     1 
ATOM   223 C CA    . ASP A 1 29 ? -3.330  13.166  -1.457  1.00 26.53 ? 29  ASP A CA    1 
ATOM   224 C C     . ASP A 1 29 ? -2.825  13.848  -0.184  1.00 27.55 ? 29  ASP A C     1 
ATOM   225 O O     . ASP A 1 29 ? -3.146  15.008  0.070   1.00 30.18 ? 29  ASP A O     1 
ATOM   226 C CB    . ASP A 1 29 ? -4.718  12.566  -1.210  1.00 28.48 ? 29  ASP A CB    1 
ATOM   227 C CG    . ASP A 1 29 ? -4.696  11.423  -0.212  1.00 27.41 ? 29  ASP A CG    1 
ATOM   228 O OD1   . ASP A 1 29 ? -3.595  10.936  0.121   1.00 26.50 ? 29  ASP A OD1   1 
ATOM   229 O OD2   . ASP A 1 29 ? -5.785  11.011  0.241   1.00 27.58 ? 29  ASP A OD2   1 
ATOM   230 N N     . THR A 1 30 ? -2.035  13.133  0.612   1.00 25.97 ? 30  THR A N     1 
ATOM   231 C CA    . THR A 1 30 ? -1.542  13.673  1.878   1.00 27.36 ? 30  THR A CA    1 
ATOM   232 C C     . THR A 1 30 ? -0.017  13.738  1.942   1.00 27.55 ? 30  THR A C     1 
ATOM   233 O O     . THR A 1 30 ? 0.543   14.356  2.849   1.00 29.54 ? 30  THR A O     1 
ATOM   234 C CB    . THR A 1 30 ? -2.042  12.841  3.077   1.00 26.35 ? 30  THR A CB    1 
ATOM   235 O OG1   . THR A 1 30 ? -1.591  11.488  2.945   1.00 23.70 ? 30  THR A OG1   1 
ATOM   236 C CG2   . THR A 1 30 ? -3.561  12.862  3.149   1.00 29.71 ? 30  THR A CG2   1 
ATOM   237 N N     . LYS A 1 31 ? 0.639   13.089  0.981   1.00 28.65 ? 31  LYS A N     1 
ATOM   238 C CA    . LYS A 1 31 ? 2.103   13.031  0.900   1.00 28.76 ? 31  LYS A CA    1 
ATOM   239 C C     . LYS A 1 31 ? 2.724   12.355  2.122   1.00 29.07 ? 31  LYS A C     1 
ATOM   240 O O     . LYS A 1 31 ? 3.881   12.600  2.459   1.00 30.89 ? 31  LYS A O     1 
ATOM   241 C CB    . LYS A 1 31 ? 2.691   14.433  0.715   1.00 30.72 ? 31  LYS A CB    1 
ATOM   242 C CG    . LYS A 1 31 ? 2.216   15.143  -0.546  1.00 30.95 ? 31  LYS A CG    1 
ATOM   243 C CD    . LYS A 1 31 ? 2.126   14.193  -1.733  1.00 28.44 ? 31  LYS A CD    1 
ATOM   244 C CE    . LYS A 1 31 ? 2.226   14.944  -3.050  1.00 30.47 ? 31  LYS A CE    1 
ATOM   245 N NZ    . LYS A 1 31 ? 1.446   14.278  -4.130  1.00 29.18 ? 31  LYS A NZ    1 
ATOM   246 N N     . GLU A 1 32 ? 1.949   11.492  2.774   1.00 28.73 ? 32  GLU A N     1 
ATOM   247 C CA    . GLU A 1 32 ? 2.436   10.735  3.920   1.00 28.77 ? 32  GLU A CA    1 
ATOM   248 C C     . GLU A 1 32 ? 2.700   9.284   3.544   1.00 26.95 ? 32  GLU A C     1 
ATOM   249 O O     . GLU A 1 32 ? 2.007   8.718   2.700   1.00 25.41 ? 32  GLU A O     1 
ATOM   250 C CB    . GLU A 1 32 ? 1.432   10.795  5.073   1.00 29.34 ? 32  GLU A CB    1 
ATOM   251 C CG    . GLU A 1 32 ? 1.269   12.167  5.690   1.00 32.99 ? 32  GLU A CG    1 
ATOM   252 C CD    . GLU A 1 32 ? 2.292   12.447  6.774   1.00 36.16 ? 32  GLU A CD    1 
ATOM   253 O OE1   . GLU A 1 32 ? 2.887   11.480  7.294   1.00 36.08 ? 32  GLU A OE1   1 
ATOM   254 O OE2   . GLU A 1 32 ? 2.497   13.633  7.107   1.00 38.86 ? 32  GLU A OE2   1 
ATOM   255 N N     . ASP A 1 33 ? 3.705   8.687   4.174   1.00 28.15 ? 33  ASP A N     1 
ATOM   256 C CA    . ASP A 1 33 ? 3.994   7.274   3.974   1.00 26.29 ? 33  ASP A CA    1 
ATOM   257 C C     . ASP A 1 33 ? 3.010   6.404   4.745   1.00 25.29 ? 33  ASP A C     1 
ATOM   258 O O     . ASP A 1 33 ? 2.724   6.661   5.915   1.00 26.69 ? 33  ASP A O     1 
ATOM   259 C CB    . ASP A 1 33 ? 5.424   6.938   4.405   1.00 27.14 ? 33  ASP A CB    1 
ATOM   260 C CG    . ASP A 1 33 ? 6.466   7.456   3.434   1.00 27.83 ? 33  ASP A CG    1 
ATOM   261 O OD1   . ASP A 1 33 ? 6.107   7.757   2.277   1.00 27.18 ? 33  ASP A OD1   1 
ATOM   262 O OD2   . ASP A 1 33 ? 7.647   7.550   3.828   1.00 28.80 ? 33  ASP A OD2   1 
ATOM   263 N N     . VAL A 1 34 ? 2.490   5.381   4.080   1.00 23.90 ? 34  VAL A N     1 
ATOM   264 C CA    . VAL A 1 34 ? 1.698   4.361   4.747   1.00 23.89 ? 34  VAL A CA    1 
ATOM   265 C C     . VAL A 1 34 ? 2.383   3.009   4.601   1.00 21.68 ? 34  VAL A C     1 
ATOM   266 O O     . VAL A 1 34 ? 2.902   2.664   3.535   1.00 20.96 ? 34  VAL A O     1 
ATOM   267 C CB    . VAL A 1 34 ? 0.252   4.282   4.198   1.00 24.51 ? 34  VAL A CB    1 
ATOM   268 C CG1   . VAL A 1 34 ? -0.523  5.537   4.562   1.00 27.52 ? 34  VAL A CG1   1 
ATOM   269 C CG2   . VAL A 1 34 ? 0.246   4.062   2.694   1.00 23.72 ? 34  VAL A CG2   1 
ATOM   270 N N     . PHE A 1 35 ? 2.406   2.263   5.698   1.00 26.70 ? 35  PHE A N     1 
ATOM   271 C CA    . PHE A 1 35 ? 2.972   0.924   5.719   1.00 25.50 ? 35  PHE A CA    1 
ATOM   272 C C     . PHE A 1 35 ? 2.177   0.001   4.806   1.00 23.24 ? 35  PHE A C     1 
ATOM   273 O O     . PHE A 1 35 ? 0.950   0.061   4.771   1.00 23.36 ? 35  PHE A O     1 
ATOM   274 C CB    . PHE A 1 35 ? 2.989   0.390   7.154   1.00 27.12 ? 35  PHE A CB    1 
ATOM   275 C CG    . PHE A 1 35 ? 3.452   -1.033  7.275   1.00 27.58 ? 35  PHE A CG    1 
ATOM   276 C CD1   . PHE A 1 35 ? 4.802   -1.337  7.323   1.00 28.96 ? 35  PHE A CD1   1 
ATOM   277 C CD2   . PHE A 1 35 ? 2.535   -2.068  7.362   1.00 27.55 ? 35  PHE A CD2   1 
ATOM   278 C CE1   . PHE A 1 35 ? 5.228   -2.645  7.445   1.00 30.24 ? 35  PHE A CE1   1 
ATOM   279 C CE2   . PHE A 1 35 ? 2.954   -3.378  7.481   1.00 28.39 ? 35  PHE A CE2   1 
ATOM   280 C CZ    . PHE A 1 35 ? 4.302   -3.667  7.523   1.00 29.86 ? 35  PHE A CZ    1 
ATOM   281 N N     . VAL A 1 36 ? 2.873   -0.841  4.049   1.00 21.77 ? 36  VAL A N     1 
ATOM   282 C CA    . VAL A 1 36 ? 2.185   -1.858  3.263   1.00 21.04 ? 36  VAL A CA    1 
ATOM   283 C C     . VAL A 1 36 ? 2.853   -3.216  3.454   1.00 22.97 ? 36  VAL A C     1 
ATOM   284 O O     . VAL A 1 36 ? 4.067   -3.356  3.316   1.00 23.41 ? 36  VAL A O     1 
ATOM   285 C CB    . VAL A 1 36 ? 2.128   -1.488  1.756   1.00 18.96 ? 36  VAL A CB    1 
ATOM   286 C CG1   . VAL A 1 36 ? 3.519   -1.242  1.189   1.00 17.85 ? 36  VAL A CG1   1 
ATOM   287 C CG2   . VAL A 1 36 ? 1.403   -2.572  0.968   1.00 18.42 ? 36  VAL A CG2   1 
ATOM   288 N N     . HIS A 1 37 ? 2.052   -4.213  3.810   1.00 25.13 ? 37  HIS A N     1 
ATOM   289 C CA    . HIS A 1 37 ? 2.557   -5.567  3.964   1.00 27.17 ? 37  HIS A CA    1 
ATOM   290 C C     . HIS A 1 37 ? 2.162   -6.389  2.746   1.00 28.05 ? 37  HIS A C     1 
ATOM   291 O O     . HIS A 1 37 ? 1.188   -6.064  2.066   1.00 27.93 ? 37  HIS A O     1 
ATOM   292 C CB    . HIS A 1 37 ? 2.030   -6.208  5.249   1.00 29.07 ? 37  HIS A CB    1 
ATOM   293 C CG    . HIS A 1 37 ? 2.759   -7.451  5.642   1.00 31.88 ? 37  HIS A CG    1 
ATOM   294 N ND1   . HIS A 1 37 ? 2.206   -8.710  5.528   1.00 34.63 ? 37  HIS A ND1   1 
ATOM   295 C CD2   . HIS A 1 37 ? 4.006   -7.638  6.141   1.00 32.44 ? 37  HIS A CD2   1 
ATOM   296 C CE1   . HIS A 1 37 ? 3.073   -9.612  5.944   1.00 36.52 ? 37  HIS A CE1   1 
ATOM   297 N NE2   . HIS A 1 37 ? 4.178   -8.984  6.321   1.00 35.09 ? 37  HIS A NE2   1 
ATOM   298 N N     . GLN A 1 38 ? 2.920   -7.445  2.471   1.00 25.07 ? 38  GLN A N     1 
ATOM   299 C CA    . GLN A 1 38 ? 2.715   -8.240  1.266   1.00 26.22 ? 38  GLN A CA    1 
ATOM   300 C C     . GLN A 1 38 ? 1.315   -8.848  1.194   1.00 27.91 ? 38  GLN A C     1 
ATOM   301 O O     . GLN A 1 38 ? 0.739   -8.953  0.114   1.00 23.88 ? 38  GLN A O     1 
ATOM   302 C CB    . GLN A 1 38 ? 3.782   -9.336  1.164   1.00 28.07 ? 38  GLN A CB    1 
ATOM   303 C CG    . GLN A 1 38 ? 3.945   -10.201 2.405   1.00 29.85 ? 38  GLN A CG    1 
ATOM   304 C CD    . GLN A 1 38 ? 5.160   -11.107 2.316   1.00 31.71 ? 38  GLN A CD    1 
ATOM   305 O OE1   . GLN A 1 38 ? 5.880   -11.096 1.317   1.00 31.11 ? 38  GLN A OE1   1 
ATOM   306 N NE2   . GLN A 1 38 ? 5.398   -11.890 3.361   1.00 34.02 ? 38  GLN A NE2   1 
ATOM   307 N N     . THR A 1 39 ? 0.762   -9.221  2.344   1.00 24.15 ? 39  THR A N     1 
ATOM   308 C CA    . THR A 1 39 ? -0.569  -9.822  2.393   1.00 30.98 ? 39  THR A CA    1 
ATOM   309 C C     . THR A 1 39 ? -1.671  -8.839  2.001   1.00 29.79 ? 39  THR A C     1 
ATOM   310 O O     . THR A 1 39 ? -2.775  -9.248  1.644   1.00 26.54 ? 39  THR A O     1 
ATOM   311 C CB    . THR A 1 39 ? -0.888  -10.373 3.798   1.00 32.53 ? 39  THR A CB    1 
ATOM   312 O OG1   . THR A 1 39 ? -0.681  -9.346  4.775   1.00 31.38 ? 39  THR A OG1   1 
ATOM   313 C CG2   . THR A 1 39 ? 0.006   -11.555 4.121   1.00 29.79 ? 39  THR A CG2   1 
ATOM   314 N N     . ALA A 1 40 ? -1.368  -7.547  2.067   1.00 29.54 ? 40  ALA A N     1 
ATOM   315 C CA    . ALA A 1 40 ? -2.361  -6.517  1.776   1.00 28.79 ? 40  ALA A CA    1 
ATOM   316 C C     . ALA A 1 40 ? -2.425  -6.174  0.287   1.00 28.41 ? 40  ALA A C     1 
ATOM   317 O O     . ALA A 1 40 ? -3.192  -5.301  -0.122  1.00 28.18 ? 40  ALA A O     1 
ATOM   318 C CB    . ALA A 1 40 ? -2.072  -5.266  2.591   1.00 21.59 ? 40  ALA A CB    1 
ATOM   319 N N     . ILE A 1 41 ? -1.629  -6.867  -0.519  1.00 33.46 ? 41  ILE A N     1 
ATOM   320 C CA    . ILE A 1 41 ? -1.562  -6.599  -1.953  1.00 33.69 ? 41  ILE A CA    1 
ATOM   321 C C     . ILE A 1 41 ? -2.381  -7.613  -2.751  1.00 37.39 ? 41  ILE A C     1 
ATOM   322 O O     . ILE A 1 41 ? -2.271  -8.818  -2.534  1.00 38.54 ? 41  ILE A O     1 
ATOM   323 C CB    . ILE A 1 41 ? -0.100  -6.614  -2.451  1.00 31.02 ? 41  ILE A CB    1 
ATOM   324 C CG1   . ILE A 1 41 ? 0.751   -5.636  -1.637  1.00 27.84 ? 41  ILE A CG1   1 
ATOM   325 C CG2   . ILE A 1 41 ? -0.031  -6.285  -3.932  1.00 31.78 ? 41  ILE A CG2   1 
ATOM   326 C CD1   . ILE A 1 41 ? 2.230   -5.674  -1.981  1.00 25.60 ? 41  ILE A CD1   1 
ATOM   327 N N     . LYS A 1 42 ? -3.207  -7.134  -3.673  1.00 39.73 ? 42  LYS A N     1 
ATOM   328 C CA    . LYS A 1 42 ? -4.019  -8.048  -4.468  1.00 43.95 ? 42  LYS A CA    1 
ATOM   329 C C     . LYS A 1 42 ? -3.138  -8.881  -5.402  1.00 54.52 ? 42  LYS A C     1 
ATOM   330 O O     . LYS A 1 42 ? -2.120  -8.413  -5.873  1.00 41.50 ? 42  LYS A O     1 
ATOM   331 C CB    . LYS A 1 42 ? -5.086  -7.291  -5.249  1.00 47.07 ? 42  LYS A CB    1 
ATOM   332 C CG    . LYS A 1 42 ? -6.315  -6.935  -4.418  1.00 49.18 ? 42  LYS A CG    1 
ATOM   333 C CD    . LYS A 1 42 ? -7.559  -6.798  -5.287  1.00 54.32 ? 42  LYS A CD    1 
ATOM   334 C CE    . LYS A 1 42 ? -8.493  -5.737  -4.731  1.00 55.50 ? 42  LYS A CE    1 
ATOM   335 N NZ    . LYS A 1 42 ? -9.850  -5.821  -5.328  1.00 61.45 ? 42  LYS A NZ    1 
ATOM   336 N N     . LYS A 1 43 ? -3.534  -10.124 -5.652  1.00 51.98 ? 43  LYS A N     1 
ATOM   337 C CA    . LYS A 1 43 ? -2.646  -11.113 -6.271  1.00 50.56 ? 43  LYS A CA    1 
ATOM   338 C C     . LYS A 1 43 ? -2.492  -10.877 -7.761  1.00 52.13 ? 43  LYS A C     1 
ATOM   339 O O     . LYS A 1 43 ? -3.262  -10.120 -8.328  1.00 53.66 ? 43  LYS A O     1 
ATOM   340 C CB    . LYS A 1 43 ? -3.167  -12.539 -5.985  1.00 52.27 ? 43  LYS A CB    1 
ATOM   341 C CG    . LYS A 1 43 ? -2.388  -13.261 -4.876  1.00 48.62 ? 43  LYS A CG    1 
ATOM   342 C CD    . LYS A 1 43 ? -0.881  -13.354 -5.204  1.00 45.77 ? 43  LYS A CD    1 
ATOM   343 C CE    . LYS A 1 43 ? -0.251  -14.636 -4.741  1.00 46.37 ? 43  LYS A CE    1 
ATOM   344 N NZ    . LYS A 1 43 ? 1.180   -14.838 -5.169  1.00 44.56 ? 43  LYS A NZ    1 
ATOM   345 N N     . ASN A 1 44 ? -1.554  -11.601 -8.376  1.00 55.54 ? 44  ASN A N     1 
ATOM   346 C CA    . ASN A 1 44 ? -1.027  -11.319 -9.716  1.00 56.28 ? 44  ASN A CA    1 
ATOM   347 C C     . ASN A 1 44 ? -0.172  -10.044 -9.736  1.00 51.20 ? 44  ASN A C     1 
ATOM   348 O O     . ASN A 1 44 ? 0.506   -9.758  -10.728 1.00 50.82 ? 44  ASN A O     1 
ATOM   349 C CB    . ASN A 1 44 ? -2.136  -11.209 -10.771 1.00 62.19 ? 44  ASN A CB    1 
ATOM   350 C CG    . ASN A 1 44 ? -3.209  -12.273 -10.618 1.00 67.58 ? 44  ASN A CG    1 
ATOM   351 O OD1   . ASN A 1 44 ? -4.408  -12.007 -10.770 1.00 72.05 ? 44  ASN A OD1   1 
ATOM   352 N ND2   . ASN A 1 44 ? -2.783  -13.484 -10.305 1.00 68.93 ? 44  ASN A ND2   1 
ATOM   353 N N     . ASN A 1 45 ? -0.183  -9.287  -8.639  1.00 48.14 ? 45  ASN A N     1 
ATOM   354 C CA    . ASN A 1 45 ? 0.692   -8.123  -8.520  1.00 45.23 ? 45  ASN A CA    1 
ATOM   355 C C     . ASN A 1 45 ? 2.130   -8.537  -8.228  1.00 42.71 ? 45  ASN A C     1 
ATOM   356 O O     . ASN A 1 45 ? 2.696   -9.404  -8.897  1.00 44.39 ? 45  ASN A O     1 
ATOM   357 C CB    . ASN A 1 45 ? 0.205   -7.165  -7.424  1.00 43.90 ? 45  ASN A CB    1 
ATOM   358 C CG    . ASN A 1 45 ? -1.030  -6.371  -7.836  1.00 47.20 ? 45  ASN A CG    1 
ATOM   359 O OD1   . ASN A 1 45 ? -0.942  -5.424  -8.618  1.00 47.32 ? 45  ASN A OD1   1 
ATOM   360 N ND2   . ASN A 1 45 ? -2.182  -6.740  -7.293  1.00 50.19 ? 45  ASN A ND2   1 
ATOM   361 N N     . LEU A 1 50 ? 3.444   -13.507 -7.408  1.00 42.09 ? 50  LEU A N     1 
ATOM   362 C CA    . LEU A 1 50 ? 3.811   -12.860 -6.154  1.00 39.31 ? 50  LEU A CA    1 
ATOM   363 C C     . LEU A 1 50 ? 2.710   -11.933 -5.632  1.00 39.39 ? 50  LEU A C     1 
ATOM   364 O O     . LEU A 1 50 ? 1.792   -11.543 -6.363  1.00 43.58 ? 50  LEU A O     1 
ATOM   365 C CB    . LEU A 1 50 ? 5.098   -12.045 -6.313  1.00 36.78 ? 50  LEU A CB    1 
ATOM   366 C CG    . LEU A 1 50 ? 6.478   -12.703 -6.308  1.00 36.73 ? 50  LEU A CG    1 
ATOM   367 C CD1   . LEU A 1 50 ? 6.792   -13.339 -7.657  1.00 39.82 ? 50  LEU A CD1   1 
ATOM   368 C CD2   . LEU A 1 50 ? 7.547   -11.687 -5.917  1.00 33.56 ? 50  LEU A CD2   1 
ATOM   369 N N     . ARG A 1 51 ? 2.814   -11.596 -4.350  1.00 39.43 ? 51  ARG A N     1 
ATOM   370 C CA    . ARG A 1 51 ? 2.086   -10.476 -3.770  1.00 35.98 ? 51  ARG A CA    1 
ATOM   371 C C     . ARG A 1 51 ? 3.072   -9.328  -3.594  1.00 31.38 ? 51  ARG A C     1 
ATOM   372 O O     . ARG A 1 51 ? 3.665   -9.169  -2.526  1.00 29.77 ? 51  ARG A O     1 
ATOM   373 C CB    . ARG A 1 51 ? 1.456   -10.858 -2.429  1.00 35.69 ? 51  ARG A CB    1 
ATOM   374 C CG    . ARG A 1 51 ? 0.024   -11.381 -2.496  1.00 38.98 ? 51  ARG A CG    1 
ATOM   375 C CD    . ARG A 1 51 ? -0.609  -11.435 -1.112  1.00 39.87 ? 51  ARG A CD    1 
ATOM   376 N NE    . ARG A 1 51 ? -2.067  -11.379 -1.160  1.00 43.22 ? 51  ARG A NE    1 
ATOM   377 C CZ    . ARG A 1 51 ? -2.853  -12.447 -1.267  1.00 46.75 ? 51  ARG A CZ    1 
ATOM   378 N NH1   . ARG A 1 51 ? -2.331  -13.665 -1.345  1.00 47.73 ? 51  ARG A NH1   1 
ATOM   379 N NH2   . ARG A 1 51 ? -4.167  -12.286 -1.317  1.00 49.96 ? 51  ARG A NH2   1 
ATOM   380 N N     . SER A 1 52 ? 3.260   -8.535  -4.643  1.00 30.85 ? 52  SER A N     1 
ATOM   381 C CA    . SER A 1 52 ? 4.296   -7.512  -4.614  1.00 27.52 ? 52  SER A CA    1 
ATOM   382 C C     . SER A 1 52 ? 3.993   -6.307  -5.494  1.00 27.18 ? 52  SER A C     1 
ATOM   383 O O     . SER A 1 52 ? 3.199   -6.379  -6.431  1.00 29.14 ? 52  SER A O     1 
ATOM   384 C CB    . SER A 1 52 ? 5.636   -8.119  -5.034  1.00 27.16 ? 52  SER A CB    1 
ATOM   385 O OG    . SER A 1 52 ? 5.572   -8.636  -6.352  1.00 28.79 ? 52  SER A OG    1 
ATOM   386 N N     . VAL A 1 53 ? 4.636   -5.192  -5.167  1.00 27.13 ? 53  VAL A N     1 
ATOM   387 C CA    . VAL A 1 53 ? 4.606   -3.999  -5.999  1.00 26.42 ? 53  VAL A CA    1 
ATOM   388 C C     . VAL A 1 53 ? 6.040   -3.554  -6.260  1.00 22.34 ? 53  VAL A C     1 
ATOM   389 O O     . VAL A 1 53 ? 6.956   -3.934  -5.530  1.00 21.44 ? 53  VAL A O     1 
ATOM   390 C CB    . VAL A 1 53 ? 3.808   -2.860  -5.340  1.00 25.27 ? 53  VAL A CB    1 
ATOM   391 C CG1   . VAL A 1 53 ? 2.338   -3.237  -5.225  1.00 25.87 ? 53  VAL A CG1   1 
ATOM   392 C CG2   . VAL A 1 53 ? 4.390   -2.529  -3.975  1.00 22.62 ? 53  VAL A CG2   1 
ATOM   393 N N     . GLY A 1 54 ? 6.234   -2.756  -7.304  1.00 22.85 ? 54  GLY A N     1 
ATOM   394 C CA    . GLY A 1 54 ? 7.562   -2.294  -7.657  1.00 23.58 ? 54  GLY A CA    1 
ATOM   395 C C     . GLY A 1 54 ? 7.804   -0.861  -7.231  1.00 22.07 ? 54  GLY A C     1 
ATOM   396 O O     . GLY A 1 54 ? 6.874   -0.057  -7.185  1.00 20.30 ? 54  GLY A O     1 
ATOM   397 N N     . ASP A 1 55 ? 9.057   -0.547  -6.913  1.00 21.36 ? 55  ASP A N     1 
ATOM   398 C CA    . ASP A 1 55 ? 9.446   0.809   -6.540  1.00 20.53 ? 55  ASP A CA    1 
ATOM   399 C C     . ASP A 1 55 ? 9.054   1.828   -7.602  1.00 19.28 ? 55  ASP A C     1 
ATOM   400 O O     . ASP A 1 55 ? 9.352   1.652   -8.782  1.00 21.01 ? 55  ASP A O     1 
ATOM   401 C CB    . ASP A 1 55 ? 10.954  0.895   -6.304  1.00 21.37 ? 55  ASP A CB    1 
ATOM   402 C CG    . ASP A 1 55 ? 11.417  0.049   -5.140  1.00 22.50 ? 55  ASP A CG    1 
ATOM   403 O OD1   . ASP A 1 55 ? 10.657  -0.837  -4.696  1.00 21.69 ? 55  ASP A OD1   1 
ATOM   404 O OD2   . ASP A 1 55 ? 12.549  0.281   -4.667  1.00 23.98 ? 55  ASP A OD2   1 
ATOM   405 N N     . GLY A 1 56 ? 8.383   2.893   -7.174  1.00 21.04 ? 56  GLY A N     1 
ATOM   406 C CA    . GLY A 1 56 ? 8.093   4.012   -8.050  1.00 22.45 ? 56  GLY A CA    1 
ATOM   407 C C     . GLY A 1 56 ? 6.807   3.908   -8.848  1.00 25.08 ? 56  GLY A C     1 
ATOM   408 O O     . GLY A 1 56 ? 6.425   4.862   -9.526  1.00 26.52 ? 56  GLY A O     1 
ATOM   409 N N     . GLU A 1 57 ? 6.135   2.764   -8.777  1.00 23.70 ? 57  GLU A N     1 
ATOM   410 C CA    . GLU A 1 57 ? 4.899   2.583   -9.533  1.00 26.96 ? 57  GLU A CA    1 
ATOM   411 C C     . GLU A 1 57 ? 3.704   3.171   -8.790  1.00 27.18 ? 57  GLU A C     1 
ATOM   412 O O     . GLU A 1 57 ? 3.723   3.314   -7.567  1.00 23.74 ? 57  GLU A O     1 
ATOM   413 C CB    . GLU A 1 57 ? 4.651   1.101   -9.838  1.00 28.51 ? 57  GLU A CB    1 
ATOM   414 C CG    . GLU A 1 57 ? 4.003   0.313   -8.711  1.00 27.45 ? 57  GLU A CG    1 
ATOM   415 C CD    . GLU A 1 57 ? 3.473   -1.034  -9.175  1.00 29.54 ? 57  GLU A CD    1 
ATOM   416 O OE1   . GLU A 1 57 ? 2.748   -1.071  -10.191 1.00 32.17 ? 57  GLU A OE1   1 
ATOM   417 O OE2   . GLU A 1 57 ? 3.782   -2.055  -8.526  1.00 28.51 ? 57  GLU A OE2   1 
ATOM   418 N N     . THR A 1 58 ? 2.665   3.516   -9.544  1.00 25.98 ? 58  THR A N     1 
ATOM   419 C CA    . THR A 1 58 ? 1.458   4.095   -8.970  1.00 24.18 ? 58  THR A CA    1 
ATOM   420 C C     . THR A 1 58 ? 0.452   3.006   -8.620  1.00 22.65 ? 58  THR A C     1 
ATOM   421 O O     . THR A 1 58 ? 0.121   2.164   -9.453  1.00 29.97 ? 58  THR A O     1 
ATOM   422 C CB    . THR A 1 58 ? 0.807   5.107   -9.933  1.00 25.99 ? 58  THR A CB    1 
ATOM   423 O OG1   . THR A 1 58 ? 1.658   6.251   -10.068 1.00 27.71 ? 58  THR A OG1   1 
ATOM   424 C CG2   . THR A 1 58 ? -0.550  5.555   -9.407  1.00 24.87 ? 58  THR A CG2   1 
ATOM   425 N N     . VAL A 1 59 ? -0.023  3.027   -7.379  1.00 20.77 ? 59  VAL A N     1 
ATOM   426 C CA    . VAL A 1 59 ? -0.974  2.037   -6.898  1.00 20.88 ? 59  VAL A CA    1 
ATOM   427 C C     . VAL A 1 59 ? -2.219  2.688   -6.298  1.00 20.77 ? 59  VAL A C     1 
ATOM   428 O O     . VAL A 1 59 ? -2.178  3.828   -5.826  1.00 20.60 ? 59  VAL A O     1 
ATOM   429 C CB    . VAL A 1 59 ? -0.337  1.113   -5.839  1.00 20.03 ? 59  VAL A CB    1 
ATOM   430 C CG1   . VAL A 1 59 ? 0.700   0.203   -6.478  1.00 21.25 ? 59  VAL A CG1   1 
ATOM   431 C CG2   . VAL A 1 59 ? 0.280   1.934   -4.718  1.00 18.64 ? 59  VAL A CG2   1 
ATOM   432 N N     . GLU A 1 60 ? -3.325  1.951   -6.330  1.00 22.34 ? 60  GLU A N     1 
ATOM   433 C CA    . GLU A 1 60 ? -4.567  2.378   -5.696  1.00 23.21 ? 60  GLU A CA    1 
ATOM   434 C C     . GLU A 1 60 ? -4.871  1.439   -4.532  1.00 23.21 ? 60  GLU A C     1 
ATOM   435 O O     . GLU A 1 60 ? -4.668  0.229   -4.635  1.00 23.62 ? 60  GLU A O     1 
ATOM   436 C CB    . GLU A 1 60 ? -5.718  2.392   -6.705  1.00 25.25 ? 60  GLU A CB    1 
ATOM   437 C CG    . GLU A 1 60 ? -7.066  2.783   -6.118  1.00 26.59 ? 60  GLU A CG    1 
ATOM   438 C CD    . GLU A 1 60 ? -8.112  3.041   -7.184  1.00 30.13 ? 60  GLU A CD    1 
ATOM   439 O OE1   . GLU A 1 60 ? -7.855  2.719   -8.364  1.00 31.70 ? 60  GLU A OE1   1 
ATOM   440 O OE2   . GLU A 1 60 ? -9.195  3.561   -6.843  1.00 32.33 ? 60  GLU A OE2   1 
ATOM   441 N N     . PHE A 1 61 ? -5.354  1.996   -3.425  1.00 22.81 ? 61  PHE A N     1 
ATOM   442 C CA    . PHE A 1 61 ? -5.486  1.228   -2.192  1.00 22.77 ? 61  PHE A CA    1 
ATOM   443 C C     . PHE A 1 61 ? -6.400  1.894   -1.170  1.00 24.15 ? 61  PHE A C     1 
ATOM   444 O O     . PHE A 1 61 ? -6.645  3.096   -1.228  1.00 24.50 ? 61  PHE A O     1 
ATOM   445 C CB    . PHE A 1 61 ? -4.106  1.010   -1.568  1.00 22.03 ? 61  PHE A CB    1 
ATOM   446 C CG    . PHE A 1 61 ? -3.365  2.287   -1.277  1.00 21.51 ? 61  PHE A CG    1 
ATOM   447 C CD1   . PHE A 1 61 ? -2.618  2.913   -2.261  1.00 21.12 ? 61  PHE A CD1   1 
ATOM   448 C CD2   . PHE A 1 61 ? -3.419  2.864   -0.018  1.00 22.09 ? 61  PHE A CD2   1 
ATOM   449 C CE1   . PHE A 1 61 ? -1.940  4.089   -1.997  1.00 21.45 ? 61  PHE A CE1   1 
ATOM   450 C CE2   . PHE A 1 61 ? -2.743  4.039   0.252   1.00 22.33 ? 61  PHE A CE2   1 
ATOM   451 C CZ    . PHE A 1 61 ? -2.002  4.651   -0.739  1.00 21.98 ? 61  PHE A CZ    1 
ATOM   452 N N     . ASP A 1 62 ? -6.896  1.099   -0.229  1.00 23.74 ? 62  ASP A N     1 
ATOM   453 C CA    . ASP A 1 62 ? -7.622  1.630   0.917   1.00 22.94 ? 62  ASP A CA    1 
ATOM   454 C C     . ASP A 1 62 ? -6.646  1.844   2.068   1.00 23.00 ? 62  ASP A C     1 
ATOM   455 O O     . ASP A 1 62 ? -5.610  1.187   2.138   1.00 22.18 ? 62  ASP A O     1 
ATOM   456 C CB    . ASP A 1 62 ? -8.747  0.682   1.341   1.00 26.59 ? 62  ASP A CB    1 
ATOM   457 C CG    . ASP A 1 62 ? -9.673  0.326   0.195   1.00 28.00 ? 62  ASP A CG    1 
ATOM   458 O OD1   . ASP A 1 62 ? -9.908  1.191   -0.675  1.00 28.29 ? 62  ASP A OD1   1 
ATOM   459 O OD2   . ASP A 1 62 ? -10.168 -0.821  0.163   1.00 28.51 ? 62  ASP A OD2   1 
ATOM   460 N N     . VAL A 1 63 ? -6.968  2.770   2.964   1.00 24.64 ? 63  VAL A N     1 
ATOM   461 C CA    . VAL A 1 63 ? -6.149  2.984   4.151   1.00 25.75 ? 63  VAL A CA    1 
ATOM   462 C C     . VAL A 1 63 ? -6.914  2.544   5.392   1.00 28.84 ? 63  VAL A C     1 
ATOM   463 O O     . VAL A 1 63 ? -8.011  3.033   5.661   1.00 30.85 ? 63  VAL A O     1 
ATOM   464 C CB    . VAL A 1 63 ? -5.722  4.457   4.297   1.00 26.22 ? 63  VAL A CB    1 
ATOM   465 C CG1   . VAL A 1 63 ? -5.120  4.705   5.672   1.00 28.66 ? 63  VAL A CG1   1 
ATOM   466 C CG2   . VAL A 1 63 ? -4.739  4.834   3.199   1.00 24.95 ? 63  VAL A CG2   1 
ATOM   467 N N     . VAL A 1 64 ? -6.338  1.607   6.137   1.00 29.88 ? 64  VAL A N     1 
ATOM   468 C CA    . VAL A 1 64 ? -6.995  1.059   7.317   1.00 33.51 ? 64  VAL A CA    1 
ATOM   469 C C     . VAL A 1 64 ? -6.138  1.233   8.565   1.00 36.14 ? 64  VAL A C     1 
ATOM   470 O O     . VAL A 1 64 ? -4.960  1.574   8.478   1.00 35.04 ? 64  VAL A O     1 
ATOM   471 C CB    . VAL A 1 64 ? -7.318  -0.435  7.138   1.00 33.95 ? 64  VAL A CB    1 
ATOM   472 C CG1   . VAL A 1 64 ? -8.159  -0.650  5.889   1.00 32.11 ? 64  VAL A CG1   1 
ATOM   473 C CG2   . VAL A 1 64 ? -6.037  -1.248  7.065   1.00 33.08 ? 64  VAL A CG2   1 
ATOM   474 N N     . GLU A 1 65 ? -6.738  0.995   9.727   1.00 40.33 ? 65  GLU A N     1 
ATOM   475 C CA    . GLU A 1 65 ? -6.026  1.125   10.990  1.00 44.03 ? 65  GLU A CA    1 
ATOM   476 C C     . GLU A 1 65 ? -5.601  -0.232  11.538  1.00 46.29 ? 65  GLU A C     1 
ATOM   477 O O     . GLU A 1 65 ? -6.386  -0.926  12.184  1.00 49.75 ? 65  GLU A O     1 
ATOM   478 C CB    . GLU A 1 65 ? -6.890  1.855   12.022  1.00 48.51 ? 65  GLU A CB    1 
ATOM   479 C CG    . GLU A 1 65 ? -6.101  2.438   13.183  1.00 52.49 ? 65  GLU A CG    1 
ATOM   480 C CD    . GLU A 1 65 ? -5.354  3.704   12.806  1.00 50.68 ? 65  GLU A CD    1 
ATOM   481 O OE1   . GLU A 1 65 ? -4.530  4.175   13.619  1.00 53.86 ? 65  GLU A OE1   1 
ATOM   482 O OE2   . GLU A 1 65 ? -5.595  4.234   11.701  1.00 46.70 ? 65  GLU A OE2   1 
ATOM   483 N N     . GLY A 1 66 ? -4.353  -0.603  11.274  1.00 47.07 ? 66  GLY A N     1 
ATOM   484 C CA    . GLY A 1 66 ? -3.786  -1.826  11.813  1.00 51.84 ? 66  GLY A CA    1 
ATOM   485 C C     . GLY A 1 66 ? -3.433  -1.671  13.279  1.00 58.84 ? 66  GLY A C     1 
ATOM   486 O O     . GLY A 1 66 ? -3.907  -0.752  13.948  1.00 61.65 ? 66  GLY A O     1 
ATOM   487 N N     . GLU A 1 67 ? -2.592  -2.566  13.784  1.00 61.36 ? 67  GLU A N     1 
ATOM   488 C CA    . GLU A 1 67 ? -2.254  -2.570  15.202  1.00 67.25 ? 67  GLU A CA    1 
ATOM   489 C C     . GLU A 1 67 ? -1.210  -1.514  15.563  1.00 68.20 ? 67  GLU A C     1 
ATOM   490 O O     . GLU A 1 67 ? -1.176  -1.033  16.697  1.00 74.30 ? 67  GLU A O     1 
ATOM   491 C CB    . GLU A 1 67 ? -1.765  -3.958  15.622  1.00 70.31 ? 67  GLU A CB    1 
ATOM   492 C CG    . GLU A 1 67 ? -2.843  -5.032  15.564  1.00 69.99 ? 67  GLU A CG    1 
ATOM   493 C CD    . GLU A 1 67 ? -2.335  -6.400  15.974  1.00 73.36 ? 67  GLU A CD    1 
ATOM   494 O OE1   . GLU A 1 67 ? -1.400  -6.909  15.322  1.00 71.65 ? 67  GLU A OE1   1 
ATOM   495 O OE2   . GLU A 1 67 ? -2.871  -6.968  16.950  1.00 79.41 ? 67  GLU A OE2   1 
ATOM   496 N N     . LYS A 1 68 ? -0.366  -1.151  14.602  1.00 62.69 ? 68  LYS A N     1 
ATOM   497 C CA    . LYS A 1 68 ? 0.686   -0.168  14.849  1.00 63.05 ? 68  LYS A CA    1 
ATOM   498 C C     . LYS A 1 68 ? 0.448   1.110   14.042  1.00 58.00 ? 68  LYS A C     1 
ATOM   499 O O     . LYS A 1 68 ? 1.377   1.868   13.764  1.00 56.53 ? 68  LYS A O     1 
ATOM   500 C CB    . LYS A 1 68 ? 2.061   -0.764  14.523  1.00 63.83 ? 68  LYS A CB    1 
ATOM   501 C CG    . LYS A 1 68 ? 3.238   -0.074  15.213  1.00 69.73 ? 68  LYS A CG    1 
ATOM   502 C CD    . LYS A 1 68 ? 2.872   0.410   16.609  1.00 76.86 ? 68  LYS A CD    1 
ATOM   503 C CE    . LYS A 1 68 ? 4.007   1.207   17.235  1.00 77.77 ? 68  LYS A CE    1 
ATOM   504 N NZ    . LYS A 1 68 ? 5.253   0.401   17.360  1.00 81.39 ? 68  LYS A NZ    1 
ATOM   505 N N     . GLY A 1 69 ? -0.804  1.349   13.670  1.00 58.16 ? 69  GLY A N     1 
ATOM   506 C CA    . GLY A 1 69 ? -1.155  2.564   12.958  1.00 53.76 ? 69  GLY A CA    1 
ATOM   507 C C     . GLY A 1 69 ? -1.723  2.317   11.576  1.00 46.46 ? 69  GLY A C     1 
ATOM   508 O O     . GLY A 1 69 ? -2.103  1.198   11.241  1.00 44.78 ? 69  GLY A O     1 
ATOM   509 N N     . ALA A 1 70 ? -1.775  3.372   10.769  1.00 46.59 ? 70  ALA A N     1 
ATOM   510 C CA    . ALA A 1 70 ? -2.355  3.290   9.433   1.00 41.07 ? 70  ALA A CA    1 
ATOM   511 C C     . ALA A 1 70 ? -1.510  2.435   8.494   1.00 37.43 ? 70  ALA A C     1 
ATOM   512 O O     . ALA A 1 70 ? -0.281  2.477   8.535   1.00 38.62 ? 70  ALA A O     1 
ATOM   513 C CB    . ALA A 1 70 ? -2.536  4.686   8.853   1.00 39.96 ? 70  ALA A CB    1 
ATOM   514 N N     . GLU A 1 71 ? -2.183  1.659   7.652   1.00 32.68 ? 71  GLU A N     1 
ATOM   515 C CA    . GLU A 1 71 ? -1.508  0.839   6.654   1.00 29.84 ? 71  GLU A CA    1 
ATOM   516 C C     . GLU A 1 71 ? -2.401  0.632   5.436   1.00 27.25 ? 71  GLU A C     1 
ATOM   517 O O     . GLU A 1 71 ? -3.617  0.816   5.507   1.00 27.05 ? 71  GLU A O     1 
ATOM   518 C CB    . GLU A 1 71 ? -1.101  -0.513  7.245   1.00 32.21 ? 71  GLU A CB    1 
ATOM   519 C CG    . GLU A 1 71 ? -2.265  -1.376  7.699   1.00 33.80 ? 71  GLU A CG    1 
ATOM   520 C CD    . GLU A 1 71 ? -1.815  -2.718  8.245   1.00 37.90 ? 71  GLU A CD    1 
ATOM   521 O OE1   . GLU A 1 71 ? -0.708  -3.167  7.881   1.00 37.94 ? 71  GLU A OE1   1 
ATOM   522 O OE2   . GLU A 1 71 ? -2.569  -3.322  9.036   1.00 41.60 ? 71  GLU A OE2   1 
ATOM   523 N N     . ALA A 1 72 ? -1.792  0.248   4.318   1.00 26.47 ? 72  ALA A N     1 
ATOM   524 C CA    . ALA A 1 72 ? -2.530  0.051   3.076   1.00 23.43 ? 72  ALA A CA    1 
ATOM   525 C C     . ALA A 1 72 ? -3.242  -1.296  3.058   1.00 24.33 ? 72  ALA A C     1 
ATOM   526 O O     . ALA A 1 72 ? -2.844  -2.233  3.750   1.00 26.48 ? 72  ALA A O     1 
ATOM   527 C CB    . ALA A 1 72 ? -1.596  0.174   1.882   1.00 21.23 ? 72  ALA A CB    1 
ATOM   528 N N     . ALA A 1 73 ? -4.299  -1.382  2.258   1.00 22.75 ? 73  ALA A N     1 
ATOM   529 C CA    . ALA A 1 73 ? -5.076  -2.605  2.119   1.00 24.08 ? 73  ALA A CA    1 
ATOM   530 C C     . ALA A 1 73 ? -5.697  -2.666  0.730   1.00 23.04 ? 73  ALA A C     1 
ATOM   531 O O     . ALA A 1 73 ? -6.004  -1.628  0.141   1.00 21.87 ? 73  ALA A O     1 
ATOM   532 C CB    . ALA A 1 73 ? -6.153  -2.681  3.192   1.00 26.59 ? 73  ALA A CB    1 
ATOM   533 N N     . ASN A 1 74 ? -5.875  -3.880  0.213   1.00 26.00 ? 74  ASN A N     1 
ATOM   534 C CA    . ASN A 1 74 ? -6.427  -4.091  -1.123  1.00 26.43 ? 74  ASN A CA    1 
ATOM   535 C C     . ASN A 1 74 ? -5.664  -3.306  -2.187  1.00 23.91 ? 74  ASN A C     1 
ATOM   536 O O     . ASN A 1 74 ? -6.262  -2.620  -3.016  1.00 23.74 ? 74  ASN A O     1 
ATOM   537 C CB    . ASN A 1 74 ? -7.910  -3.712  -1.156  1.00 28.88 ? 74  ASN A CB    1 
ATOM   538 C CG    . ASN A 1 74 ? -8.727  -4.465  -0.124  1.00 32.74 ? 74  ASN A CG    1 
ATOM   539 O OD1   . ASN A 1 74 ? -8.597  -5.681  0.020   1.00 34.96 ? 74  ASN A OD1   1 
ATOM   540 N ND2   . ASN A 1 74 ? -9.573  -3.744  0.603   1.00 33.66 ? 74  ASN A ND2   1 
ATOM   541 N N     . VAL A 1 75 ? -4.340  -3.413  -2.153  1.00 25.76 ? 75  VAL A N     1 
ATOM   542 C CA    . VAL A 1 75 ? -3.478  -2.644  -3.043  1.00 23.53 ? 75  VAL A CA    1 
ATOM   543 C C     . VAL A 1 75 ? -3.476  -3.194  -4.466  1.00 24.17 ? 75  VAL A C     1 
ATOM   544 O O     . VAL A 1 75 ? -3.150  -4.361  -4.691  1.00 25.23 ? 75  VAL A O     1 
ATOM   545 C CB    . VAL A 1 75 ? -2.027  -2.613  -2.522  1.00 22.79 ? 75  VAL A CB    1 
ATOM   546 C CG1   . VAL A 1 75 ? -1.183  -1.667  -3.360  1.00 21.97 ? 75  VAL A CG1   1 
ATOM   547 C CG2   . VAL A 1 75 ? -1.998  -2.199  -1.058  1.00 22.57 ? 75  VAL A CG2   1 
ATOM   548 N N     . THR A 1 76 ? -3.844  -2.346  -5.423  1.00 23.40 ? 76  THR A N     1 
ATOM   549 C CA    . THR A 1 76 ? -3.809  -2.705  -6.840  1.00 25.02 ? 76  THR A CA    1 
ATOM   550 C C     . THR A 1 76 ? -3.199  -1.603  -7.688  1.00 24.56 ? 76  THR A C     1 
ATOM   551 O O     . THR A 1 76 ? -2.742  -0.585  -7.173  1.00 23.03 ? 76  THR A O     1 
ATOM   552 C CB    . THR A 1 76 ? -5.213  -2.985  -7.410  1.00 27.17 ? 76  THR A CB    1 
ATOM   553 O OG1   . THR A 1 76 ? -6.045  -1.834  -7.223  1.00 26.86 ? 76  THR A OG1   1 
ATOM   554 C CG2   . THR A 1 76 ? -5.845  -4.168  -6.739  1.00 28.25 ? 76  THR A CG2   1 
ATOM   555 N N     . GLY A 1 77 ? -3.211  -1.816  -9.000  1.00 24.40 ? 77  GLY A N     1 
ATOM   556 C CA    . GLY A 1 77 ? -2.883  -0.768  -9.945  1.00 25.70 ? 77  GLY A CA    1 
ATOM   557 C C     . GLY A 1 77 ? -4.077  0.157   -10.076 1.00 26.22 ? 77  GLY A C     1 
ATOM   558 O O     . GLY A 1 77 ? -5.187  -0.203  -9.687  1.00 26.84 ? 77  GLY A O     1 
ATOM   559 N N     . PRO A 1 78 ? -3.857  1.357   -10.628 1.00 26.29 ? 78  PRO A N     1 
ATOM   560 C CA    . PRO A 1 78 ? -4.907  2.374   -10.741 1.00 34.30 ? 78  PRO A CA    1 
ATOM   561 C C     . PRO A 1 78 ? -5.876  2.105   -11.890 1.00 40.20 ? 78  PRO A C     1 
ATOM   562 O O     . PRO A 1 78 ? -6.926  2.742   -11.966 1.00 43.50 ? 78  PRO A O     1 
ATOM   563 C CB    . PRO A 1 78 ? -4.113  3.657   -10.988 1.00 32.08 ? 78  PRO A CB    1 
ATOM   564 C CG    . PRO A 1 78 ? -2.909  3.189   -11.725 1.00 30.58 ? 78  PRO A CG    1 
ATOM   565 C CD    . PRO A 1 78 ? -2.572  1.828   -11.173 1.00 27.10 ? 78  PRO A CD    1 
ATOM   566 N N     . GLY A 1 79 ? -5.524  1.173   -12.769 1.00 32.77 ? 79  GLY A N     1 
ATOM   567 C CA    . GLY A 1 79 ? -6.370  0.842   -13.901 1.00 36.99 ? 79  GLY A CA    1 
ATOM   568 C C     . GLY A 1 79 ? -6.219  1.830   -15.042 1.00 40.38 ? 79  GLY A C     1 
ATOM   569 O O     . GLY A 1 79 ? -5.105  2.207   -15.404 1.00 40.40 ? 79  GLY A O     1 
ATOM   570 P P     . G   B 2 1  ? 9.317   -9.831  9.925   1.00 91.55 ? 9   G   V P     1 
ATOM   571 O OP1   . G   B 2 1  ? 10.760  -9.706  9.597   1.00 93.47 ? 9   G   V OP1   1 
ATOM   572 O OP2   . G   B 2 1  ? 8.462   -10.750 9.129   1.00 91.41 ? 9   G   V OP2   1 
ATOM   573 O "O5'" . G   B 2 1  ? 8.671   -8.377  9.857   1.00 85.55 ? 9   G   V "O5'" 1 
ATOM   574 C "C5'" . G   B 2 1  ? 7.807   -8.012  8.785   1.00 80.79 ? 9   G   V "C5'" 1 
ATOM   575 C "C4'" . G   B 2 1  ? 6.944   -6.826  9.138   1.00 76.59 ? 9   G   V "C4'" 1 
ATOM   576 O "O4'" . G   B 2 1  ? 5.599   -7.061  8.639   1.00 74.26 ? 9   G   V "O4'" 1 
ATOM   577 C "C3'" . G   B 2 1  ? 6.798   -6.551  10.633  1.00 78.60 ? 9   G   V "C3'" 1 
ATOM   578 O "O3'" . G   B 2 1  ? 6.636   -5.148  10.841  1.00 75.16 ? 9   G   V "O3'" 1 
ATOM   579 C "C2'" . G   B 2 1  ? 5.499   -7.268  10.976  1.00 79.31 ? 9   G   V "C2'" 1 
ATOM   580 O "O2'" . G   B 2 1  ? 4.844   -6.777  12.126  1.00 79.63 ? 9   G   V "O2'" 1 
ATOM   581 C "C1'" . G   B 2 1  ? 4.677   -7.033  9.713   1.00 74.87 ? 9   G   V "C1'" 1 
ATOM   582 N N9    . G   B 2 1  ? 3.658   -8.057  9.471   1.00 76.14 ? 9   G   V N9    1 
ATOM   583 C C8    . G   B 2 1  ? 3.842   -9.419  9.457   1.00 80.63 ? 9   G   V C8    1 
ATOM   584 N N7    . G   B 2 1  ? 2.745   -10.082 9.213   1.00 81.21 ? 9   G   V N7    1 
ATOM   585 C C5    . G   B 2 1  ? 1.777   -9.100  9.058   1.00 76.76 ? 9   G   V C5    1 
ATOM   586 C C6    . G   B 2 1  ? 0.390   -9.209  8.778   1.00 75.59 ? 9   G   V C6    1 
ATOM   587 O O6    . G   B 2 1  ? -0.284  -10.232 8.605   1.00 78.37 ? 9   G   V O6    1 
ATOM   588 N N1    . G   B 2 1  ? -0.217  -7.960  8.704   1.00 71.15 ? 9   G   V N1    1 
ATOM   589 C C2    . G   B 2 1  ? 0.425   -6.758  8.876   1.00 68.31 ? 9   G   V C2    1 
ATOM   590 N N2    . G   B 2 1  ? -0.336  -5.659  8.767   1.00 64.68 ? 9   G   V N2    1 
ATOM   591 N N3    . G   B 2 1  ? 1.717   -6.641  9.138   1.00 69.45 ? 9   G   V N3    1 
ATOM   592 C C4    . G   B 2 1  ? 2.325   -7.843  9.213   1.00 73.61 ? 9   G   V C4    1 
HETATM 593 P P     . 5MC B 2 2  ? 7.230   -4.452  12.161  1.00 77.56 ? 10  5MC V P     1 
HETATM 594 O OP1   . 5MC B 2 2  ? 8.459   -5.220  12.591  1.00 82.79 ? 10  5MC V OP1   1 
HETATM 595 O OP2   . 5MC B 2 2  ? 6.094   -4.260  13.135  1.00 77.62 ? 10  5MC V OP2   1 
HETATM 596 O "O5'" . 5MC B 2 2  ? 7.693   -3.014  11.661  1.00 74.08 ? 10  5MC V "O5'" 1 
HETATM 597 C "C5'" . 5MC B 2 2  ? 8.717   -2.873  10.681  1.00 73.60 ? 10  5MC V "C5'" 1 
HETATM 598 C "C4'" . 5MC B 2 2  ? 8.817   -1.453  10.178  1.00 70.16 ? 10  5MC V "C4'" 1 
HETATM 599 O "O4'" . 5MC B 2 2  ? 7.525   -1.037  9.654   1.00 65.95 ? 10  5MC V "O4'" 1 
HETATM 600 C "C3'" . 5MC B 2 2  ? 9.202   -0.414  11.230  1.00 71.52 ? 10  5MC V "C3'" 1 
HETATM 601 O "O3'" . 5MC B 2 2  ? 9.975   0.615   10.614  1.00 70.45 ? 10  5MC V "O3'" 1 
HETATM 602 C "C2'" . 5MC B 2 2  ? 7.850   0.152   11.646  1.00 68.88 ? 10  5MC V "C2'" 1 
HETATM 603 O "O2'" . 5MC B 2 2  ? 7.901   1.447   12.206  1.00 68.59 ? 10  5MC V "O2'" 1 
HETATM 604 C "C1'" . 5MC B 2 2  ? 7.097   0.135   10.320  1.00 64.68 ? 10  5MC V "C1'" 1 
HETATM 605 N N1    . 5MC B 2 2  ? 5.635   0.084   10.457  1.00 62.55 ? 10  5MC V N1    1 
HETATM 606 C C2    . 5MC B 2 2  ? 4.852   1.315   10.338  1.00 59.48 ? 10  5MC V C2    1 
HETATM 607 O O2    . 5MC B 2 2  ? 5.410   2.371   10.129  1.00 58.77 ? 10  5MC V O2    1 
HETATM 608 N N3    . 5MC B 2 2  ? 3.396   1.274   10.471  1.00 57.79 ? 10  5MC V N3    1 
HETATM 609 C C4    . 5MC B 2 2  ? 2.734   0.046   10.715  1.00 59.14 ? 10  5MC V C4    1 
HETATM 610 N N4    . 5MC B 2 2  ? 1.318   0.015   10.843  1.00 57.94 ? 10  5MC V N4    1 
HETATM 611 C C5    . 5MC B 2 2  ? 3.509   -1.191  10.835  1.00 62.31 ? 10  5MC V C5    1 
HETATM 612 C C6    . 5MC B 2 2  ? 4.976   -1.157  10.703  1.00 63.99 ? 10  5MC V C6    1 
HETATM 613 C CM5   . 5MC B 2 2  ? 2.799   -2.507  11.097  1.00 64.44 ? 10  5MC V CM5   1 
ATOM   614 P P     . C   B 2 3  ? 11.331  1.130   11.302  1.00 74.49 ? 11  C   V P     1 
ATOM   615 O OP1   . C   B 2 3  ? 11.685  0.192   12.397  1.00 79.17 ? 11  C   V OP1   1 
ATOM   616 O OP2   . C   B 2 3  ? 11.164  2.576   11.603  1.00 73.25 ? 11  C   V OP2   1 
ATOM   617 O "O5'" . C   B 2 3  ? 12.420  1.000   10.148  1.00 74.93 ? 11  C   V "O5'" 1 
ATOM   618 C "C5'" . C   B 2 3  ? 12.242  0.087   9.069   1.00 73.52 ? 11  C   V "C5'" 1 
ATOM   619 C "C4'" . C   B 2 3  ? 12.792  0.640   7.776   1.00 72.05 ? 11  C   V "C4'" 1 
ATOM   620 O "O4'" . C   B 2 3  ? 11.728  1.311   7.044   1.00 67.53 ? 11  C   V "O4'" 1 
ATOM   621 C "C3'" . C   B 2 3  ? 13.916  1.664   7.931   1.00 74.21 ? 11  C   V "C3'" 1 
ATOM   622 O "O3'" . C   B 2 3  ? 14.846  1.518   6.858   1.00 75.38 ? 11  C   V "O3'" 1 
ATOM   623 C "C2'" . C   B 2 3  ? 13.177  2.993   7.794   1.00 70.84 ? 11  C   V "C2'" 1 
ATOM   624 O "O2'" . C   B 2 3  ? 13.980  4.079   7.382   1.00 71.76 ? 11  C   V "O2'" 1 
ATOM   625 C "C1'" . C   B 2 3  ? 12.114  2.642   6.758   1.00 66.87 ? 11  C   V "C1'" 1 
ATOM   626 N N1    . C   B 2 3  ? 10.919  3.497   6.809   1.00 63.42 ? 11  C   V N1    1 
ATOM   627 C C2    . C   B 2 3  ? 10.535  4.173   5.646   1.00 60.81 ? 11  C   V C2    1 
ATOM   628 O O2    . C   B 2 3  ? 11.211  4.021   4.618   1.00 61.50 ? 11  C   V O2    1 
ATOM   629 N N3    . C   B 2 3  ? 9.440   4.966   5.669   1.00 58.09 ? 11  C   V N3    1 
ATOM   630 C C4    . C   B 2 3  ? 8.740   5.101   6.797   1.00 57.82 ? 11  C   V C4    1 
ATOM   631 N N4    . C   B 2 3  ? 7.667   5.895   6.774   1.00 55.45 ? 11  C   V N4    1 
ATOM   632 C C5    . C   B 2 3  ? 9.110   4.427   7.998   1.00 60.49 ? 11  C   V C5    1 
ATOM   633 C C6    . C   B 2 3  ? 10.196  3.644   7.960   1.00 63.26 ? 11  C   V C6    1 
ATOM   634 P P     . U   B 2 4  ? 16.294  0.876   7.135   1.00 80.80 ? 12  U   V P     1 
ATOM   635 O OP1   . U   B 2 4  ? 16.111  -0.273  8.056   1.00 83.09 ? 12  U   V OP1   1 
ATOM   636 O OP2   . U   B 2 4  ? 17.222  1.975   7.503   1.00 83.25 ? 12  U   V OP2   1 
ATOM   637 O "O5'" . U   B 2 4  ? 16.744  0.290   5.723   1.00 80.93 ? 12  U   V "O5'" 1 
ATOM   638 C "C5'" . U   B 2 4  ? 17.156  -1.069  5.594   1.00 83.83 ? 12  U   V "C5'" 1 
ATOM   639 C "C4'" . U   B 2 4  ? 16.003  -1.961  5.208   1.00 81.15 ? 12  U   V "C4'" 1 
ATOM   640 O "O4'" . U   B 2 4  ? 15.039  -1.170  4.469   1.00 76.35 ? 12  U   V "O4'" 1 
ATOM   641 C "C3'" . U   B 2 4  ? 16.364  -3.133  4.307   1.00 83.27 ? 12  U   V "C3'" 1 
ATOM   642 O "O3'" . U   B 2 4  ? 15.450  -4.204  4.538   1.00 82.88 ? 12  U   V "O3'" 1 
ATOM   643 C "C2'" . U   B 2 4  ? 16.148  -2.559  2.912   1.00 80.44 ? 12  U   V "C2'" 1 
ATOM   644 O "O2'" . U   B 2 4  ? 15.871  -3.528  1.922   1.00 80.74 ? 12  U   V "O2'" 1 
ATOM   645 C "C1'" . U   B 2 4  ? 14.958  -1.623  3.129   1.00 75.67 ? 12  U   V "C1'" 1 
ATOM   646 N N1    . U   B 2 4  ? 14.989  -0.419  2.286   1.00 73.58 ? 12  U   V N1    1 
ATOM   647 C C2    . U   B 2 4  ? 14.772  -0.494  0.922   1.00 72.57 ? 12  U   V C2    1 
ATOM   648 O O2    . U   B 2 4  ? 14.563  -1.538  0.328   1.00 73.32 ? 12  U   V O2    1 
ATOM   649 N N3    . U   B 2 4  ? 14.828  0.716   0.273   1.00 71.25 ? 12  U   V N3    1 
ATOM   650 C C4    . U   B 2 4  ? 15.059  1.958   0.832   1.00 70.85 ? 12  U   V C4    1 
ATOM   651 O O4    . U   B 2 4  ? 15.074  2.960   0.118   1.00 70.15 ? 12  U   V O4    1 
ATOM   652 C C5    . U   B 2 4  ? 15.263  1.949   2.245   1.00 71.88 ? 12  U   V C5    1 
ATOM   653 C C6    . U   B 2 4  ? 15.218  0.789   2.901   1.00 73.18 ? 12  U   V C6    1 
HETATM 654 O O     . HOH C 3 .  ? 1.627   3.437   8.132   1.00 30.43 ? 101 HOH A O     1 
HETATM 655 O O     . HOH C 3 .  ? 3.640   -15.561 -8.369  1.00 38.53 ? 102 HOH A O     1 
HETATM 656 O O     . HOH C 3 .  ? 4.196   -12.329 5.245   1.00 34.81 ? 103 HOH A O     1 
HETATM 657 O O     . HOH C 3 .  ? -3.209  0.932   -14.679 1.00 39.56 ? 104 HOH A O     1 
HETATM 658 O O     . HOH C 3 .  ? 5.828   -10.808 -1.093  1.00 27.28 ? 105 HOH A O     1 
HETATM 659 O O     . HOH C 3 .  ? 0.552   -0.322  -11.060 1.00 31.00 ? 106 HOH A O     1 
HETATM 660 O O     . HOH C 3 .  ? 3.048   10.514  -3.663  1.00 24.17 ? 107 HOH A O     1 
HETATM 661 O O     . HOH C 3 .  ? 10.881  -4.266  -5.078  1.00 18.95 ? 108 HOH A O     1 
HETATM 662 O O     . HOH C 3 .  ? 11.646  -13.708 2.451   1.00 29.58 ? 109 HOH A O     1 
HETATM 663 O O     . HOH C 3 .  ? 4.364   6.302   -10.719 1.00 21.22 ? 110 HOH A O     1 
HETATM 664 O O     . HOH C 3 .  ? 8.523   -6.273  -6.010  1.00 27.40 ? 111 HOH A O     1 
HETATM 665 O O     . HOH C 3 .  ? 7.702   -13.568 3.115   1.00 42.59 ? 112 HOH A O     1 
HETATM 666 O O     . HOH C 3 .  ? -0.634  -3.594  4.958   1.00 17.90 ? 113 HOH A O     1 
HETATM 667 O O     . HOH C 3 .  ? 5.175   -15.777 -6.798  1.00 25.11 ? 114 HOH A O     1 
HETATM 668 O O     . HOH C 3 .  ? 1.355   9.027   -8.717  1.00 40.71 ? 115 HOH A O     1 
HETATM 669 O O     . HOH C 3 .  ? -9.285  0.882   -3.585  1.00 35.78 ? 116 HOH A O     1 
HETATM 670 O O     . HOH C 3 .  ? -6.090  -6.407  1.845   1.00 28.24 ? 117 HOH A O     1 
HETATM 671 O O     . HOH C 3 .  ? -1.812  8.055   6.273   1.00 32.26 ? 118 HOH A O     1 
HETATM 672 O O     . HOH C 3 .  ? -12.045 -6.370  10.186  1.00 42.83 ? 119 HOH A O     1 
HETATM 673 O O     . HOH C 3 .  ? -8.105  -0.748  -4.805  1.00 43.76 ? 120 HOH A O     1 
HETATM 674 O O     . HOH C 3 .  ? 7.944   -0.613  15.327  1.00 41.58 ? 121 HOH A O     1 
HETATM 675 O O     . HOH C 3 .  ? -6.597  -11.268 -4.025  1.00 33.20 ? 122 HOH A O     1 
HETATM 676 O O     . HOH C 3 .  ? -0.672  -10.616 -14.328 1.00 43.48 ? 123 HOH A O     1 
HETATM 677 O O     . HOH C 3 .  ? 2.704   10.065  -9.662  1.00 44.63 ? 124 HOH A O     1 
HETATM 678 O O     . HOH C 3 .  ? -0.553  -1.440  -12.741 1.00 37.83 ? 125 HOH A O     1 
HETATM 679 O O     . HOH C 3 .  ? 8.973   -13.652 5.888   1.00 45.81 ? 126 HOH A O     1 
HETATM 680 O O     . HOH C 3 .  ? -3.122  -10.674 -15.401 1.00 34.61 ? 127 HOH A O     1 
HETATM 681 O O     . HOH D 3 .  ? 11.596  -7.550  9.669   1.00 58.09 ? 101 HOH V O     1 
HETATM 682 O O     . HOH D 3 .  ? 10.491  -11.727 7.383   1.00 31.79 ? 102 HOH V O     1 
HETATM 683 O O     . HOH D 3 .  ? 9.998   -0.252  15.319  1.00 42.39 ? 103 HOH V O     1 
# 
loop_
_atom_site_anisotrop.id 
_atom_site_anisotrop.type_symbol 
_atom_site_anisotrop.pdbx_label_atom_id 
_atom_site_anisotrop.pdbx_label_alt_id 
_atom_site_anisotrop.pdbx_label_comp_id 
_atom_site_anisotrop.pdbx_label_asym_id 
_atom_site_anisotrop.pdbx_label_seq_id 
_atom_site_anisotrop.pdbx_PDB_ins_code 
_atom_site_anisotrop.U[1][1] 
_atom_site_anisotrop.U[2][2] 
_atom_site_anisotrop.U[3][3] 
_atom_site_anisotrop.U[1][2] 
_atom_site_anisotrop.U[1][3] 
_atom_site_anisotrop.U[2][3] 
_atom_site_anisotrop.pdbx_auth_seq_id 
_atom_site_anisotrop.pdbx_auth_comp_id 
_atom_site_anisotrop.pdbx_auth_asym_id 
_atom_site_anisotrop.pdbx_auth_atom_id 
1   N N     . LYS A 2  ? 0.7070 0.8102 0.6295 0.0452  0.2724  0.1446  2  LYS A N     
2   C CA    . LYS A 2  ? 0.6781 0.7945 0.5862 0.0585  0.2451  0.1361  2  LYS A CA    
3   C C     . LYS A 2  ? 0.6393 0.7951 0.5789 0.0490  0.2384  0.1174  2  LYS A C     
4   O O     . LYS A 2  ? 0.6146 0.7839 0.5965 0.0248  0.2456  0.1069  2  LYS A O     
5   C CB    . LYS A 2  ? 0.6594 0.7540 0.5664 0.0527  0.2313  0.1382  2  LYS A CB    
6   C CG    . LYS A 2  ? 0.6970 0.7552 0.5987 0.0474  0.2448  0.1523  2  LYS A CG    
7   C CD    . LYS A 2  ? 0.6830 0.7221 0.5807 0.0446  0.2281  0.1527  2  LYS A CD    
8   C CE    . LYS A 2  ? 0.7205 0.7283 0.6270 0.0326  0.2420  0.1616  2  LYS A CE    
9   N NZ    . LYS A 2  ? 0.7105 0.7007 0.6123 0.0310  0.2250  0.1613  2  LYS A NZ    
10  N N     . LYS A 3  ? 0.5629 0.7392 0.4826 0.0702  0.2228  0.1105  3  LYS A N     
11  C CA    . LYS A 3  ? 0.5309 0.7460 0.4749 0.0682  0.2141  0.0925  3  LYS A CA    
12  C C     . LYS A 3  ? 0.4975 0.7118 0.4566 0.0608  0.1846  0.0778  3  LYS A C     
13  O O     . LYS A 3  ? 0.3886 0.5811 0.3253 0.0696  0.1643  0.0789  3  LYS A O     
14  C CB    . LYS A 3  ? 0.5328 0.7641 0.4493 0.0937  0.2049  0.0875  3  LYS A CB    
15  C CG    . LYS A 3  ? 0.5676 0.7891 0.4639 0.1029  0.2233  0.0998  3  LYS A CG    
16  C CD    . LYS A 3  ? 0.5606 0.8125 0.4548 0.1160  0.2208  0.0889  3  LYS A CD    
17  C CE    . LYS A 3  ? 0.6023 0.8491 0.4801 0.1244  0.2414  0.1010  3  LYS A CE    
18  N NZ    . LYS A 3  ? 0.6190 0.8697 0.4580 0.1561  0.2248  0.1003  3  LYS A NZ    
19  N N     . VAL A 4  ? 0.3679 0.6068 0.3661 0.0450  0.1822  0.0625  4  VAL A N     
20  C CA    . VAL A 4  ? 0.3357 0.5757 0.3461 0.0418  0.1544  0.0482  4  VAL A CA    
21  C C     . VAL A 4  ? 0.3321 0.5790 0.3216 0.0633  0.1327  0.0384  4  VAL A C     
22  O O     . VAL A 4  ? 0.3402 0.6120 0.3292 0.0734  0.1378  0.0323  4  VAL A O     
23  C CB    . VAL A 4  ? 0.3950 0.6650 0.4508 0.0240  0.1579  0.0328  4  VAL A CB    
24  C CG1   . VAL A 4  ? 0.2862 0.5548 0.3487 0.0248  0.1310  0.0214  4  VAL A CG1   
25  C CG2   . VAL A 4  ? 0.4013 0.6657 0.4837 0.0010  0.1831  0.0392  4  VAL A CG2   
26  N N     . ILE A 5  ? 0.3227 0.5466 0.2964 0.0702  0.1100  0.0362  5  ILE A N     
27  C CA    . ILE A 5  ? 0.3755 0.6003 0.3333 0.0889  0.0911  0.0253  5  ILE A CA    
28  C C     . ILE A 5  ? 0.3633 0.5968 0.3408 0.0870  0.0770  0.0127  5  ILE A C     
29  O O     . ILE A 5  ? 0.3686 0.6198 0.3465 0.0997  0.0718  0.0023  5  ILE A O     
30  C CB    . ILE A 5  ? 0.3751 0.5707 0.3063 0.0991  0.0766  0.0269  5  ILE A CB    
31  C CG1   . ILE A 5  ? 0.3906 0.5822 0.2955 0.1090  0.0891  0.0384  5  ILE A CG1   
32  C CG2   . ILE A 5  ? 0.3793 0.5734 0.3022 0.1151  0.0586  0.0121  5  ILE A CG2   
33  C CD1   . ILE A 5  ? 0.4050 0.6207 0.2990 0.1239  0.1006  0.0375  5  ILE A CD1   
34  N N     . ALA A 6  ? 0.2835 0.5046 0.2750 0.0736  0.0716  0.0142  6  ALA A N     
35  C CA    . ALA A 6  ? 0.2665 0.4950 0.2735 0.0745  0.0597  0.0047  6  ALA A CA    
36  C C     . ALA A 6  ? 0.2512 0.4879 0.2843 0.0560  0.0644  0.0052  6  ALA A C     
37  O O     . ALA A 6  ? 0.2744 0.4985 0.3106 0.0417  0.0739  0.0145  6  ALA A O     
38  C CB    . ALA A 6  ? 0.2662 0.4638 0.2572 0.0839  0.0426  0.0034  6  ALA A CB    
39  N N     . THR A 7  ? 0.2529 0.5113 0.3035 0.0588  0.0577  -0.0056 7  THR A N     
40  C CA    . THR A 7  ? 0.2302 0.5035 0.3086 0.0437  0.0602  -0.0101 7  THR A CA    
41  C C     . THR A 7  ? 0.2206 0.4891 0.2980 0.0528  0.0436  -0.0143 7  THR A C     
42  O O     . THR A 7  ? 0.2216 0.4858 0.2830 0.0722  0.0339  -0.0166 7  THR A O     
43  C CB    . THR A 7  ? 0.2352 0.5562 0.3453 0.0376  0.0731  -0.0241 7  THR A CB    
44  O OG1   . THR A 7  ? 0.2382 0.5709 0.3791 0.0181  0.0795  -0.0297 7  THR A OG1   
45  C CG2   . THR A 7  ? 0.2206 0.5747 0.3343 0.0573  0.0627  -0.0394 7  THR A CG2   
46  N N     . LYS A 8  ? 0.2260 0.4936 0.3194 0.0398  0.0423  -0.0147 8  LYS A N     
47  C CA    . LYS A 8  ? 0.2246 0.4887 0.3167 0.0486  0.0286  -0.0170 8  LYS A CA    
48  C C     . LYS A 8  ? 0.2291 0.4515 0.2913 0.0613  0.0191  -0.0062 8  LYS A C     
49  O O     . LYS A 8  ? 0.2372 0.4573 0.2899 0.0792  0.0113  -0.0077 8  LYS A O     
50  C CB    . LYS A 8  ? 0.2318 0.5403 0.3374 0.0645  0.0243  -0.0335 8  LYS A CB    
51  C CG    . LYS A 8  ? 0.2327 0.5891 0.3725 0.0532  0.0354  -0.0499 8  LYS A CG    
52  C CD    . LYS A 8  ? 0.2425 0.6494 0.3977 0.0713  0.0281  -0.0704 8  LYS A CD    
53  C CE    . LYS A 8  ? 0.2591 0.7001 0.4463 0.0551  0.0380  -0.0884 8  LYS A CE    
54  N NZ    . LYS A 8  ? 0.2635 0.7055 0.4768 0.0340  0.0403  -0.0964 8  LYS A NZ    
55  N N     . VAL A 9  ? 0.2236 0.4137 0.2720 0.0530  0.0211  0.0038  9  VAL A N     
56  C CA    . VAL A 9  ? 0.2330 0.3850 0.2604 0.0606  0.0137  0.0102  9  VAL A CA    
57  C C     . VAL A 9  ? 0.2316 0.3624 0.2611 0.0529  0.0082  0.0158  9  VAL A C     
58  O O     . VAL A 9  ? 0.2220 0.3540 0.2621 0.0371  0.0105  0.0188  9  VAL A O     
59  C CB    . VAL A 9  ? 0.2419 0.3751 0.2548 0.0574  0.0164  0.0140  9  VAL A CB    
60  C CG1   . VAL A 9  ? 0.2567 0.3558 0.2549 0.0646  0.0087  0.0143  9  VAL A CG1   
61  C CG2   . VAL A 9  ? 0.2488 0.4045 0.2586 0.0654  0.0232  0.0093  9  VAL A CG2   
62  N N     . LEU A 10 ? 0.2211 0.3309 0.2409 0.0648  0.0026  0.0178  10 LEU A N     
63  C CA    . LEU A 10 ? 0.2152 0.3027 0.2357 0.0590  -0.0011 0.0239  10 LEU A CA    
64  C C     . LEU A 10 ? 0.2214 0.2736 0.2330 0.0525  -0.0025 0.0270  10 LEU A C     
65  O O     . LEU A 10 ? 0.2356 0.2750 0.2382 0.0599  -0.0019 0.0232  10 LEU A O     
66  C CB    . LEU A 10 ? 0.2361 0.3202 0.2511 0.0770  -0.0028 0.0256  10 LEU A CB    
67  C CG    . LEU A 10 ? 0.2324 0.3570 0.2570 0.0866  -0.0044 0.0196  10 LEU A CG    
68  C CD1   . LEU A 10 ? 0.2466 0.3655 0.2569 0.1125  -0.0050 0.0229  10 LEU A CD1   
69  C CD2   . LEU A 10 ? 0.2279 0.3681 0.2700 0.0703  -0.0067 0.0179  10 LEU A CD2   
70  N N     . GLY A 11 ? 0.2629 0.3022 0.2789 0.0394  -0.0048 0.0313  11 GLY A N     
71  C CA    . GLY A 11 ? 0.2192 0.2310 0.2301 0.0335  -0.0074 0.0307  11 GLY A CA    
72  C C     . GLY A 11 ? 0.2095 0.2071 0.2263 0.0233  -0.0102 0.0352  11 GLY A C     
73  O O     . GLY A 11 ? 0.2091 0.2190 0.2329 0.0194  -0.0107 0.0394  11 GLY A O     
74  N N     . THR A 12 ? 0.2490 0.2235 0.2647 0.0194  -0.0124 0.0318  12 THR A N     
75  C CA    . THR A 12 ? 0.2421 0.2044 0.2641 0.0094  -0.0151 0.0347  12 THR A CA    
76  C C     . THR A 12 ? 0.2478 0.2098 0.2675 0.0006  -0.0199 0.0311  12 THR A C     
77  O O     . THR A 12 ? 0.2571 0.2153 0.2721 0.0039  -0.0220 0.0219  12 THR A O     
78  C CB    . THR A 12 ? 0.2553 0.1909 0.2818 0.0121  -0.0116 0.0327  12 THR A CB    
79  O OG1   . THR A 12 ? 0.2847 0.2081 0.3124 0.0132  -0.0117 0.0203  12 THR A OG1   
80  C CG2   . THR A 12 ? 0.2544 0.1858 0.2775 0.0258  -0.0048 0.0393  12 THR A CG2   
81  N N     . VAL A 13 ? 0.2351 0.2026 0.2572 -0.0083 -0.0217 0.0372  13 VAL A N     
82  C CA    . VAL A 13 ? 0.2607 0.2267 0.2772 -0.0134 -0.0254 0.0361  13 VAL A CA    
83  C C     . VAL A 13 ? 0.2877 0.2397 0.3072 -0.0143 -0.0309 0.0261  13 VAL A C     
84  O O     . VAL A 13 ? 0.2913 0.2330 0.3210 -0.0198 -0.0317 0.0264  13 VAL A O     
85  C CB    . VAL A 13 ? 0.2514 0.2217 0.2719 -0.0227 -0.0251 0.0445  13 VAL A CB    
86  C CG1   . VAL A 13 ? 0.1708 0.1372 0.1807 -0.0240 -0.0271 0.0452  13 VAL A CG1   
87  C CG2   . VAL A 13 ? 0.2499 0.2375 0.2759 -0.0243 -0.0184 0.0494  13 VAL A CG2   
88  N N     . LYS A 14 ? 0.2721 0.2264 0.2840 -0.0078 -0.0344 0.0155  14 LYS A N     
89  C CA    . LYS A 14 ? 0.2815 0.2290 0.3011 -0.0085 -0.0403 0.0000  14 LYS A CA    
90  C C     . LYS A 14 ? 0.2680 0.2176 0.2852 -0.0132 -0.0460 0.0017  14 LYS A C     
91  O O     . LYS A 14 ? 0.2637 0.2059 0.2946 -0.0205 -0.0481 -0.0034 14 LYS A O     
92  C CB    . LYS A 14 ? 0.3172 0.2732 0.3300 0.0026  -0.0441 -0.0160 14 LYS A CB    
93  C CG    . LYS A 14 ? 0.3424 0.2960 0.3712 0.0015  -0.0499 -0.0390 14 LYS A CG    
94  C CD    . LYS A 14 ? 0.3723 0.3410 0.3949 0.0148  -0.0559 -0.0588 14 LYS A CD    
95  C CE    . LYS A 14 ? 0.3850 0.3534 0.4328 0.0117  -0.0602 -0.0876 14 LYS A CE    
96  N NZ    . LYS A 14 ? 0.4097 0.4003 0.4525 0.0269  -0.0692 -0.1121 14 LYS A NZ    
97  N N     . TRP A 15 ? 0.3472 0.3055 0.3463 -0.0080 -0.0465 0.0097  15 TRP A N     
98  C CA    . TRP A 15 ? 0.3252 0.2828 0.3182 -0.0105 -0.0496 0.0154  15 TRP A CA    
99  C C     . TRP A 15 ? 0.3126 0.2729 0.2866 -0.0058 -0.0428 0.0305  15 TRP A C     
100 O O     . TRP A 15 ? 0.3247 0.2910 0.2862 0.0031  -0.0376 0.0326  15 TRP A O     
101 C CB    . TRP A 15 ? 0.3273 0.2906 0.3182 -0.0036 -0.0598 -0.0016 15 TRP A CB    
102 C CG    . TRP A 15 ? 0.3445 0.3210 0.3177 0.0136  -0.0635 -0.0121 15 TRP A CG    
103 C CD1   . TRP A 15 ? 0.3524 0.3371 0.3326 0.0199  -0.0670 -0.0311 15 TRP A CD1   
104 C CD2   . TRP A 15 ? 0.3593 0.3428 0.3038 0.0293  -0.0630 -0.0044 15 TRP A CD2   
105 N NE1   . TRP A 15 ? 0.3748 0.3752 0.3320 0.0394  -0.0710 -0.0373 15 TRP A NE1   
106 C CE2   . TRP A 15 ? 0.3836 0.3826 0.3165 0.0467  -0.0677 -0.0194 15 TRP A CE2   
107 C CE3   . TRP A 15 ? 0.3616 0.3376 0.2880 0.0319  -0.0575 0.0140  15 TRP A CE3   
108 C CZ2   . TRP A 15 ? 0.4159 0.4248 0.3164 0.0688  -0.0671 -0.0151 15 TRP A CZ2   
109 C CZ3   . TRP A 15 ? 0.3943 0.3752 0.2894 0.0526  -0.0545 0.0199  15 TRP A CZ3   
110 C CH2   . TRP A 15 ? 0.4205 0.4185 0.3010 0.0721  -0.0593 0.0063  15 TRP A CH2   
111 N N     . PHE A 16 ? 0.2873 0.2415 0.2603 -0.0119 -0.0408 0.0409  16 PHE A N     
112 C CA    . PHE A 16 ? 0.2916 0.2423 0.2496 -0.0090 -0.0304 0.0555  16 PHE A CA    
113 C C     . PHE A 16 ? 0.2986 0.2407 0.2464 -0.0065 -0.0332 0.0596  16 PHE A C     
114 O O     . PHE A 16 ? 0.2942 0.2319 0.2562 -0.0171 -0.0373 0.0594  16 PHE A O     
115 C CB    . PHE A 16 ? 0.2668 0.2181 0.2405 -0.0218 -0.0199 0.0648  16 PHE A CB    
116 C CG    . PHE A 16 ? 0.2805 0.2259 0.2462 -0.0225 -0.0049 0.0782  16 PHE A CG    
117 C CD1   . PHE A 16 ? 0.2813 0.2158 0.2517 -0.0303 -0.0008 0.0851  16 PHE A CD1   
118 C CD2   . PHE A 16 ? 0.3001 0.2491 0.2544 -0.0155 0.0074  0.0839  16 PHE A CD2   
119 C CE1   . PHE A 16 ? 0.3031 0.2273 0.2691 -0.0321 0.0171  0.0972  16 PHE A CE1   
120 C CE2   . PHE A 16 ? 0.3218 0.2617 0.2707 -0.0171 0.0259  0.0971  16 PHE A CE2   
121 C CZ    . PHE A 16 ? 0.3277 0.2536 0.2834 -0.0259 0.0317  0.1038  16 PHE A CZ    
122 N N     . ASN A 17 ? 0.3270 0.2674 0.2480 0.0103  -0.0306 0.0636  17 ASN A N     
123 C CA    . ASN A 17 ? 0.3389 0.2712 0.2447 0.0183  -0.0332 0.0675  17 ASN A CA    
124 C C     . ASN A 17 ? 0.3486 0.2625 0.2429 0.0176  -0.0152 0.0881  17 ASN A C     
125 O O     . ASN A 17 ? 0.3751 0.2842 0.2500 0.0285  -0.0012 0.0991  17 ASN A O     
126 C CB    . ASN A 17 ? 0.3671 0.3109 0.2480 0.0424  -0.0425 0.0567  17 ASN A CB    
127 C CG    . ASN A 17 ? 0.3667 0.3072 0.2326 0.0536  -0.0493 0.0562  17 ASN A CG    
128 O OD1   . ASN A 17 ? 0.3818 0.3060 0.2262 0.0623  -0.0380 0.0737  17 ASN A OD1   
129 N ND2   . ASN A 17 ? 0.3503 0.3059 0.2289 0.0538  -0.0662 0.0354  17 ASN A ND2   
130 N N     . VAL A 18 ? 0.3596 0.3382 0.2686 0.2082  0.0057  -0.0117 18 VAL A N     
131 C CA    . VAL A 18 ? 0.3955 0.3254 0.2491 0.2130  -0.0185 -0.0087 18 VAL A CA    
132 C C     . VAL A 18 ? 0.4252 0.3671 0.2929 0.2160  -0.0373 -0.0135 18 VAL A C     
133 O O     . VAL A 18 ? 0.4478 0.3560 0.2773 0.2106  -0.0585 -0.0119 18 VAL A O     
134 C CB    . VAL A 18 ? 0.4554 0.3326 0.2529 0.2281  -0.0058 -0.0089 18 VAL A CB    
135 C CG1   . VAL A 18 ? 0.4728 0.3152 0.2342 0.2226  0.0034  -0.0034 18 VAL A CG1   
136 C CG2   . VAL A 18 ? 0.4691 0.3702 0.2993 0.2428  0.0236  -0.0138 18 VAL A CG2   
137 N N     . ARG A 19 ? 0.3755 0.3627 0.3010 0.2202  -0.0307 -0.0196 19 ARG A N     
138 C CA    . ARG A 19 ? 0.3833 0.3770 0.3227 0.2243  -0.0520 -0.0244 19 ARG A CA    
139 C C     . ARG A 19 ? 0.4457 0.4393 0.3785 0.2065  -0.0761 -0.0230 19 ARG A C     
140 O O     . ARG A 19 ? 0.4720 0.4383 0.3737 0.2026  -0.0948 -0.0233 19 ARG A O     
141 C CB    . ARG A 19 ? 0.3762 0.4140 0.3880 0.2341  -0.0405 -0.0289 19 ARG A CB    
142 C CG    . ARG A 19 ? 0.4651 0.5081 0.4966 0.2394  -0.0667 -0.0329 19 ARG A CG    
143 C CD    . ARG A 19 ? 0.4493 0.5418 0.5708 0.2449  -0.0607 -0.0334 19 ARG A CD    
144 N NE    . ARG A 19 ? 0.4666 0.5586 0.6083 0.2586  -0.0782 -0.0348 19 ARG A NE    
145 C CZ    . ARG A 19 ? 0.4625 0.5825 0.6715 0.2754  -0.0603 -0.0311 19 ARG A CZ    
146 N NH1   . ARG A 19 ? 0.4457 0.5930 0.7075 0.2784  -0.0212 -0.0268 19 ARG A NH1   
147 N NH2   . ARG A 19 ? 0.4847 0.6027 0.7103 0.2890  -0.0789 -0.0312 19 ARG A NH2   
148 N N     . ASN A 20 ? 0.4316 0.4498 0.3887 0.1954  -0.0715 -0.0214 20 ASN A N     
149 C CA    . ASN A 20 ? 0.4161 0.4250 0.3566 0.1806  -0.0875 -0.0186 20 ASN A CA    
150 C C     . ASN A 20 ? 0.3972 0.3782 0.2985 0.1667  -0.0830 -0.0070 20 ASN A C     
151 O O     . ASN A 20 ? 0.3987 0.3600 0.2774 0.1554  -0.0901 -0.0014 20 ASN A O     
152 C CB    . ASN A 20 ? 0.4092 0.4500 0.3876 0.1767  -0.0867 -0.0220 20 ASN A CB    
153 C CG    . ASN A 20 ? 0.4156 0.4916 0.4551 0.1845  -0.0898 -0.0305 20 ASN A CG    
154 O OD1   . ASN A 20 ? 0.4306 0.5017 0.4788 0.1901  -0.1089 -0.0344 20 ASN A OD1   
155 N ND2   . ASN A 20 ? 0.4190 0.5305 0.5061 0.1822  -0.0695 -0.0315 20 ASN A ND2   
156 N N     . GLY A 21 ? 0.4116 0.3881 0.3073 0.1673  -0.0701 -0.0022 21 GLY A N     
157 C CA    . GLY A 21 ? 0.4032 0.3557 0.2770 0.1506  -0.0700 0.0102  21 GLY A CA    
158 C C     . GLY A 21 ? 0.3628 0.3315 0.2514 0.1410  -0.0602 0.0193  21 GLY A C     
159 O O     . GLY A 21 ? 0.3648 0.3207 0.2494 0.1269  -0.0610 0.0326  21 GLY A O     
160 N N     . TYR A 22 ? 0.3570 0.3556 0.2729 0.1406  -0.0457 0.0113  22 TYR A N     
161 C CA    . TYR A 22 ? 0.3335 0.3438 0.2627 0.1267  -0.0310 0.0167  22 TYR A CA    
162 C C     . TYR A 22 ? 0.3163 0.3508 0.2712 0.1255  -0.0144 0.0088  22 TYR A C     
163 O O     . TYR A 22 ? 0.2772 0.3237 0.2468 0.1353  -0.0104 0.0003  22 TYR A O     
164 C CB    . TYR A 22 ? 0.3419 0.3486 0.2633 0.1223  -0.0328 0.0179  22 TYR A CB    
165 C CG    . TYR A 22 ? 0.3553 0.3746 0.2871 0.1264  -0.0398 0.0041  22 TYR A CG    
166 C CD1   . TYR A 22 ? 0.3836 0.3967 0.3101 0.1371  -0.0614 -0.0036 22 TYR A CD1   
167 C CD2   . TYR A 22 ? 0.3496 0.3831 0.2985 0.1190  -0.0297 -0.0003 22 TYR A CD2   
168 C CE1   . TYR A 22 ? 0.3987 0.4222 0.3439 0.1396  -0.0761 -0.0146 22 TYR A CE1   
169 C CE2   . TYR A 22 ? 0.3661 0.4072 0.3293 0.1197  -0.0436 -0.0114 22 TYR A CE2   
170 C CZ    . TYR A 22 ? 0.3924 0.4296 0.3574 0.1296  -0.0685 -0.0181 22 TYR A CZ    
171 O OH    . TYR A 22 ? 0.4132 0.4567 0.4014 0.1291  -0.0903 -0.0277 22 TYR A OH    
172 N N     . GLY A 23 ? 0.3063 0.3463 0.2688 0.1144  -0.0019 0.0133  23 GLY A N     
173 C CA    . GLY A 23 ? 0.2888 0.3461 0.2716 0.1101  0.0140  0.0076  23 GLY A CA    
174 C C     . GLY A 23 ? 0.2722 0.3283 0.2555 0.0993  0.0238  0.0132  23 GLY A C     
175 O O     . GLY A 23 ? 0.2751 0.3208 0.2475 0.0972  0.0218  0.0202  23 GLY A O     
176 N N     . PHE A 24 ? 0.2879 0.3501 0.2815 0.0939  0.0378  0.0112  24 PHE A N     
177 C CA    . PHE A 24 ? 0.2779 0.3359 0.2707 0.0858  0.0475  0.0157  24 PHE A CA    
178 C C     . PHE A 24 ? 0.2714 0.3198 0.2619 0.0823  0.0571  0.0206  24 PHE A C     
179 O O     . PHE A 24 ? 0.2754 0.3215 0.2635 0.0836  0.0640  0.0162  24 PHE A O     
180 C CB    . PHE A 24 ? 0.2871 0.3528 0.2878 0.0807  0.0491  0.0061  24 PHE A CB    
181 C CG    . PHE A 24 ? 0.3086 0.3658 0.2958 0.0840  0.0347  0.0024  24 PHE A CG    
182 C CD1   . PHE A 24 ? 0.3105 0.3786 0.3111 0.0878  0.0178  -0.0060 24 PHE A CD1   
183 C CD2   . PHE A 24 ? 0.3290 0.3615 0.2870 0.0855  0.0392  0.0084  24 PHE A CD2   
184 C CE1   . PHE A 24 ? 0.3356 0.3845 0.3136 0.0915  -0.0010 -0.0097 24 PHE A CE1   
185 C CE2   . PHE A 24 ? 0.3611 0.3699 0.2890 0.0901  0.0272  0.0053  24 PHE A CE2   
186 C CZ    . PHE A 24 ? 0.3642 0.3785 0.2985 0.0924  0.0037  -0.0044 24 PHE A CZ    
187 N N     . ILE A 25 ? 0.2313 0.2701 0.2215 0.0797  0.0589  0.0309  25 ILE A N     
188 C CA    . ILE A 25 ? 0.2483 0.2715 0.2344 0.0768  0.0616  0.0367  25 ILE A CA    
189 C C     . ILE A 25 ? 0.2550 0.2785 0.2455 0.0726  0.0747  0.0364  25 ILE A C     
190 O O     . ILE A 25 ? 0.2594 0.2856 0.2566 0.0749  0.0798  0.0413  25 ILE A O     
191 C CB    . ILE A 25 ? 0.2547 0.2636 0.2465 0.0779  0.0456  0.0517  25 ILE A CB    
192 C CG1   . ILE A 25 ? 0.2751 0.2725 0.2525 0.0817  0.0286  0.0519  25 ILE A CG1   
193 C CG2   . ILE A 25 ? 0.2706 0.2560 0.2555 0.0756  0.0408  0.0574  25 ILE A CG2   
194 C CD1   . ILE A 25 ? 0.2870 0.2692 0.2766 0.0793  0.0058  0.0685  25 ILE A CD1   
195 N N     . ASN A 26 ? 0.2727 0.2864 0.2535 0.0681  0.0829  0.0313  26 ASN A N     
196 C CA    . ASN A 26 ? 0.2843 0.2909 0.2630 0.0641  0.0932  0.0308  26 ASN A CA    
197 C C     . ASN A 26 ? 0.2848 0.2734 0.2648 0.0672  0.0894  0.0427  26 ASN A C     
198 O O     . ASN A 26 ? 0.2934 0.2604 0.2590 0.0663  0.0821  0.0455  26 ASN A O     
199 C CB    . ASN A 26 ? 0.3082 0.3108 0.2796 0.0555  0.1040  0.0214  26 ASN A CB    
200 C CG    . ASN A 26 ? 0.3221 0.3119 0.2862 0.0499  0.1115  0.0197  26 ASN A CG    
201 O OD1   . ASN A 26 ? 0.3343 0.3017 0.2848 0.0493  0.1152  0.0241  26 ASN A OD1   
202 N ND2   . ASN A 26 ? 0.3283 0.3234 0.2948 0.0468  0.1101  0.0130  26 ASN A ND2   
203 N N     . ARG A 27 ? 0.2634 0.2561 0.2591 0.0727  0.0944  0.0506  27 ARG A N     
204 C CA    . ARG A 27 ? 0.2665 0.2495 0.2810 0.0778  0.0909  0.0644  27 ARG A CA    
205 C C     . ARG A 27 ? 0.2910 0.2488 0.2838 0.0747  0.0926  0.0603  27 ARG A C     
206 O O     . ARG A 27 ? 0.2998 0.2510 0.2723 0.0710  0.1061  0.0502  27 ARG A O     
207 C CB    . ARG A 27 ? 0.2586 0.2507 0.2955 0.0876  0.1073  0.0741  27 ARG A CB    
208 C CG    . ARG A 27 ? 0.2401 0.2504 0.3001 0.0912  0.1083  0.0836  27 ARG A CG    
209 C CD    . ARG A 27 ? 0.2493 0.2596 0.3228 0.1035  0.1351  0.0947  27 ARG A CD    
210 N NE    . ARG A 27 ? 0.2549 0.2678 0.3709 0.1084  0.1377  0.1112  27 ARG A NE    
211 C CZ    . ARG A 27 ? 0.2928 0.3016 0.4236 0.1131  0.1560  0.1238  27 ARG A CZ    
212 N NH1   . ARG A 27 ? 0.3118 0.3043 0.4103 0.1168  0.1721  0.1220  27 ARG A NH1   
213 N NH2   . ARG A 27 ? 0.3098 0.3265 0.4867 0.1156  0.1568  0.1383  27 ARG A NH2   
214 N N     . ASN A 28 ? 0.3018 0.2348 0.2556 0.0991  0.0769  0.0693  28 ASN A N     
215 C CA    . ASN A 28 ? 0.3389 0.2424 0.2926 0.1082  0.0936  0.0880  28 ASN A CA    
216 C C     . ASN A 28 ? 0.3700 0.2451 0.3317 0.1231  0.1073  0.0915  28 ASN A C     
217 O O     . ASN A 28 ? 0.4526 0.2878 0.4198 0.1272  0.1268  0.1016  28 ASN A O     
218 C CB    . ASN A 28 ? 0.3452 0.2684 0.2816 0.1222  0.0875  0.1121  28 ASN A CB    
219 C CG    . ASN A 28 ? 0.3368 0.2738 0.2597 0.1110  0.0822  0.1092  28 ASN A CG    
220 O OD1   . ASN A 28 ? 0.3319 0.2605 0.2650 0.0945  0.0890  0.0967  28 ASN A OD1   
221 N ND2   . ASN A 28 ? 0.3340 0.2947 0.2341 0.1211  0.0697  0.1193  28 ASN A ND2   
222 N N     . ASP A 29 ? 0.3607 0.2538 0.3246 0.1324  0.1004  0.0846  29 ASP A N     
223 C CA    . ASP A 29 ? 0.3892 0.2591 0.3595 0.1526  0.1155  0.0892  29 ASP A CA    
224 C C     . ASP A 29 ? 0.4148 0.2469 0.3853 0.1434  0.1271  0.0597  29 ASP A C     
225 O O     . ASP A 29 ? 0.4614 0.2507 0.4347 0.1564  0.1464  0.0592  29 ASP A O     
226 C CB    . ASP A 29 ? 0.3975 0.3106 0.3742 0.1700  0.1059  0.0993  29 ASP A CB    
227 C CG    . ASP A 29 ? 0.3738 0.3173 0.3504 0.1565  0.0931  0.0802  29 ASP A CG    
228 O OD1   . ASP A 29 ? 0.3667 0.3054 0.3349 0.1357  0.0871  0.0617  29 ASP A OD1   
229 O OD2   . ASP A 29 ? 0.3617 0.3368 0.3495 0.1682  0.0909  0.0869  29 ASP A OD2   
230 N N     . THR A 30 ? 0.3913 0.2385 0.3569 0.1227  0.1150  0.0345  30 THR A N     
231 C CA    . THR A 30 ? 0.4196 0.2404 0.3795 0.1134  0.1198  0.0018  30 THR A CA    
232 C C     . THR A 30 ? 0.4228 0.2341 0.3900 0.0841  0.1139  -0.0182 30 THR A C     
233 O O     . THR A 30 ? 0.4566 0.2436 0.4224 0.0718  0.1155  -0.0485 30 THR A O     
234 C CB    . THR A 30 ? 0.4005 0.2549 0.3458 0.1193  0.1103  -0.0116 30 THR A CB    
235 O OG1   . THR A 30 ? 0.3523 0.2505 0.2979 0.1071  0.0918  -0.0074 30 THR A OG1   
236 C CG2   . THR A 30 ? 0.4380 0.3057 0.3850 0.1473  0.1194  0.0076  30 THR A CG2   
237 N N     . LYS A 31 ? 0.4261 0.2603 0.4022 0.0735  0.1067  -0.0026 31 LYS A N     
238 C CA    . LYS A 31 ? 0.4211 0.2588 0.4127 0.0475  0.1024  -0.0152 31 LYS A CA    
239 C C     . LYS A 31 ? 0.4165 0.2846 0.4033 0.0350  0.0841  -0.0435 31 LYS A C     
240 O O     . LYS A 31 ? 0.4333 0.3036 0.4368 0.0132  0.0790  -0.0629 31 LYS A O     
241 C CB    . LYS A 31 ? 0.4561 0.2427 0.4683 0.0342  0.1208  -0.0216 31 LYS A CB    
242 C CG    . LYS A 31 ? 0.4680 0.2235 0.4844 0.0491  0.1421  0.0126  31 LYS A CG    
243 C CD    . LYS A 31 ? 0.4268 0.2203 0.4334 0.0590  0.1361  0.0425  31 LYS A CD    
244 C CE    . LYS A 31 ? 0.4599 0.2265 0.4714 0.0670  0.1579  0.0755  31 LYS A CE    
245 N NZ    . LYS A 31 ? 0.4419 0.2381 0.4285 0.0907  0.1515  0.1047  31 LYS A NZ    
246 N N     . GLU A 32 ? 0.4099 0.3053 0.3765 0.0497  0.0745  -0.0431 32 GLU A N     
247 C CA    . GLU A 32 ? 0.4031 0.3311 0.3588 0.0446  0.0584  -0.0624 32 GLU A CA    
248 C C     . GLU A 32 ? 0.3660 0.3348 0.3230 0.0457  0.0472  -0.0457 32 GLU A C     
249 O O     . GLU A 32 ? 0.3452 0.3186 0.3019 0.0553  0.0500  -0.0233 32 GLU A O     
250 C CB    . GLU A 32 ? 0.4194 0.3461 0.3491 0.0622  0.0605  -0.0724 32 GLU A CB    
251 C CG    . GLU A 32 ? 0.4833 0.3659 0.4042 0.0630  0.0715  -0.0975 32 GLU A CG    
252 C CD    . GLU A 32 ? 0.5254 0.4120 0.4365 0.0463  0.0578  -0.1354 32 GLU A CD    
253 O OE1   . GLU A 32 ? 0.5116 0.4438 0.4155 0.0426  0.0399  -0.1382 32 GLU A OE1   
254 O OE2   . GLU A 32 ? 0.5739 0.4179 0.4845 0.0374  0.0642  -0.1627 32 GLU A OE2   
255 N N     . ASP A 33 ? 0.3707 0.3692 0.3299 0.0367  0.0339  -0.0576 33 ASP A N     
256 C CA    . ASP A 33 ? 0.3358 0.3678 0.2953 0.0412  0.0258  -0.0427 33 ASP A CA    
257 C C     . ASP A 33 ? 0.3255 0.3713 0.2641 0.0578  0.0239  -0.0346 33 ASP A C     
258 O O     . ASP A 33 ? 0.3480 0.3979 0.2682 0.0647  0.0223  -0.0471 33 ASP A O     
259 C CB    . ASP A 33 ? 0.3316 0.3952 0.3045 0.0302  0.0135  -0.0538 33 ASP A CB    
260 C CG    . ASP A 33 ? 0.3311 0.3914 0.3350 0.0135  0.0185  -0.0531 33 ASP A CG    
261 O OD1   . ASP A 33 ? 0.3298 0.3650 0.3380 0.0142  0.0323  -0.0379 33 ASP A OD1   
262 O OD2   . ASP A 33 ? 0.3270 0.4148 0.3526 0.0005  0.0091  -0.0657 33 ASP A OD2   
263 N N     . VAL A 34 ? 0.3049 0.3568 0.2465 0.0640  0.0254  -0.0142 34 VAL A N     
264 C CA    . VAL A 34 ? 0.3029 0.3699 0.2348 0.0758  0.0254  -0.0026 34 VAL A CA    
265 C C     . VAL A 34 ? 0.2677 0.3514 0.2046 0.0760  0.0201  0.0075  34 VAL A C     
266 O O     . VAL A 34 ? 0.2569 0.3352 0.2042 0.0701  0.0193  0.0112  34 VAL A O     
267 C CB    . VAL A 34 ? 0.3117 0.3699 0.2497 0.0816  0.0326  0.0122  34 VAL A CB    
268 C CG1   . VAL A 34 ? 0.3564 0.4000 0.2891 0.0889  0.0415  0.0059  34 VAL A CG1   
269 C CG2   . VAL A 34 ? 0.3009 0.3501 0.2501 0.0750  0.0301  0.0205  34 VAL A CG2   
270 N N     . PHE A 35 ? 0.3287 0.4311 0.2548 0.0860  0.0186  0.0130  35 PHE A N     
271 C CA    . PHE A 35 ? 0.3082 0.4223 0.2384 0.0914  0.0170  0.0265  35 PHE A CA    
272 C C     . PHE A 35 ? 0.2816 0.3772 0.2240 0.0889  0.0232  0.0406  35 PHE A C     
273 O O     . PHE A 35 ? 0.2842 0.3728 0.2304 0.0881  0.0282  0.0467  35 PHE A O     
274 C CB    . PHE A 35 ? 0.3271 0.4637 0.2397 0.1067  0.0172  0.0348  35 PHE A CB    
275 C CG    . PHE A 35 ? 0.3288 0.4729 0.2461 0.1170  0.0195  0.0548  35 PHE A CG    
276 C CD1   . PHE A 35 ? 0.3380 0.5030 0.2597 0.1218  0.0109  0.0535  35 PHE A CD1   
277 C CD2   . PHE A 35 ? 0.3314 0.4617 0.2536 0.1225  0.0319  0.0763  35 PHE A CD2   
278 C CE1   . PHE A 35 ? 0.3514 0.5197 0.2777 0.1361  0.0160  0.0746  35 PHE A CE1   
279 C CE2   . PHE A 35 ? 0.3412 0.4686 0.2689 0.1329  0.0376  0.0959  35 PHE A CE2   
280 C CZ    . PHE A 35 ? 0.3539 0.4974 0.2833 0.1400  0.0308  0.0935  35 PHE A CZ    
281 N N     . VAL A 36 ? 0.2628 0.3517 0.2127 0.0878  0.0225  0.0440  36 VAL A N     
282 C CA    . VAL A 36 ? 0.2577 0.3257 0.2159 0.0842  0.0264  0.0520  36 VAL A CA    
283 C C     . VAL A 36 ? 0.2831 0.3455 0.2440 0.0934  0.0312  0.0626  36 VAL A C     
284 O O     . VAL A 36 ? 0.2862 0.3568 0.2464 0.1001  0.0304  0.0604  36 VAL A O     
285 C CB    . VAL A 36 ? 0.2368 0.2884 0.1952 0.0745  0.0229  0.0417  36 VAL A CB    
286 C CG1   . VAL A 36 ? 0.2226 0.2776 0.1781 0.0762  0.0235  0.0349  36 VAL A CG1   
287 C CG2   . VAL A 36 ? 0.2352 0.2663 0.1985 0.0689  0.0226  0.0434  36 VAL A CG2   
288 N N     . HIS A 37 ? 0.3122 0.3618 0.2809 0.0945  0.0385  0.0766  37 HIS A N     
289 C CA    . HIS A 37 ? 0.3418 0.3754 0.3151 0.1044  0.0472  0.0896  37 HIS A CA    
290 C C     . HIS A 37 ? 0.3626 0.3584 0.3449 0.0926  0.0489  0.0810  37 HIS A C     
291 O O     . HIS A 37 ? 0.3613 0.3504 0.3493 0.0765  0.0422  0.0706  37 HIS A O     
292 C CB    . HIS A 37 ? 0.3630 0.4022 0.3394 0.1148  0.0582  0.1140  37 HIS A CB    
293 C CG    . HIS A 37 ? 0.4022 0.4288 0.3804 0.1322  0.0692  0.1333  37 HIS A CG    
294 N ND1   . HIS A 37 ? 0.4440 0.4325 0.4394 0.1296  0.0837  0.1477  37 HIS A ND1   
295 C CD2   . HIS A 37 ? 0.4052 0.4527 0.3747 0.1494  0.0684  0.1377  37 HIS A CD2   
296 C CE1   . HIS A 37 ? 0.4702 0.4533 0.4641 0.1467  0.0932  0.1607  37 HIS A CE1   
297 N NE2   . HIS A 37 ? 0.4439 0.4669 0.4226 0.1579  0.0832  0.1538  37 HIS A NE2   
298 N N     . GLN A 38 ? 0.3328 0.3046 0.3152 0.1024  0.0570  0.0841  38 GLN A N     
299 C CA    . GLN A 38 ? 0.3609 0.2910 0.3443 0.0927  0.0583  0.0690  38 GLN A CA    
300 C C     . GLN A 38 ? 0.3836 0.2905 0.3863 0.0731  0.0582  0.0690  38 GLN A C     
301 O O     . GLN A 38 ? 0.3388 0.2274 0.3412 0.0563  0.0487  0.0482  38 GLN A O     
302 C CB    . GLN A 38 ? 0.3941 0.2976 0.3747 0.1114  0.0719  0.0744  38 GLN A CB    
303 C CG    . GLN A 38 ? 0.4137 0.3140 0.4064 0.1284  0.0861  0.1037  38 GLN A CG    
304 C CD    . GLN A 38 ? 0.4441 0.3261 0.4346 0.1539  0.0999  0.1123  38 GLN A CD    
305 O OE1   . GLN A 38 ? 0.4431 0.3150 0.4238 0.1582  0.1003  0.0944  38 GLN A OE1   
306 N NE2   . GLN A 38 ? 0.4695 0.3558 0.4676 0.1670  0.1110  0.1369  38 GLN A NE2   
307 N N     . THR A 39 ? 0.3279 0.2408 0.3489 0.0752  0.0683  0.0929  39 THR A N     
308 C CA    . THR A 39 ? 0.4096 0.3066 0.4608 0.0548  0.0716  0.0977  39 THR A CA    
309 C C     . THR A 39 ? 0.3812 0.3084 0.4422 0.0366  0.0561  0.0864  39 THR A C     
310 O O     . THR A 39 ? 0.3324 0.2530 0.4229 0.0148  0.0520  0.0821  39 THR A O     
311 C CB    . THR A 39 ? 0.4220 0.3234 0.4903 0.0647  0.0915  0.1326  39 THR A CB    
312 O OG1   . THR A 39 ? 0.3981 0.3462 0.4479 0.0813  0.0905  0.1450  39 THR A OG1   
313 C CG2   . THR A 39 ? 0.4005 0.2656 0.4658 0.0833  0.1090  0.1489  39 THR A CG2   
314 N N     . ALA A 40 ? 0.3738 0.3347 0.4141 0.0456  0.0476  0.0820  40 ALA A N     
315 C CA    . ALA A 40 ? 0.3519 0.3416 0.4005 0.0352  0.0360  0.0759  40 ALA A CA    
316 C C     . ALA A 40 ? 0.3530 0.3367 0.3901 0.0246  0.0182  0.0512  40 ALA A C     
317 O O     . ALA A 40 ? 0.3404 0.3484 0.3821 0.0192  0.0071  0.0473  40 ALA A O     
318 C CB    . ALA A 40 ? 0.2560 0.2769 0.2875 0.0505  0.0382  0.0826  40 ALA A CB    
319 N N     . ILE A 41 ? 0.4437 0.2023 0.6254 0.0677  0.1399  0.0685  41 ILE A N     
320 C CA    . ILE A 41 ? 0.4346 0.2306 0.6149 0.0703  0.0832  0.0598  41 ILE A CA    
321 C C     . ILE A 41 ? 0.4679 0.2542 0.6984 0.0560  0.0487  0.0407  41 ILE A C     
322 O O     . ILE A 41 ? 0.5033 0.2481 0.7129 0.0540  0.0599  0.0277  41 ILE A O     
323 C CB    . ILE A 41 ? 0.4372 0.2363 0.5050 0.0912  0.0677  0.0562  41 ILE A CB    
324 C CG1   . ILE A 41 ? 0.4077 0.2189 0.4314 0.1024  0.0987  0.0720  41 ILE A CG1   
325 C CG2   . ILE A 41 ? 0.4416 0.2708 0.4950 0.0943  0.0152  0.0486  41 ILE A CG2   
326 C CD1   . ILE A 41 ? 0.4095 0.2257 0.3376 0.1227  0.0892  0.0694  41 ILE A CD1   
327 N N     . LYS A 42 ? 0.4627 0.2862 0.7604 0.0458  0.0053  0.0391  42 LYS A N     
328 C CA    . LYS A 42 ? 0.5012 0.3193 0.8492 0.0285  -0.0353 0.0178  42 LYS A CA    
329 C C     . LYS A 42 ? 0.6778 0.4730 0.9207 0.0364  -0.0672 -0.0048 42 LYS A C     
330 O O     . LYS A 42 ? 0.5403 0.3441 0.6922 0.0547  -0.0768 -0.0007 42 LYS A O     
331 C CB    . LYS A 42 ? 0.4924 0.3602 0.9359 0.0167  -0.0821 0.0239  42 LYS A CB    
332 C CG    . LYS A 42 ? 0.4672 0.3486 1.0529 0.0016  -0.0514 0.0380  42 LYS A CG    
333 C CD    . LYS A 42 ? 0.4786 0.4024 1.1828 -0.0157 -0.1085 0.0354  42 LYS A CD    
334 C CE    . LYS A 42 ? 0.4384 0.3976 1.2726 -0.0189 -0.0840 0.0623  42 LYS A CE    
335 N NZ    . LYS A 42 ? 0.4518 0.4502 1.4330 -0.0382 -0.1318 0.0604  42 LYS A NZ    
336 N N     . LYS A 43 ? 0.6515 0.4131 0.9105 0.0217  -0.0781 -0.0295 43 LYS A N     
337 C CA    . LYS A 43 ? 0.6801 0.4026 0.8383 0.0293  -0.0889 -0.0528 43 LYS A CA    
338 C C     . LYS A 43 ? 0.7125 0.4524 0.8158 0.0289  -0.1502 -0.0679 43 LYS A C     
339 O O     . LYS A 43 ? 0.7001 0.4818 0.8569 0.0193  -0.1916 -0.0617 43 LYS A O     
340 C CB    . LYS A 43 ? 0.7047 0.3782 0.9032 0.0118  -0.0733 -0.0754 43 LYS A CB    
341 C CG    . LYS A 43 ? 0.6901 0.3148 0.8425 0.0276  -0.0119 -0.0666 43 LYS A CG    
342 C CD    . LYS A 43 ? 0.7003 0.3113 0.7273 0.0551  -0.0086 -0.0663 43 LYS A CD    
343 C CE    . LYS A 43 ? 0.7424 0.2934 0.7259 0.0654  0.0280  -0.0731 43 LYS A CE    
344 N NZ    . LYS A 43 ? 0.7593 0.2971 0.6365 0.0920  0.0303  -0.0748 43 LYS A NZ    
345 N N     . ASN A 44 ? 0.8027 0.5056 0.8021 0.0389  -0.1540 -0.0878 44 ASN A N     
346 C CA    . ASN A 44 ? 0.8414 0.5477 0.7491 0.0457  -0.1970 -0.0993 44 ASN A CA    
347 C C     . ASN A 44 ? 0.7829 0.5232 0.6394 0.0702  -0.1868 -0.0710 44 ASN A C     
348 O O     . ASN A 44 ? 0.8091 0.5460 0.5760 0.0816  -0.2074 -0.0755 44 ASN A O     
349 C CB    . ASN A 44 ? 0.8962 0.6229 0.8436 0.0222  -0.2647 -0.1147 44 ASN A CB    
350 C CG    . ASN A 44 ? 0.9420 0.6486 0.9771 -0.0075 -0.2766 -0.1406 44 ASN A CG    
351 O OD1   . ASN A 44 ? 0.9528 0.6943 1.0905 -0.0287 -0.3145 -0.1399 44 ASN A OD1   
352 N ND2   . ASN A 44 ? 0.9881 0.6389 0.9919 -0.0090 -0.2424 -0.1623 44 ASN A ND2   
353 N N     . ASN A 45 ? 0.7174 0.4850 0.6269 0.0772  -0.1510 -0.0432 45 ASN A N     
354 C CA    . ASN A 45 ? 0.6854 0.4813 0.5517 0.0984  -0.1341 -0.0190 45 ASN A CA    
355 C C     . ASN A 45 ? 0.6909 0.4608 0.4711 0.1198  -0.0980 -0.0209 45 ASN A C     
356 O O     . ASN A 45 ? 0.7465 0.4810 0.4592 0.1249  -0.1040 -0.0416 45 ASN A O     
357 C CB    . ASN A 45 ? 0.6301 0.4592 0.5790 0.0961  -0.1060 0.0076  45 ASN A CB    
358 C CG    . ASN A 45 ? 0.6296 0.4971 0.6665 0.0822  -0.1406 0.0182  45 ASN A CG    
359 O OD1   . ASN A 45 ? 0.6283 0.5242 0.6453 0.0899  -0.1676 0.0307  45 ASN A OD1   
360 N ND2   . ASN A 45 ? 0.6329 0.5009 0.7731 0.0630  -0.1373 0.0159  45 ASN A ND2   
361 N N     . LEU A 50 ? 0.7748 0.3587 0.4659 0.1303  -0.0197 -0.0820 50 LEU A N     
362 C CA    . LEU A 50 ? 0.7237 0.3339 0.4360 0.1436  0.0119  -0.0501 50 LEU A CA    
363 C C     . LEU A 50 ? 0.6862 0.3336 0.4767 0.1258  0.0047  -0.0359 50 LEU A C     
364 O O     . LEU A 50 ? 0.7194 0.3873 0.5489 0.1076  -0.0312 -0.0454 50 LEU A O     
365 C CB    . LEU A 50 ? 0.7023 0.3414 0.3538 0.1681  0.0177  -0.0355 50 LEU A CB    
366 C CG    . LEU A 50 ? 0.7301 0.3451 0.3205 0.1945  0.0419  -0.0349 50 LEU A CG    
367 C CD1   . LEU A 50 ? 0.7988 0.3805 0.3337 0.1961  0.0280  -0.0629 50 LEU A CD1   
368 C CD2   . LEU A 50 ? 0.6770 0.3429 0.2554 0.2088  0.0508  -0.0086 50 LEU A CD2   
369 N N     . ARG A 51 ? 0.6773 0.3315 0.4894 0.1317  0.0395  -0.0124 51 ARG A N     
370 C CA    . ARG A 51 ? 0.6017 0.2920 0.4732 0.1208  0.0439  0.0049  51 ARG A CA    
371 C C     . ARG A 51 ? 0.5461 0.2729 0.3731 0.1378  0.0498  0.0224  51 ARG A C     
372 O O     . ARG A 51 ? 0.5338 0.2574 0.3401 0.1479  0.0808  0.0380  51 ARG A O     
373 C CB    . ARG A 51 ? 0.5908 0.2541 0.5114 0.1123  0.0843  0.0165  51 ARG A CB    
374 C CG    . ARG A 51 ? 0.6070 0.2551 0.6191 0.0867  0.0805  0.0047  51 ARG A CG    
375 C CD    . ARG A 51 ? 0.6093 0.2338 0.6715 0.0789  0.1295  0.0212  51 ARG A CD    
376 N NE    . ARG A 51 ? 0.6117 0.2433 0.7872 0.0533  0.1272  0.0156  51 ARG A NE    
377 C CZ    . ARG A 51 ? 0.6466 0.2554 0.8741 0.0356  0.1266  -0.0005 51 ARG A CZ    
378 N NH1   . ARG A 51 ? 0.6900 0.2575 0.8659 0.0414  0.1319  -0.0126 51 ARG A NH1   
379 N NH2   . ARG A 51 ? 0.6430 0.2761 0.9790 0.0120  0.1206  -0.0042 51 ARG A NH2   
380 N N     . SER A 52 ? 0.5347 0.2937 0.3438 0.1403  0.0197  0.0196  52 SER A N     
381 C CA    . SER A 52 ? 0.4963 0.2866 0.2630 0.1562  0.0270  0.0332  52 SER A CA    
382 C C     . SER A 52 ? 0.4748 0.3032 0.2548 0.1527  0.0013  0.0386  52 SER A C     
383 O O     . SER A 52 ? 0.4925 0.3226 0.2920 0.1423  -0.0328 0.0297  52 SER A O     
384 C CB    . SER A 52 ? 0.5221 0.2970 0.2130 0.1773  0.0305  0.0261  52 SER A CB    
385 O OG    . SER A 52 ? 0.5591 0.3167 0.2179 0.1765  0.0031  0.0064  52 SER A OG    
386 N N     . VAL A 53 ? 0.4679 0.3259 0.2373 0.1611  0.0170  0.0539  53 VAL A N     
387 C CA    . VAL A 53 ? 0.4475 0.3379 0.2185 0.1629  -0.0001 0.0628  53 VAL A CA    
388 C C     . VAL A 53 ? 0.3916 0.3074 0.1498 0.1597  0.0161  0.0488  53 VAL A C     
389 O O     . VAL A 53 ? 0.3779 0.2929 0.1437 0.1616  0.0340  0.0420  53 VAL A O     
390 C CB    . VAL A 53 ? 0.4001 0.3168 0.2432 0.1517  0.0134  0.0798  53 VAL A CB    
391 C CG1   . VAL A 53 ? 0.3835 0.2940 0.3054 0.1337  0.0006  0.0780  53 VAL A CG1   
392 C CG2   . VAL A 53 ? 0.3656 0.2850 0.2088 0.1500  0.0546  0.0841  53 VAL A CG2   
393 N N     . GLY A 54 ? 0.3919 0.3260 0.1505 0.1555  0.0045  0.0483  54 GLY A N     
394 C CA    . GLY A 54 ? 0.3935 0.3417 0.1606 0.1547  0.0170  0.0408  54 GLY A CA    
395 C C     . GLY A 54 ? 0.3517 0.3288 0.1579 0.1493  0.0305  0.0481  54 GLY A C     
396 O O     . GLY A 54 ? 0.3213 0.3099 0.1402 0.1457  0.0293  0.0602  54 GLY A O     
397 N N     . ASP A 55 ? 0.3338 0.3201 0.1575 0.1574  0.0415  0.0454  55 ASP A N     
398 C CA    . ASP A 55 ? 0.3060 0.3138 0.1603 0.1596  0.0508  0.0530  55 ASP A CA    
399 C C     . ASP A 55 ? 0.2886 0.3056 0.1383 0.1582  0.0507  0.0587  55 ASP A C     
400 O O     . ASP A 55 ? 0.3239 0.3310 0.1435 0.1635  0.0446  0.0567  55 ASP A O     
401 C CB    . ASP A 55 ? 0.3130 0.3250 0.1737 0.1641  0.0517  0.0537  55 ASP A CB    
402 C CG    . ASP A 55 ? 0.3283 0.3350 0.1918 0.1594  0.0500  0.0514  55 ASP A CG    
403 O OD1   . ASP A 55 ? 0.3253 0.3180 0.1809 0.1583  0.0495  0.0485  55 ASP A OD1   
404 O OD2   . ASP A 55 ? 0.3413 0.3578 0.2119 0.1591  0.0501  0.0537  55 ASP A OD2   
405 N N     . GLY A 56 ? 0.2974 0.3288 0.1734 0.1514  0.0577  0.0681  56 GLY A N     
406 C CA    . GLY A 56 ? 0.3118 0.3529 0.1884 0.1517  0.0600  0.0784  56 GLY A CA    
407 C C     . GLY A 56 ? 0.3535 0.3887 0.2108 0.1461  0.0412  0.0919  56 GLY A C     
408 O O     . GLY A 56 ? 0.3682 0.4095 0.2298 0.1474  0.0379  0.1072  56 GLY A O     
409 N N     . GLU A 57 ? 0.3458 0.3664 0.1882 0.1426  0.0217  0.0904  57 GLU A N     
410 C CA    . GLU A 57 ? 0.3901 0.4031 0.2313 0.1404  -0.0148 0.1061  57 GLU A CA    
411 C C     . GLU A 57 ? 0.3666 0.3937 0.2722 0.1396  -0.0147 0.1269  57 GLU A C     
412 O O     . GLU A 57 ? 0.3103 0.3454 0.2463 0.1380  0.0169  0.1275  57 GLU A O     
413 C CB    . GLU A 57 ? 0.4275 0.4193 0.2365 0.1407  -0.0407 0.0957  57 GLU A CB    
414 C CG    . GLU A 57 ? 0.4067 0.3935 0.2428 0.1434  -0.0388 0.0969  57 GLU A CG    
415 C CD    . GLU A 57 ? 0.4502 0.4132 0.2590 0.1480  -0.0735 0.0882  57 GLU A CD    
416 O OE1   . GLU A 57 ? 0.4841 0.4480 0.2902 0.1463  -0.1148 0.0922  57 GLU A OE1   
417 O OE2   . GLU A 57 ? 0.4514 0.3922 0.2396 0.1534  -0.0611 0.0757  57 GLU A OE2   
418 N N     . THR A 58 ? 0.3312 0.3351 0.3208 0.0111  0.1029  0.0257  58 THR A N     
419 C CA    . THR A 58 ? 0.3173 0.3066 0.2947 0.0215  0.0724  0.0417  58 THR A CA    
420 C C     . THR A 58 ? 0.2910 0.2906 0.2791 0.0355  0.0543  0.0363  58 THR A C     
421 O O     . THR A 58 ? 0.3929 0.3883 0.3575 0.0310  0.0562  0.0264  58 THR A O     
422 C CB    . THR A 58 ? 0.3726 0.3262 0.2886 0.0138  0.0654  0.0619  58 THR A CB    
423 O OG1   . THR A 58 ? 0.4030 0.3371 0.3130 -0.0014 0.0832  0.0719  58 THR A OG1   
424 C CG2   . THR A 58 ? 0.3601 0.3062 0.2785 0.0314  0.0344  0.0763  58 THR A CG2   
425 N N     . VAL A 59 ? 0.2525 0.2634 0.2733 0.0490  0.0394  0.0410  59 VAL A N     
426 C CA    . VAL A 59 ? 0.2448 0.2658 0.2826 0.0587  0.0275  0.0396  59 VAL A CA    
427 C C     . VAL A 59 ? 0.2420 0.2645 0.2829 0.0685  0.0104  0.0523  59 VAL A C     
428 O O     . VAL A 59 ? 0.2435 0.2573 0.2818 0.0736  0.0087  0.0592  59 VAL A O     
429 C CB    . VAL A 59 ? 0.2157 0.2520 0.2935 0.0676  0.0329  0.0347  59 VAL A CB    
430 C CG1   . VAL A 59 ? 0.2263 0.2639 0.3173 0.0648  0.0510  0.0200  59 VAL A CG1   
431 C CG2   . VAL A 59 ? 0.1899 0.2364 0.2822 0.0726  0.0291  0.0398  59 VAL A CG2   
432 N N     . GLU A 60 ? 0.2542 0.2878 0.3067 0.0703  0.0003  0.0527  60 GLU A N     
433 C CA    . GLU A 60 ? 0.2536 0.3012 0.3271 0.0813  -0.0102 0.0624  60 GLU A CA    
434 C C     . GLU A 60 ? 0.2382 0.3009 0.3427 0.0844  -0.0014 0.0617  60 GLU A C     
435 O O     . GLU A 60 ? 0.2413 0.3021 0.3542 0.0761  0.0033  0.0561  60 GLU A O     
436 C CB    . GLU A 60 ? 0.2765 0.3350 0.3479 0.0781  -0.0309 0.0667  60 GLU A CB    
437 C CG    . GLU A 60 ? 0.2706 0.3560 0.3837 0.0920  -0.0402 0.0759  60 GLU A CG    
438 C CD    . GLU A 60 ? 0.3078 0.4116 0.4256 0.0924  -0.0697 0.0837  60 GLU A CD    
439 O OE1   . GLU A 60 ? 0.3450 0.4379 0.4217 0.0774  -0.0839 0.0799  60 GLU A OE1   
440 O OE2   . GLU A 60 ? 0.3114 0.4430 0.4741 0.1087  -0.0791 0.0929  60 GLU A OE2   
441 N N     . PHE A 61 ? 0.2261 0.2974 0.3430 0.0962  0.0039  0.0676  61 PHE A N     
442 C CA    . PHE A 61 ? 0.2188 0.2982 0.3479 0.0980  0.0167  0.0715  61 PHE A CA    
443 C C     . PHE A 61 ? 0.2286 0.3216 0.3673 0.1096  0.0276  0.0749  61 PHE A C     
444 O O     . PHE A 61 ? 0.2369 0.3240 0.3701 0.1181  0.0251  0.0697  61 PHE A O     
445 C CB    . PHE A 61 ? 0.2202 0.2865 0.3301 0.0993  0.0198  0.0707  61 PHE A CB    
446 C CG    . PHE A 61 ? 0.2232 0.2815 0.3127 0.1034  0.0167  0.0643  61 PHE A CG    
447 C CD1   . PHE A 61 ? 0.2241 0.2715 0.3069 0.0968  0.0122  0.0582  61 PHE A CD1   
448 C CD2   . PHE A 61 ? 0.2362 0.2937 0.3093 0.1103  0.0210  0.0624  61 PHE A CD2   
449 C CE1   . PHE A 61 ? 0.2366 0.2717 0.3066 0.0949  0.0113  0.0518  61 PHE A CE1   
450 C CE2   . PHE A 61 ? 0.2495 0.2941 0.3049 0.1093  0.0172  0.0508  61 PHE A CE2   
451 C CZ    . PHE A 61 ? 0.2479 0.2806 0.3068 0.1006  0.0119  0.0462  61 PHE A CZ    
452 N N     . ASP A 62 ? 0.2166 0.3205 0.3649 0.1074  0.0431  0.0822  62 ASP A N     
453 C CA    . ASP A 62 ? 0.2028 0.3185 0.3505 0.1173  0.0634  0.0829  62 ASP A CA    
454 C C     . ASP A 62 ? 0.2277 0.3231 0.3230 0.1210  0.0685  0.0816  62 ASP A C     
455 O O     . ASP A 62 ? 0.2281 0.3106 0.3040 0.1156  0.0573  0.0877  62 ASP A O     
456 C CB    . ASP A 62 ? 0.2289 0.3698 0.4116 0.1084  0.0830  0.0934  62 ASP A CB    
457 C CG    . ASP A 62 ? 0.2185 0.3869 0.4587 0.0989  0.0702  0.0921  62 ASP A CG    
458 O OD1   . ASP A 62 ? 0.2153 0.3916 0.4680 0.1075  0.0508  0.0846  62 ASP A OD1   
459 O OD2   . ASP A 62 ? 0.2122 0.3902 0.4810 0.0804  0.0769  0.0987  62 ASP A OD2   
460 N N     . VAL A 63 ? 0.2563 0.3498 0.3300 0.1311  0.0838  0.0715  63 VAL A N     
461 C CA    . VAL A 63 ? 0.2961 0.3725 0.3099 0.1312  0.0854  0.0666  63 VAL A CA    
462 C C     . VAL A 63 ? 0.3413 0.4259 0.3285 0.1314  0.1154  0.0746  63 VAL A C     
463 O O     . VAL A 63 ? 0.3560 0.4544 0.3618 0.1390  0.1432  0.0658  63 VAL A O     
464 C CB    . VAL A 63 ? 0.3166 0.3724 0.3073 0.1375  0.0807  0.0416  63 VAL A CB    
465 C CG1   . VAL A 63 ? 0.3744 0.4170 0.2974 0.1345  0.0828  0.0304  63 VAL A CG1   
466 C CG2   . VAL A 63 ? 0.2994 0.3432 0.3055 0.1313  0.0549  0.0383  63 VAL A CG2   
467 N N     . VAL A 64 ? 0.3712 0.4474 0.3166 0.1243  0.1117  0.0937  64 VAL A N     
468 C CA    . VAL A 64 ? 0.4298 0.5073 0.3361 0.1207  0.1425  0.1090  64 VAL A CA    
469 C C     . VAL A 64 ? 0.5002 0.5587 0.3143 0.1211  0.1332  0.1094  64 VAL A C     
470 O O     . VAL A 64 ? 0.4950 0.5457 0.2904 0.1223  0.0976  0.1007  64 VAL A O     
471 C CB    . VAL A 64 ? 0.4262 0.5038 0.3600 0.1094  0.1494  0.1420  64 VAL A CB    
472 C CG1   . VAL A 64 ? 0.3665 0.4659 0.3877 0.1039  0.1521  0.1370  64 VAL A CG1   
473 C CG2   . VAL A 64 ? 0.4294 0.4843 0.3432 0.1097  0.1160  0.1609  64 VAL A CG2   
474 N N     . GLU A 65 ? 0.5738 0.6287 0.3299 0.1177  0.1654  0.1196  65 GLU A N     
475 C CA    . GLU A 65 ? 0.6618 0.6985 0.3127 0.1161  0.1551  0.1212  65 GLU A CA    
476 C C     . GLU A 65 ? 0.7086 0.7313 0.3188 0.1113  0.1433  0.1689  65 GLU A C     
477 O O     . GLU A 65 ? 0.7621 0.7767 0.3516 0.1004  0.1755  0.1906  65 GLU A O     
478 C CB    . GLU A 65 ? 0.7400 0.7739 0.3291 0.1161  0.2013  0.0987  65 GLU A CB    
479 C CG    . GLU A 65 ? 0.8349 0.8481 0.3116 0.1116  0.1828  0.0799  65 GLU A CG    
480 C CD    . GLU A 65 ? 0.8120 0.8182 0.2953 0.1158  0.1532  0.0357  65 GLU A CD    
481 O OE1   . GLU A 65 ? 0.8852 0.8773 0.2839 0.1086  0.1269  0.0168  65 GLU A OE1   
482 O OE2   . GLU A 65 ? 0.7293 0.7422 0.3030 0.1227  0.1537  0.0200  65 GLU A OE2   
483 N N     . GLY A 66 ? 0.7184 0.7368 0.3334 0.1161  0.0939  0.1813  66 GLY A N     
484 C CA    . GLY A 66 ? 0.7937 0.7934 0.3826 0.1147  0.0721  0.2228  66 GLY A CA    
485 C C     . GLY A 66 ? 0.9213 0.9079 0.4066 0.1055  0.0586  0.2250  66 GLY A C     
486 O O     . GLY A 66 ? 0.9760 0.9649 0.4016 0.0987  0.0812  0.1968  66 GLY A O     
487 N N     . GLU A 67 ? 0.9656 0.9361 0.4298 0.1051  0.0212  0.2564  67 GLU A N     
488 C CA    . GLU A 67 ? 1.0802 1.0354 0.4394 0.0931  0.0032  0.2669  67 GLU A CA    
489 C C     . GLU A 67 ? 1.0986 1.0753 0.4176 0.0928  -0.0419 0.2356  67 GLU A C     
490 O O     . GLU A 67 ? 1.2102 1.1809 0.4319 0.0771  -0.0467 0.2248  67 GLU A O     
491 C CB    . GLU A 67 ? 1.1321 1.0564 0.4830 0.0939  -0.0232 0.3165  67 GLU A CB    
492 C CG    . GLU A 67 ? 1.1322 1.0264 0.5007 0.0852  0.0224  0.3473  67 GLU A CG    
493 C CD    . GLU A 67 ? 1.1933 1.0447 0.5495 0.0875  -0.0039 0.3956  67 GLU A CD    
494 O OE1   . GLU A 67 ? 1.1512 0.9993 0.5720 0.1068  -0.0416 0.4021  67 GLU A OE1   
495 O OE2   . GLU A 67 ? 1.3051 1.1248 0.5873 0.0703  0.0149  0.4263  67 GLU A OE2   
496 N N     . LYS A 68 ? 0.9947 0.9980 0.3895 0.1056  -0.0737 0.2186  68 LYS A N     
497 C CA    . LYS A 68 ? 0.9976 1.0260 0.3720 0.1008  -0.1191 0.1866  68 LYS A CA    
498 C C     . LYS A 68 ? 0.9178 0.9631 0.3228 0.1028  -0.1014 0.1375  68 LYS A C     
499 O O     . LYS A 68 ? 0.8829 0.9531 0.3119 0.0996  -0.1381 0.1087  68 LYS A O     
500 C CB    . LYS A 68 ? 0.9783 1.0275 0.4194 0.1104  -0.1765 0.2057  68 LYS A CB    
501 C CG    . LYS A 68 ? 1.0556 1.1300 0.4639 0.0983  -0.2337 0.1860  68 LYS A CG    
502 C CD    . LYS A 68 ? 1.1971 1.2504 0.4729 0.0760  -0.2319 0.1761  68 LYS A CD    
503 C CE    . LYS A 68 ? 1.2104 1.2895 0.4550 0.0573  -0.2901 0.1491  68 LYS A CE    
504 N NZ    . LYS A 68 ? 1.2335 1.3301 0.5289 0.0685  -0.3513 0.1818  68 LYS A NZ    
505 N N     . GLY A 69 ? 0.9232 0.9541 0.3323 0.1069  -0.0453 0.1279  69 GLY A N     
506 C CA    . GLY A 69 ? 0.8543 0.8863 0.3023 0.1051  -0.0247 0.0805  69 GLY A CA    
507 C C     . GLY A 69 ? 0.7236 0.7600 0.2819 0.1121  -0.0003 0.0865  69 GLY A C     
508 O O     . GLY A 69 ? 0.6910 0.7275 0.2830 0.1182  0.0116  0.1234  69 GLY A O     
509 N N     . ALA A 70 ? 0.7080 0.7438 0.3183 0.1092  0.0052  0.0503  70 ALA A N     
510 C CA    . ALA A 70 ? 0.6063 0.6459 0.3081 0.1148  0.0243  0.0534  70 ALA A CA    
511 C C     . ALA A 70 ? 0.5333 0.5889 0.3000 0.1169  -0.0035 0.0764  70 ALA A C     
512 O O     . ALA A 70 ? 0.5421 0.6115 0.3137 0.1140  -0.0400 0.0740  70 ALA A O     
513 C CB    . ALA A 70 ? 0.5873 0.6143 0.3166 0.1130  0.0331  0.0147  70 ALA A CB    
514 N N     . GLU A 71 ? 0.4551 0.5113 0.2753 0.1213  0.0152  0.0951  71 GLU A N     
515 C CA    . GLU A 71 ? 0.3961 0.4605 0.2772 0.1240  -0.0020 0.1098  71 GLU A CA    
516 C C     . GLU A 71 ? 0.3450 0.4073 0.2830 0.1225  0.0195  0.1082  71 GLU A C     
517 O O     . GLU A 71 ? 0.3428 0.4040 0.2811 0.1213  0.0458  0.1059  71 GLU A O     
518 C CB    . GLU A 71 ? 0.4324 0.4924 0.2991 0.1313  -0.0141 0.1463  71 GLU A CB    
519 C CG    . GLU A 71 ? 0.4656 0.5070 0.3117 0.1297  0.0172  0.1724  71 GLU A CG    
520 C CD    . GLU A 71 ? 0.5288 0.5519 0.3591 0.1376  0.0051  0.2143  71 GLU A CD    
521 O OE1   . GLU A 71 ? 0.5153 0.5422 0.3839 0.1446  -0.0246 0.2158  71 GLU A OE1   
522 O OE2   . GLU A 71 ? 0.5962 0.5991 0.3852 0.1318  0.0279  0.2389  71 GLU A OE2   
523 N N     . ALA A 72 ? 0.3176 0.3836 0.3045 0.1223  0.0081  0.1076  72 ALA A N     
524 C CA    . ALA A 72 ? 0.2654 0.3295 0.2955 0.1180  0.0212  0.1031  72 ALA A CA    
525 C C     . ALA A 72 ? 0.2743 0.3293 0.3209 0.1156  0.0345  0.1234  72 ALA A C     
526 O O     . ALA A 72 ? 0.3099 0.3529 0.3434 0.1199  0.0315  0.1452  72 ALA A O     
527 C CB    . ALA A 72 ? 0.2259 0.2929 0.2880 0.1156  0.0094  0.0911  72 ALA A CB    
528 N N     . ALA A 73 ? 0.2425 0.3018 0.3201 0.1075  0.0469  0.1175  73 ALA A N     
529 C CA    . ALA A 73 ? 0.2538 0.3046 0.3566 0.0976  0.0600  0.1311  73 ALA A CA    
530 C C     . ALA A 73 ? 0.2244 0.2836 0.3676 0.0866  0.0564  0.1147  73 ALA A C     
531 O O     . ALA A 73 ? 0.2021 0.2788 0.3498 0.0889  0.0495  0.1005  73 ALA A O     
532 C CB    . ALA A 73 ? 0.2870 0.3455 0.3778 0.0932  0.0844  0.1455  73 ALA A CB    
533 N N     . ASN A 74 ? 0.2593 0.3013 0.4273 0.0744  0.0592  0.1170  74 ASN A N     
534 C CA    . ASN A 74 ? 0.2535 0.3009 0.4497 0.0594  0.0513  0.0978  74 ASN A CA    
535 C C     . ASN A 74 ? 0.2267 0.2760 0.4057 0.0655  0.0353  0.0793  74 ASN A C     
536 O O     . ASN A 74 ? 0.2173 0.2853 0.3993 0.0607  0.0240  0.0690  74 ASN A O     
537 C CB    . ASN A 74 ? 0.2616 0.3457 0.4899 0.0490  0.0547  0.0967  74 ASN A CB    
538 C CG    . ASN A 74 ? 0.3027 0.3893 0.5521 0.0378  0.0791  0.1153  74 ASN A CG    
539 O OD1   . ASN A 74 ? 0.3396 0.3933 0.5955 0.0249  0.0881  0.1246  74 ASN A OD1   
540 N ND2   . ASN A 74 ? 0.2990 0.4203 0.5599 0.0428  0.0942  0.1213  74 ASN A ND2   
541 N N     . VAL A 75 ? 0.2612 0.2931 0.4246 0.0760  0.0346  0.0781  75 VAL A N     
542 C CA    . VAL A 75 ? 0.2371 0.2719 0.3849 0.0791  0.0276  0.0631  75 VAL A CA    
543 C C     . VAL A 75 ? 0.2506 0.2717 0.3961 0.0660  0.0274  0.0429  75 VAL A C     
544 O O     . VAL A 75 ? 0.2677 0.2651 0.4259 0.0631  0.0362  0.0348  75 VAL A O     
545 C CB    . VAL A 75 ? 0.2289 0.2613 0.3759 0.0927  0.0286  0.0666  75 VAL A CB    
546 C CG1   . VAL A 75 ? 0.2192 0.2597 0.3558 0.0907  0.0275  0.0525  75 VAL A CG1   
547 C CG2   . VAL A 75 ? 0.2265 0.2691 0.3621 0.1026  0.0244  0.0839  75 VAL A CG2   
548 N N     . THR A 76 ? 0.2448 0.2757 0.3687 0.0588  0.0174  0.0346  76 THR A N     
549 C CA    . THR A 76 ? 0.2774 0.2953 0.3780 0.0443  0.0152  0.0140  76 THR A CA    
550 C C     . THR A 76 ? 0.2848 0.3028 0.3455 0.0442  0.0143  0.0120  76 THR A C     
551 O O     . THR A 76 ? 0.2634 0.2884 0.3234 0.0541  0.0157  0.0248  76 THR A O     
552 C CB    . THR A 76 ? 0.2996 0.3284 0.4040 0.0275  -0.0034 0.0084  76 THR A CB    
553 O OG1   . THR A 76 ? 0.2846 0.3424 0.3936 0.0347  -0.0202 0.0250  76 THR A OG1   
554 C CG2   . THR A 76 ? 0.3011 0.3251 0.4470 0.0189  0.0024  0.0086  76 THR A CG2   
555 N N     . GLY A 77 ? 0.3001 0.3053 0.3219 0.0297  0.0130  -0.0049 77 GLY A N     
556 C CA    . GLY A 77 ? 0.3352 0.3355 0.3056 0.0250  0.0113  -0.0010 77 GLY A CA    
557 C C     . GLY A 77 ? 0.3406 0.3546 0.3008 0.0270  -0.0191 0.0187  77 GLY A C     
558 O O     . GLY A 77 ? 0.3304 0.3644 0.3248 0.0276  -0.0373 0.0210  77 GLY A O     
559 N N     . PRO A 78 ? 0.3587 0.3621 0.2783 0.0287  -0.0232 0.0346  78 PRO A N     
560 C CA    . PRO A 78 ? 0.4587 0.4698 0.3747 0.0383  -0.0525 0.0584  78 PRO A CA    
561 C C     . PRO A 78 ? 0.5426 0.5623 0.4226 0.0275  -0.0854 0.0574  78 PRO A C     
562 O O     . PRO A 78 ? 0.5733 0.6115 0.4679 0.0389  -0.1170 0.0770  78 PRO A O     
563 C CB    . PRO A 78 ? 0.4523 0.4343 0.3322 0.0413  -0.0407 0.0765  78 PRO A CB    
564 C CG    . PRO A 78 ? 0.4528 0.4179 0.2910 0.0230  -0.0122 0.0603  78 PRO A CG    
565 C CD    . PRO A 78 ? 0.3891 0.3706 0.2701 0.0217  0.0030  0.0333  78 PRO A CD    
566 N N     . GLY A 79 ? 0.4671 0.4753 0.3025 0.0066  -0.0794 0.0327  79 GLY A N     
567 C CA    . GLY A 79 ? 0.5338 0.5492 0.3224 -0.0094 -0.1142 0.0254  79 GLY A CA    
568 C C     . GLY A 79 ? 0.6143 0.6068 0.3129 -0.0120 -0.1283 0.0475  79 GLY A C     
569 O O     . GLY A 79 ? 0.6429 0.6020 0.2900 -0.0170 -0.0949 0.0498  79 GLY A O     
570 P P     . G   B 1  ? 1.2998 1.0935 1.0852 0.0876  -0.0402 0.1639  9  G   V P     
571 O OP1   . G   B 1  ? 1.2787 1.1075 1.1651 0.1249  -0.0607 0.1360  9  G   V OP1   
572 O OP2   . G   B 1  ? 1.3283 1.0501 1.0948 0.0480  0.0121  0.1644  9  G   V OP2   
573 O "O5'" . G   B 1  ? 1.2063 1.0804 0.9639 0.0542  -0.0446 0.1398  9  G   V "O5'" 
574 C "C5'" . G   B 1  ? 1.1443 1.0296 0.8959 0.0017  -0.0030 0.1129  9  G   V "C5'" 
575 C "C4'" . G   B 1  ? 1.0888 1.0320 0.7894 -0.0219 -0.0114 0.1100  9  G   V "C4'" 
576 O "O4'" . G   B 1  ? 1.0844 1.0046 0.7327 -0.0693 0.0279  0.1138  9  G   V "O4'" 
577 C "C3'" . G   B 1  ? 1.1304 1.0873 0.7686 0.0051  -0.0512 0.1416  9  G   V "C3'" 
578 O "O3'" . G   B 1  ? 1.0623 1.0943 0.6990 -0.0024 -0.0697 0.1184  9  G   V "O3'" 
579 C "C2'" . G   B 1  ? 1.1857 1.0895 0.7382 -0.0212 -0.0241 0.1774  9  G   V "C2'" 
580 O "O2'" . G   B 1  ? 1.2070 1.1360 0.6827 -0.0165 -0.0436 0.2010  9  G   V "O2'" 
581 C "C1'" . G   B 1  ? 1.1217 1.0354 0.6878 -0.0730 0.0189  0.1479  9  G   V "C1'" 
582 N N9    . G   B 1  ? 1.1722 1.0237 0.6971 -0.1061 0.0573  0.1670  9  G   V N9    
583 C C8    . G   B 1  ? 1.2550 1.0235 0.7848 -0.0994 0.0739  0.1882  9  G   V C8    
584 N N7    . G   B 1  ? 1.2880 1.0148 0.7830 -0.1393 0.1102  0.1979  9  G   V N7    
585 C C5    . G   B 1  ? 1.2199 1.0121 0.6846 -0.1721 0.1160  0.1830  9  G   V C5    
586 C C6    . G   B 1  ? 1.2163 1.0114 0.6444 -0.2211 0.1481  0.1824  9  G   V C6    
587 O O6    . G   B 1  ? 1.2747 1.0123 0.6907 -0.2501 0.1798  0.1931  9  G   V O6    
588 N N1    . G   B 1  ? 1.1383 1.0144 0.5506 -0.2358 0.1408  0.1657  9  G   V N1    
589 C C2    . G   B 1  ? 1.0757 1.0140 0.5059 -0.2093 0.1093  0.1507  9  G   V C2    
590 N N2    . G   B 1  ? 1.0124 1.0171 0.4279 -0.2275 0.1092  0.1367  9  G   V N2    
591 N N3    . G   B 1  ? 1.0785 1.0147 0.5455 -0.1680 0.0802  0.1483  9  G   V N3    
592 C C4    . G   B 1  ? 1.1499 1.0154 0.6316 -0.1507 0.0844  0.1651  9  G   V C4    
593 P P     . 5MC B 2  ? 1.0811 1.1618 0.7042 0.0380  -0.1253 0.1214  10 5MC V P     
594 O OP1   . 5MC B 2  ? 1.1408 1.2020 0.8030 0.0861  -0.1564 0.1344  10 5MC V OP1   
595 O OP2   . 5MC B 2  ? 1.1149 1.1976 0.6366 0.0290  -0.1277 0.1471  10 5MC V OP2   
596 O "O5'" . 5MC B 2  ? 0.9884 1.1441 0.6824 0.0287  -0.1354 0.0729  10 5MC V "O5'" 
597 C "C5'" . 5MC B 2  ? 0.9431 1.1152 0.7383 0.0308  -0.1282 0.0427  10 5MC V "C5'" 
598 C "C4'" . 5MC B 2  ? 0.8611 1.0956 0.7089 0.0111  -0.1260 0.0052  10 5MC V "C4'" 
599 O "O4'" . 5MC B 2  ? 0.8255 1.0570 0.6234 -0.0294 -0.0911 0.0082  10 5MC V "O4'" 
600 C "C3'" . 5MC B 2  ? 0.8565 1.1479 0.7130 0.0322  -0.1730 -0.0126 10 5MC V "C3'" 
601 O "O3'" . 5MC B 2  ? 0.7937 1.1344 0.7485 0.0251  -0.1735 -0.0514 10 5MC V "O3'" 
602 C "C2'" . 5MC B 2  ? 0.8499 1.1456 0.6215 0.0092  -0.1635 -0.0038 10 5MC V "C2'" 
603 O "O2'" . 5MC B 2  ? 0.8227 1.1735 0.6097 0.0120  -0.1894 -0.0327 10 5MC V "O2'" 
604 C "C1'" . 5MC B 2  ? 0.8016 1.0779 0.5781 -0.0318 -0.1111 -0.0034 10 5MC V "C1'" 
605 N N1    . 5MC B 2  ? 0.8085 1.0693 0.4990 -0.0571 -0.0888 0.0167  10 5MC V N1    
606 C C2    . 5MC B 2  ? 0.7587 1.0594 0.4420 -0.0781 -0.0806 0.0010  10 5MC V C2    
607 O O2    . 5MC B 2  ? 0.7157 1.0549 0.4626 -0.0756 -0.0909 -0.0268 10 5MC V O2    
608 N N3    . 5MC B 2  ? 0.7646 1.0591 0.3718 -0.1014 -0.0586 0.0189  10 5MC V N3    
609 C C4    . 5MC B 2  ? 0.8192 1.0677 0.3602 -0.1087 -0.0430 0.0511  10 5MC V C4    
610 N N4    . 5MC B 2  ? 0.8250 1.0746 0.3020 -0.1341 -0.0196 0.0662  10 5MC V N4    
611 C C5    . 5MC B 2  ? 0.8739 1.0735 0.4200 -0.0898 -0.0491 0.0690  10 5MC V C5    
612 C C6    . 5MC B 2  ? 0.8675 1.0746 0.4890 -0.0614 -0.0735 0.0514  10 5MC V C6    
613 C CM5   . 5MC B 2  ? 0.9420 1.0829 0.4237 -0.0994 -0.0285 0.1056  10 5MC V CM5   
614 P P     . C   B 3  ? 0.7996 1.1950 0.8357 0.0590  -0.2242 -0.0812 11 C   V P     
615 O OP1   . C   B 3  ? 0.8783 1.2594 0.8703 0.1007  -0.2649 -0.0574 11 C   V OP1   
616 O OP2   . C   B 3  ? 0.7605 1.2058 0.8171 0.0456  -0.2377 -0.1130 11 C   V OP2   
617 O "O5'" . C   B 3  ? 0.7634 1.1685 0.9150 0.0563  -0.2014 -0.1009 11 C   V "O5'" 
618 C "C5'" . C   B 3  ? 0.7622 1.1198 0.9116 0.0419  -0.1552 -0.0849 11 C   V "C5'" 
619 C "C4'" . C   B 3  ? 0.7046 1.0872 0.9457 0.0192  -0.1179 -0.1107 11 C   V "C4'" 
620 O "O4'" . C   B 3  ? 0.6628 1.0406 0.8625 -0.0210 -0.0800 -0.1072 11 C   V "O4'" 
621 C "C3'" . C   B 3  ? 0.6737 1.1215 1.0243 0.0282  -0.1421 -0.1462 11 C   V "C3'" 
622 O "O3'" . C   B 3  ? 0.6516 1.1133 1.0992 0.0242  -0.1106 -0.1625 11 C   V "O3'" 
623 C "C2'" . C   B 3  ? 0.6287 1.0973 0.9653 -0.0036 -0.1300 -0.1558 11 C   V "C2'" 
624 O "O2'" . C   B 3  ? 0.5886 1.1051 1.0329 -0.0145 -0.1248 -0.1868 11 C   V "O2'" 
625 C "C1'" . C   B 3  ? 0.6145 1.0410 0.8853 -0.0345 -0.0779 -0.1324 11 C   V "C1'" 
626 N N1    . C   B 3  ? 0.5912 1.0180 0.8003 -0.0593 -0.0681 -0.1248 11 C   V N1    
627 C C2    . C   B 3  ? 0.5504 0.9835 0.7766 -0.0902 -0.0246 -0.1244 11 C   V C2    
628 O O2    . C   B 3  ? 0.5372 0.9761 0.8233 -0.0975 0.0061  -0.1306 11 C   V O2    
629 N N3    . C   B 3  ? 0.5320 0.9672 0.7081 -0.1089 -0.0165 -0.1159 11 C   V N3    
630 C C4    . C   B 3  ? 0.5504 0.9831 0.6634 -0.0997 -0.0469 -0.1121 11 C   V C4    
631 N N4    . C   B 3  ? 0.5324 0.9702 0.6044 -0.1165 -0.0362 -0.1059 11 C   V N4    
632 C C5    . C   B 3  ? 0.5944 1.0218 0.6822 -0.0704 -0.0889 -0.1129 11 C   V C5    
633 C C6    . C   B 3  ? 0.6144 1.0384 0.7508 -0.0501 -0.0996 -0.1174 11 C   V C6    
634 P P     . U   B 4  ? 0.6798 1.1670 1.2231 0.0640  -0.1381 -0.1779 12 U   V P     
635 O OP1   . U   B 4  ? 0.7459 1.1927 1.2185 0.0991  -0.1715 -0.1502 12 U   V OP1   
636 O OP2   . U   B 4  ? 0.6526 1.2113 1.2993 0.0681  -0.1675 -0.2133 12 U   V OP2   
637 O "O5'" . U   B 4  ? 0.6680 1.1405 1.2663 0.0526  -0.0816 -0.1832 12 U   V "O5'" 
638 C "C5'" . U   B 4  ? 0.7152 1.1510 1.3188 0.0804  -0.0770 -0.1737 12 U   V "C5'" 
639 C "C4'" . U   B 4  ? 0.7423 1.1042 1.2369 0.0641  -0.0453 -0.1464 12 U   V "C4'" 
640 O "O4'" . U   B 4  ? 0.6969 1.0605 1.1436 0.0187  -0.0088 -0.1458 12 U   V "O4'" 
641 C "C3'" . U   B 4  ? 0.7736 1.0964 1.2939 0.0712  -0.0066 -0.1503 12 U   V "C3'" 
642 O "O3'" . U   B 4  ? 0.8257 1.0735 1.2498 0.0716  -0.0016 -0.1223 12 U   V "O3'" 
643 C "C2'" . U   B 4  ? 0.7263 1.0679 1.2619 0.0297  0.0508  -0.1683 12 U   V "C2'" 
644 O "O2'" . U   B 4  ? 0.7537 1.0502 1.2638 0.0184  0.0972  -0.1718 12 U   V "O2'" 
645 C "C1'" . U   B 4  ? 0.6925 1.0374 1.1453 -0.0026 0.0470  -0.1532 12 U   V "C1'" 
646 N N1    . U   B 4  ? 0.6382 1.0294 1.1280 -0.0335 0.0771  -0.1668 12 U   V N1    
647 C C2    . U   B 4  ? 0.6286 1.0169 1.1118 -0.0605 0.1329  -0.1727 12 U   V C2    
648 O O2    . U   B 4  ? 0.6614 1.0118 1.1125 -0.0620 0.1596  -0.1743 12 U   V O2    
649 N N3    . U   B 4  ? 0.5863 1.0181 1.1028 -0.0852 0.1568  -0.1773 12 U   V N3    
650 C C4    . U   B 4  ? 0.5530 1.0238 1.1150 -0.0877 0.1330  -0.1798 12 U   V C4    
651 O O4    . U   B 4  ? 0.5248 1.0242 1.1163 -0.1114 0.1628  -0.1799 12 U   V O4    
652 C C5    . U   B 4  ? 0.5633 1.0362 1.1318 -0.0609 0.0742  -0.1815 12 U   V C5    
653 C C6    . U   B 4  ? 0.6050 1.0416 1.1338 -0.0344 0.0486  -0.1733 12 U   V C6    
# 
loop_
_pdbx_poly_seq_scheme.asym_id 
_pdbx_poly_seq_scheme.entity_id 
_pdbx_poly_seq_scheme.seq_id 
_pdbx_poly_seq_scheme.mon_id 
_pdbx_poly_seq_scheme.ndb_seq_num 
_pdbx_poly_seq_scheme.pdb_seq_num 
_pdbx_poly_seq_scheme.auth_seq_num 
_pdbx_poly_seq_scheme.pdb_mon_id 
_pdbx_poly_seq_scheme.auth_mon_id 
_pdbx_poly_seq_scheme.pdb_strand_id 
_pdbx_poly_seq_scheme.pdb_ins_code 
_pdbx_poly_seq_scheme.hetero 
A 1 1  SER 1  1  ?  ?   ?   A . n 
A 1 2  LYS 2  2  2  LYS LYS A . n 
A 1 3  LYS 3  3  3  LYS LYS A . n 
A 1 4  VAL 4  4  4  VAL VAL A . n 
A 1 5  ILE 5  5  5  ILE ILE A . n 
A 1 6  ALA 6  6  6  ALA ALA A . n 
A 1 7  THR 7  7  7  THR THR A . n 
A 1 8  LYS 8  8  8  LYS LYS A . n 
A 1 9  VAL 9  9  9  VAL VAL A . n 
A 1 10 LEU 10 10 10 LEU LEU A . n 
A 1 11 GLY 11 11 11 GLY GLY A . n 
A 1 12 THR 12 12 12 THR THR A . n 
A 1 13 VAL 13 13 13 VAL VAL A . n 
A 1 14 LYS 14 14 14 LYS LYS A . n 
A 1 15 TRP 15 15 15 TRP TRP A . n 
A 1 16 PHE 16 16 16 PHE PHE A . n 
A 1 17 ASN 17 17 17 ASN ASN A . n 
A 1 18 VAL 18 18 18 VAL VAL A . n 
A 1 19 ARG 19 19 19 ARG ARG A . n 
A 1 20 ASN 20 20 20 ASN ASN A . n 
A 1 21 GLY 21 21 21 GLY GLY A . n 
A 1 22 TYR 22 22 22 TYR TYR A . n 
A 1 23 GLY 23 23 23 GLY GLY A . n 
A 1 24 PHE 24 24 24 PHE PHE A . n 
A 1 25 ILE 25 25 25 ILE ILE A . n 
A 1 26 ASN 26 26 26 ASN ASN A . n 
A 1 27 ARG 27 27 27 ARG ARG A . n 
A 1 28 ASN 28 28 28 ASN ASN A . n 
A 1 29 ASP 29 29 29 ASP ASP A . n 
A 1 30 THR 30 30 30 THR THR A . n 
A 1 31 LYS 31 31 31 LYS LYS A . n 
A 1 32 GLU 32 32 32 GLU GLU A . n 
A 1 33 ASP 33 33 33 ASP ASP A . n 
A 1 34 VAL 34 34 34 VAL VAL A . n 
A 1 35 PHE 35 35 35 PHE PHE A . n 
A 1 36 VAL 36 36 36 VAL VAL A . n 
A 1 37 HIS 37 37 37 HIS HIS A . n 
A 1 38 GLN 38 38 38 GLN GLN A . n 
A 1 39 THR 39 39 39 THR THR A . n 
A 1 40 ALA 40 40 40 ALA ALA A . n 
A 1 41 ILE 41 41 41 ILE ILE A . n 
A 1 42 LYS 42 42 42 LYS LYS A . n 
A 1 43 LYS 43 43 43 LYS LYS A . n 
A 1 44 ASN 44 44 44 ASN ASN A . n 
A 1 45 ASN 45 45 45 ASN ASN A . n 
A 1 46 PRO 46 46 ?  ?   ?   A . n 
A 1 47 ARG 47 47 ?  ?   ?   A . n 
A 1 48 LYS 48 48 ?  ?   ?   A . n 
A 1 49 TYR 49 49 ?  ?   ?   A . n 
A 1 50 LEU 50 50 50 LEU LEU A . n 
A 1 51 ARG 51 51 51 ARG ARG A . n 
A 1 52 SER 52 52 52 SER SER A . n 
A 1 53 VAL 53 53 53 VAL VAL A . n 
A 1 54 GLY 54 54 54 GLY GLY A . n 
A 1 55 ASP 55 55 55 ASP ASP A . n 
A 1 56 GLY 56 56 56 GLY GLY A . n 
A 1 57 GLU 57 57 57 GLU GLU A . n 
A 1 58 THR 58 58 58 THR THR A . n 
A 1 59 VAL 59 59 59 VAL VAL A . n 
A 1 60 GLU 60 60 60 GLU GLU A . n 
A 1 61 PHE 61 61 61 PHE PHE A . n 
A 1 62 ASP 62 62 62 ASP ASP A . n 
A 1 63 VAL 63 63 63 VAL VAL A . n 
A 1 64 VAL 64 64 64 VAL VAL A . n 
A 1 65 GLU 65 65 65 GLU GLU A . n 
A 1 66 GLY 66 66 66 GLY GLY A . n 
A 1 67 GLU 67 67 67 GLU GLU A . n 
A 1 68 LYS 68 68 68 LYS LYS A . n 
A 1 69 GLY 69 69 69 GLY GLY A . n 
A 1 70 ALA 70 70 70 ALA ALA A . n 
A 1 71 GLU 71 71 71 GLU GLU A . n 
A 1 72 ALA 72 72 72 ALA ALA A . n 
A 1 73 ALA 73 73 73 ALA ALA A . n 
A 1 74 ASN 74 74 74 ASN ASN A . n 
A 1 75 VAL 75 75 75 VAL VAL A . n 
A 1 76 THR 76 76 76 THR THR A . n 
A 1 77 GLY 77 77 77 GLY GLY A . n 
A 1 78 PRO 78 78 78 PRO PRO A . n 
A 1 79 GLY 79 79 79 GLY GLY A . n 
B 2 1  G   1  9  9  G   G   V . n 
B 2 2  5MC 2  10 10 5MC 5MC V . n 
B 2 3  C   3  11 11 C   C   V . n 
B 2 4  U   4  12 12 U   U   V . n 
# 
loop_
_pdbx_nonpoly_scheme.asym_id 
_pdbx_nonpoly_scheme.entity_id 
_pdbx_nonpoly_scheme.mon_id 
_pdbx_nonpoly_scheme.ndb_seq_num 
_pdbx_nonpoly_scheme.pdb_seq_num 
_pdbx_nonpoly_scheme.auth_seq_num 
_pdbx_nonpoly_scheme.pdb_mon_id 
_pdbx_nonpoly_scheme.auth_mon_id 
_pdbx_nonpoly_scheme.pdb_strand_id 
_pdbx_nonpoly_scheme.pdb_ins_code 
C 3 HOH 1  101 3  HOH HOH A . 
C 3 HOH 2  102 8  HOH HOH A . 
C 3 HOH 3  103 20 HOH HOH A . 
C 3 HOH 4  104 16 HOH HOH A . 
C 3 HOH 5  105 5  HOH HOH A . 
C 3 HOH 6  106 19 HOH HOH A . 
C 3 HOH 7  107 4  HOH HOH A . 
C 3 HOH 8  108 10 HOH HOH A . 
C 3 HOH 9  109 7  HOH HOH A . 
C 3 HOH 10 110 1  HOH HOH A . 
C 3 HOH 11 111 11 HOH HOH A . 
C 3 HOH 12 112 13 HOH HOH A . 
C 3 HOH 13 113 2  HOH HOH A . 
C 3 HOH 14 114 12 HOH HOH A . 
C 3 HOH 15 115 15 HOH HOH A . 
C 3 HOH 16 116 24 HOH HOH A . 
C 3 HOH 17 117 6  HOH HOH A . 
C 3 HOH 18 118 9  HOH HOH A . 
C 3 HOH 19 119 28 HOH HOH A . 
C 3 HOH 20 120 17 HOH HOH A . 
C 3 HOH 21 121 22 HOH HOH A . 
C 3 HOH 22 122 25 HOH HOH A . 
C 3 HOH 23 123 30 HOH HOH A . 
C 3 HOH 24 124 21 HOH HOH A . 
C 3 HOH 25 125 27 HOH HOH A . 
C 3 HOH 26 126 29 HOH HOH A . 
C 3 HOH 27 127 26 HOH HOH A . 
D 3 HOH 1  101 14 HOH HOH V . 
D 3 HOH 2  102 18 HOH HOH V . 
D 3 HOH 3  103 23 HOH HOH V . 
# 
_pdbx_struct_assembly.id                   1 
_pdbx_struct_assembly.details              author_defined_assembly 
_pdbx_struct_assembly.method_details       ? 
_pdbx_struct_assembly.oligomeric_details   dimeric 
_pdbx_struct_assembly.oligomeric_count     2 
# 
_pdbx_struct_assembly_gen.assembly_id       1 
_pdbx_struct_assembly_gen.oper_expression   1 
_pdbx_struct_assembly_gen.asym_id_list      A,B,C,D 
# 
loop_
_pdbx_struct_assembly_prop.biol_id 
_pdbx_struct_assembly_prop.type 
_pdbx_struct_assembly_prop.value 
_pdbx_struct_assembly_prop.details 
1 'ABSA (A^2)' 1490 ? 
1 MORE         -0   ? 
1 'SSA (A^2)'  4950 ? 
# 
_pdbx_struct_oper_list.id                   1 
_pdbx_struct_oper_list.type                 'identity operation' 
_pdbx_struct_oper_list.name                 1_555 
_pdbx_struct_oper_list.symmetry_operation   x,y,z 
_pdbx_struct_oper_list.matrix[1][1]         1.0000000000 
_pdbx_struct_oper_list.matrix[1][2]         0.0000000000 
_pdbx_struct_oper_list.matrix[1][3]         0.0000000000 
_pdbx_struct_oper_list.vector[1]            0.0000000000 
_pdbx_struct_oper_list.matrix[2][1]         0.0000000000 
_pdbx_struct_oper_list.matrix[2][2]         1.0000000000 
_pdbx_struct_oper_list.matrix[2][3]         0.0000000000 
_pdbx_struct_oper_list.vector[2]            0.0000000000 
_pdbx_struct_oper_list.matrix[3][1]         0.0000000000 
_pdbx_struct_oper_list.matrix[3][2]         0.0000000000 
_pdbx_struct_oper_list.matrix[3][3]         1.0000000000 
_pdbx_struct_oper_list.vector[3]            0.0000000000 
# 
loop_
_pdbx_audit_revision_history.ordinal 
_pdbx_audit_revision_history.data_content_type 
_pdbx_audit_revision_history.major_revision 
_pdbx_audit_revision_history.minor_revision 
_pdbx_audit_revision_history.revision_date 
1 'Structure model' 1 0 2020-02-05 
2 'Structure model' 1 1 2020-02-19 
3 'Structure model' 1 2 2020-03-04 
4 'Structure model' 1 3 2023-11-22 
# 
_pdbx_audit_revision_details.ordinal             1 
_pdbx_audit_revision_details.revision_ordinal    1 
_pdbx_audit_revision_details.data_content_type   'Structure model' 
_pdbx_audit_revision_details.provider            repository 
_pdbx_audit_revision_details.type                'Initial release' 
_pdbx_audit_revision_details.description         ? 
_pdbx_audit_revision_details.details             ? 
# 
loop_
_pdbx_audit_revision_group.ordinal 
_pdbx_audit_revision_group.revision_ordinal 
_pdbx_audit_revision_group.data_content_type 
_pdbx_audit_revision_group.group 
1 2 'Structure model' 'Database references'    
2 3 'Structure model' 'Database references'    
3 4 'Structure model' 'Data collection'        
4 4 'Structure model' 'Database references'    
5 4 'Structure model' 'Refinement description' 
# 
loop_
_pdbx_audit_revision_category.ordinal 
_pdbx_audit_revision_category.revision_ordinal 
_pdbx_audit_revision_category.data_content_type 
_pdbx_audit_revision_category.category 
1 2 'Structure model' citation                      
2 3 'Structure model' citation                      
3 4 'Structure model' chem_comp_atom                
4 4 'Structure model' chem_comp_bond                
5 4 'Structure model' database_2                    
6 4 'Structure model' pdbx_initial_refinement_model 
# 
loop_
_pdbx_audit_revision_item.ordinal 
_pdbx_audit_revision_item.revision_ordinal 
_pdbx_audit_revision_item.data_content_type 
_pdbx_audit_revision_item.item 
1 2 'Structure model' '_citation.pdbx_database_id_PubMed'   
2 2 'Structure model' '_citation.title'                     
3 3 'Structure model' '_citation.journal_volume'            
4 3 'Structure model' '_citation.page_first'                
5 3 'Structure model' '_citation.page_last'                 
6 4 'Structure model' '_database_2.pdbx_DOI'                
7 4 'Structure model' '_database_2.pdbx_database_accession' 
# 
loop_
_pdbx_refine_tls.id 
_pdbx_refine_tls.pdbx_refine_id 
_pdbx_refine_tls.details 
_pdbx_refine_tls.method 
_pdbx_refine_tls.origin_x 
_pdbx_refine_tls.origin_y 
_pdbx_refine_tls.origin_z 
_pdbx_refine_tls.T[1][1] 
_pdbx_refine_tls.T[1][1]_esd 
_pdbx_refine_tls.T[1][2] 
_pdbx_refine_tls.T[1][2]_esd 
_pdbx_refine_tls.T[1][3] 
_pdbx_refine_tls.T[1][3]_esd 
_pdbx_refine_tls.T[2][2] 
_pdbx_refine_tls.T[2][2]_esd 
_pdbx_refine_tls.T[2][3] 
_pdbx_refine_tls.T[2][3]_esd 
_pdbx_refine_tls.T[3][3] 
_pdbx_refine_tls.T[3][3]_esd 
_pdbx_refine_tls.L[1][1] 
_pdbx_refine_tls.L[1][1]_esd 
_pdbx_refine_tls.L[1][2] 
_pdbx_refine_tls.L[1][2]_esd 
_pdbx_refine_tls.L[1][3] 
_pdbx_refine_tls.L[1][3]_esd 
_pdbx_refine_tls.L[2][2] 
_pdbx_refine_tls.L[2][2]_esd 
_pdbx_refine_tls.L[2][3] 
_pdbx_refine_tls.L[2][3]_esd 
_pdbx_refine_tls.L[3][3] 
_pdbx_refine_tls.L[3][3]_esd 
_pdbx_refine_tls.S[1][1] 
_pdbx_refine_tls.S[1][1]_esd 
_pdbx_refine_tls.S[1][2] 
_pdbx_refine_tls.S[1][2]_esd 
_pdbx_refine_tls.S[1][3] 
_pdbx_refine_tls.S[1][3]_esd 
_pdbx_refine_tls.S[2][1] 
_pdbx_refine_tls.S[2][1]_esd 
_pdbx_refine_tls.S[2][2] 
_pdbx_refine_tls.S[2][2]_esd 
_pdbx_refine_tls.S[2][3] 
_pdbx_refine_tls.S[2][3]_esd 
_pdbx_refine_tls.S[3][1] 
_pdbx_refine_tls.S[3][1]_esd 
_pdbx_refine_tls.S[3][2] 
_pdbx_refine_tls.S[3][2]_esd 
_pdbx_refine_tls.S[3][3] 
_pdbx_refine_tls.S[3][3]_esd 
1 'X-RAY DIFFRACTION' ? refined -1.2400 2.1588  0.9815  0.2300 ? 0.0158  ? 0.0228  ? 0.2851 ? 0.0472  ? 0.2126 ? 3.1296 ? -2.1063 ? -1.4601 ? 1.7230 ? 1.5816  ? 2.4646 ? -0.2209 ? -0.3267 ? -0.0370 ? 0.4759  ? 0.2248  ? 0.2778  ? 0.0777  ? -0.3590 ? 0.2005  ? 
2 'X-RAY DIFFRACTION' ? refined 7.1428  -1.4264 2.2300  0.2166 ? 0.1078  ? 0.0157  ? 0.2723 ? 0.0095  ? 0.1981 ? 0.6167 ? -1.0920 ? 0.9469  ? 9.4950 ? -1.6242 ? 3.3867 ? 0.2143  ? -0.0720 ? 0.0507  ? -0.0237 ? 0.1239  ? -0.3644 ? 0.2348  ? 0.3590  ? -0.3545 ? 
3 'X-RAY DIFFRACTION' ? refined 1.2916  3.0432  2.4708  0.1829 ? 0.0702  ? 0.0247  ? 0.2399 ? 0.0205  ? 0.1330 ? 5.9851 ? -1.7958 ? -1.6079 ? 4.7316 ? -1.0151 ? 4.9207 ? -0.0612 ? -0.3963 ? 0.1258  ? 0.0587  ? 0.1209  ? -0.0302 ? -0.2331 ? 0.0188  ? -0.1935 ? 
4 'X-RAY DIFFRACTION' ? refined 1.9640  -6.5453 -6.1558 0.4905 ? 0.1240  ? -0.0402 ? 0.3203 ? 0.0287  ? 0.3665 ? 4.2691 ? 0.2286  ? -2.4069 ? 8.2651 ? -0.4045 ? 2.5153 ? -0.1468 ? 0.5928  ? -0.6223 ? -0.9082 ? -0.3046 ? 1.5396  ? 0.6608  ? -0.3624 ? -0.1617 ? 
5 'X-RAY DIFFRACTION' ? refined -3.7918 0.4012  1.8419  0.2216 ? 0.1123  ? 0.0346  ? 0.2893 ? 0.0924  ? 0.2871 ? 7.5552 ? 0.9919  ? -1.0471 ? 8.9841 ? 0.3766  ? 6.5915 ? -0.1320 ? -0.7013 ? -0.3775 ? 0.6236  ? 0.0404  ? 0.1913  ? 0.0328  ? -0.1705 ? -0.0355 ? 
6 'X-RAY DIFFRACTION' ? refined 9.4132  -1.9751 8.2231  0.8195 ? -0.0117 ? -0.0714 ? 1.0336 ? -0.0153 ? 0.7577 ? 7.7604 ? -0.8589 ? -1.2830 ? 4.9652 ? 1.1131  ? 4.3012 ? -0.4673 ? -0.8593 ? -0.6338 ? 0.9199  ? 0.7105  ? -1.7356 ? 1.2707  ? 0.5190  ? -0.0645 ? 
# 
loop_
_pdbx_refine_tls_group.id 
_pdbx_refine_tls_group.pdbx_refine_id 
_pdbx_refine_tls_group.refine_tls_id 
_pdbx_refine_tls_group.beg_label_asym_id 
_pdbx_refine_tls_group.beg_label_seq_id 
_pdbx_refine_tls_group.beg_auth_asym_id 
_pdbx_refine_tls_group.beg_auth_seq_id 
_pdbx_refine_tls_group.end_label_asym_id 
_pdbx_refine_tls_group.end_label_seq_id 
_pdbx_refine_tls_group.end_auth_asym_id 
_pdbx_refine_tls_group.end_auth_seq_id 
_pdbx_refine_tls_group.selection 
_pdbx_refine_tls_group.selection_details 
1 'X-RAY DIFFRACTION' 1 ? ? ? ? ? ? ? ? ? 
;chain 'A' and (resid 2 through 17 )
;
2 'X-RAY DIFFRACTION' 2 ? ? ? ? ? ? ? ? ? 
;chain 'A' and (resid 18 through 27 )
;
3 'X-RAY DIFFRACTION' 3 ? ? ? ? ? ? ? ? ? 
;chain 'A' and (resid 28 through 40 )
;
4 'X-RAY DIFFRACTION' 4 ? ? ? ? ? ? ? ? ? 
;chain 'A' and (resid 41 through 57 )
;
5 'X-RAY DIFFRACTION' 5 ? ? ? ? ? ? ? ? ? 
;chain 'A' and (resid 58 through 79 )
;
6 'X-RAY DIFFRACTION' 6 ? ? ? ? ? ? ? ? ? 
;chain 'V' and (resid 9 through 12 )
;
# 
loop_
_software.citation_id 
_software.classification 
_software.compiler_name 
_software.compiler_version 
_software.contact_author 
_software.contact_author_email 
_software.date 
_software.description 
_software.dependencies 
_software.hardware 
_software.language 
_software.location 
_software.mods 
_software.name 
_software.os 
_software.os_version 
_software.type 
_software.version 
_software.pdbx_ordinal 
? refinement       ? ? ? ? ? ? ? ? ? ? ? PHENIX   ? ? ? '(phenix.refine: 1.9_1692)' 1 
? 'data reduction' ? ? ? ? ? ? ? ? ? ? ? HKL-3000 ? ? ? .                           2 
? 'data scaling'   ? ? ? ? ? ? ? ? ? ? ? HKL-3000 ? ? ? .                           3 
? phasing          ? ? ? ? ? ? ? ? ? ? ? PHENIX   ? ? ? .                           4 
# 
_pdbx_entry_details.entry_id                 6KTC 
_pdbx_entry_details.has_ligand_of_interest   Y 
_pdbx_entry_details.compound_details         ? 
_pdbx_entry_details.source_details           ? 
_pdbx_entry_details.nonpolymer_details       ? 
_pdbx_entry_details.sequence_details         ? 
# 
loop_
_pdbx_validate_close_contact.id 
_pdbx_validate_close_contact.PDB_model_num 
_pdbx_validate_close_contact.auth_atom_id_1 
_pdbx_validate_close_contact.auth_asym_id_1 
_pdbx_validate_close_contact.auth_comp_id_1 
_pdbx_validate_close_contact.auth_seq_id_1 
_pdbx_validate_close_contact.PDB_ins_code_1 
_pdbx_validate_close_contact.label_alt_id_1 
_pdbx_validate_close_contact.auth_atom_id_2 
_pdbx_validate_close_contact.auth_asym_id_2 
_pdbx_validate_close_contact.auth_comp_id_2 
_pdbx_validate_close_contact.auth_seq_id_2 
_pdbx_validate_close_contact.PDB_ins_code_2 
_pdbx_validate_close_contact.label_alt_id_2 
_pdbx_validate_close_contact.dist 
1 1 O A HOH 115 ? ? O A HOH 124 ? ? 1.95 
2 1 O A HOH 121 ? ? O V HOH 103 ? ? 2.09 
3 1 O A ALA 70  ? ? O A HOH 101 ? ? 2.17 
# 
_pdbx_validate_torsion.id              1 
_pdbx_validate_torsion.PDB_model_num   1 
_pdbx_validate_torsion.auth_comp_id    ASN 
_pdbx_validate_torsion.auth_asym_id    A 
_pdbx_validate_torsion.auth_seq_id     44 
_pdbx_validate_torsion.PDB_ins_code    ? 
_pdbx_validate_torsion.label_alt_id    ? 
_pdbx_validate_torsion.phi             69.72 
_pdbx_validate_torsion.psi             -9.36 
# 
loop_
_pdbx_unobs_or_zero_occ_residues.id 
_pdbx_unobs_or_zero_occ_residues.PDB_model_num 
_pdbx_unobs_or_zero_occ_residues.polymer_flag 
_pdbx_unobs_or_zero_occ_residues.occupancy_flag 
_pdbx_unobs_or_zero_occ_residues.auth_asym_id 
_pdbx_unobs_or_zero_occ_residues.auth_comp_id 
_pdbx_unobs_or_zero_occ_residues.auth_seq_id 
_pdbx_unobs_or_zero_occ_residues.PDB_ins_code 
_pdbx_unobs_or_zero_occ_residues.label_asym_id 
_pdbx_unobs_or_zero_occ_residues.label_comp_id 
_pdbx_unobs_or_zero_occ_residues.label_seq_id 
1 1 Y 1 A SER 1  ? A SER 1  
2 1 Y 1 A PRO 46 ? A PRO 46 
3 1 Y 1 A ARG 47 ? A ARG 47 
4 1 Y 1 A LYS 48 ? A LYS 48 
5 1 Y 1 A TYR 49 ? A TYR 49 
# 
loop_
_chem_comp_atom.comp_id 
_chem_comp_atom.atom_id 
_chem_comp_atom.type_symbol 
_chem_comp_atom.pdbx_aromatic_flag 
_chem_comp_atom.pdbx_stereo_config 
_chem_comp_atom.pdbx_ordinal 
5MC P      P N N 1   
5MC OP1    O N N 2   
5MC OP2    O N N 3   
5MC OP3    O N N 4   
5MC "O5'"  O N N 5   
5MC "C5'"  C N N 6   
5MC "C4'"  C N R 7   
5MC "O4'"  O N N 8   
5MC "C3'"  C N S 9   
5MC "O3'"  O N N 10  
5MC "C2'"  C N R 11  
5MC "O2'"  O N N 12  
5MC "C1'"  C N R 13  
5MC N1     N N N 14  
5MC C2     C N N 15  
5MC O2     O N N 16  
5MC N3     N N N 17  
5MC C4     C N N 18  
5MC N4     N N N 19  
5MC C5     C N N 20  
5MC C6     C N N 21  
5MC CM5    C N N 22  
5MC HOP2   H N N 23  
5MC HOP3   H N N 24  
5MC "H5'"  H N N 25  
5MC "H5''" H N N 26  
5MC "H4'"  H N N 27  
5MC "H3'"  H N N 28  
5MC "HO3'" H N N 29  
5MC "H2'"  H N N 30  
5MC "HO2'" H N N 31  
5MC "H1'"  H N N 32  
5MC HN41   H N N 33  
5MC HN42   H N N 34  
5MC H6     H N N 35  
5MC HM51   H N N 36  
5MC HM52   H N N 37  
5MC HM53   H N N 38  
ALA N      N N N 39  
ALA CA     C N S 40  
ALA C      C N N 41  
ALA O      O N N 42  
ALA CB     C N N 43  
ALA OXT    O N N 44  
ALA H      H N N 45  
ALA H2     H N N 46  
ALA HA     H N N 47  
ALA HB1    H N N 48  
ALA HB2    H N N 49  
ALA HB3    H N N 50  
ALA HXT    H N N 51  
ARG N      N N N 52  
ARG CA     C N S 53  
ARG C      C N N 54  
ARG O      O N N 55  
ARG CB     C N N 56  
ARG CG     C N N 57  
ARG CD     C N N 58  
ARG NE     N N N 59  
ARG CZ     C N N 60  
ARG NH1    N N N 61  
ARG NH2    N N N 62  
ARG OXT    O N N 63  
ARG H      H N N 64  
ARG H2     H N N 65  
ARG HA     H N N 66  
ARG HB2    H N N 67  
ARG HB3    H N N 68  
ARG HG2    H N N 69  
ARG HG3    H N N 70  
ARG HD2    H N N 71  
ARG HD3    H N N 72  
ARG HE     H N N 73  
ARG HH11   H N N 74  
ARG HH12   H N N 75  
ARG HH21   H N N 76  
ARG HH22   H N N 77  
ARG HXT    H N N 78  
ASN N      N N N 79  
ASN CA     C N S 80  
ASN C      C N N 81  
ASN O      O N N 82  
ASN CB     C N N 83  
ASN CG     C N N 84  
ASN OD1    O N N 85  
ASN ND2    N N N 86  
ASN OXT    O N N 87  
ASN H      H N N 88  
ASN H2     H N N 89  
ASN HA     H N N 90  
ASN HB2    H N N 91  
ASN HB3    H N N 92  
ASN HD21   H N N 93  
ASN HD22   H N N 94  
ASN HXT    H N N 95  
ASP N      N N N 96  
ASP CA     C N S 97  
ASP C      C N N 98  
ASP O      O N N 99  
ASP CB     C N N 100 
ASP CG     C N N 101 
ASP OD1    O N N 102 
ASP OD2    O N N 103 
ASP OXT    O N N 104 
ASP H      H N N 105 
ASP H2     H N N 106 
ASP HA     H N N 107 
ASP HB2    H N N 108 
ASP HB3    H N N 109 
ASP HD2    H N N 110 
ASP HXT    H N N 111 
C   OP3    O N N 112 
C   P      P N N 113 
C   OP1    O N N 114 
C   OP2    O N N 115 
C   "O5'"  O N N 116 
C   "C5'"  C N N 117 
C   "C4'"  C N R 118 
C   "O4'"  O N N 119 
C   "C3'"  C N S 120 
C   "O3'"  O N N 121 
C   "C2'"  C N R 122 
C   "O2'"  O N N 123 
C   "C1'"  C N R 124 
C   N1     N N N 125 
C   C2     C N N 126 
C   O2     O N N 127 
C   N3     N N N 128 
C   C4     C N N 129 
C   N4     N N N 130 
C   C5     C N N 131 
C   C6     C N N 132 
C   HOP3   H N N 133 
C   HOP2   H N N 134 
C   "H5'"  H N N 135 
C   "H5''" H N N 136 
C   "H4'"  H N N 137 
C   "H3'"  H N N 138 
C   "HO3'" H N N 139 
C   "H2'"  H N N 140 
C   "HO2'" H N N 141 
C   "H1'"  H N N 142 
C   H41    H N N 143 
C   H42    H N N 144 
C   H5     H N N 145 
C   H6     H N N 146 
G   OP3    O N N 147 
G   P      P N N 148 
G   OP1    O N N 149 
G   OP2    O N N 150 
G   "O5'"  O N N 151 
G   "C5'"  C N N 152 
G   "C4'"  C N R 153 
G   "O4'"  O N N 154 
G   "C3'"  C N S 155 
G   "O3'"  O N N 156 
G   "C2'"  C N R 157 
G   "O2'"  O N N 158 
G   "C1'"  C N R 159 
G   N9     N Y N 160 
G   C8     C Y N 161 
G   N7     N Y N 162 
G   C5     C Y N 163 
G   C6     C N N 164 
G   O6     O N N 165 
G   N1     N N N 166 
G   C2     C N N 167 
G   N2     N N N 168 
G   N3     N N N 169 
G   C4     C Y N 170 
G   HOP3   H N N 171 
G   HOP2   H N N 172 
G   "H5'"  H N N 173 
G   "H5''" H N N 174 
G   "H4'"  H N N 175 
G   "H3'"  H N N 176 
G   "HO3'" H N N 177 
G   "H2'"  H N N 178 
G   "HO2'" H N N 179 
G   "H1'"  H N N 180 
G   H8     H N N 181 
G   H1     H N N 182 
G   H21    H N N 183 
G   H22    H N N 184 
GLN N      N N N 185 
GLN CA     C N S 186 
GLN C      C N N 187 
GLN O      O N N 188 
GLN CB     C N N 189 
GLN CG     C N N 190 
GLN CD     C N N 191 
GLN OE1    O N N 192 
GLN NE2    N N N 193 
GLN OXT    O N N 194 
GLN H      H N N 195 
GLN H2     H N N 196 
GLN HA     H N N 197 
GLN HB2    H N N 198 
GLN HB3    H N N 199 
GLN HG2    H N N 200 
GLN HG3    H N N 201 
GLN HE21   H N N 202 
GLN HE22   H N N 203 
GLN HXT    H N N 204 
GLU N      N N N 205 
GLU CA     C N S 206 
GLU C      C N N 207 
GLU O      O N N 208 
GLU CB     C N N 209 
GLU CG     C N N 210 
GLU CD     C N N 211 
GLU OE1    O N N 212 
GLU OE2    O N N 213 
GLU OXT    O N N 214 
GLU H      H N N 215 
GLU H2     H N N 216 
GLU HA     H N N 217 
GLU HB2    H N N 218 
GLU HB3    H N N 219 
GLU HG2    H N N 220 
GLU HG3    H N N 221 
GLU HE2    H N N 222 
GLU HXT    H N N 223 
GLY N      N N N 224 
GLY CA     C N N 225 
GLY C      C N N 226 
GLY O      O N N 227 
GLY OXT    O N N 228 
GLY H      H N N 229 
GLY H2     H N N 230 
GLY HA2    H N N 231 
GLY HA3    H N N 232 
GLY HXT    H N N 233 
HIS N      N N N 234 
HIS CA     C N S 235 
HIS C      C N N 236 
HIS O      O N N 237 
HIS CB     C N N 238 
HIS CG     C Y N 239 
HIS ND1    N Y N 240 
HIS CD2    C Y N 241 
HIS CE1    C Y N 242 
HIS NE2    N Y N 243 
HIS OXT    O N N 244 
HIS H      H N N 245 
HIS H2     H N N 246 
HIS HA     H N N 247 
HIS HB2    H N N 248 
HIS HB3    H N N 249 
HIS HD1    H N N 250 
HIS HD2    H N N 251 
HIS HE1    H N N 252 
HIS HE2    H N N 253 
HIS HXT    H N N 254 
HOH O      O N N 255 
HOH H1     H N N 256 
HOH H2     H N N 257 
ILE N      N N N 258 
ILE CA     C N S 259 
ILE C      C N N 260 
ILE O      O N N 261 
ILE CB     C N S 262 
ILE CG1    C N N 263 
ILE CG2    C N N 264 
ILE CD1    C N N 265 
ILE OXT    O N N 266 
ILE H      H N N 267 
ILE H2     H N N 268 
ILE HA     H N N 269 
ILE HB     H N N 270 
ILE HG12   H N N 271 
ILE HG13   H N N 272 
ILE HG21   H N N 273 
ILE HG22   H N N 274 
ILE HG23   H N N 275 
ILE HD11   H N N 276 
ILE HD12   H N N 277 
ILE HD13   H N N 278 
ILE HXT    H N N 279 
LEU N      N N N 280 
LEU CA     C N S 281 
LEU C      C N N 282 
LEU O      O N N 283 
LEU CB     C N N 284 
LEU CG     C N N 285 
LEU CD1    C N N 286 
LEU CD2    C N N 287 
LEU OXT    O N N 288 
LEU H      H N N 289 
LEU H2     H N N 290 
LEU HA     H N N 291 
LEU HB2    H N N 292 
LEU HB3    H N N 293 
LEU HG     H N N 294 
LEU HD11   H N N 295 
LEU HD12   H N N 296 
LEU HD13   H N N 297 
LEU HD21   H N N 298 
LEU HD22   H N N 299 
LEU HD23   H N N 300 
LEU HXT    H N N 301 
LYS N      N N N 302 
LYS CA     C N S 303 
LYS C      C N N 304 
LYS O      O N N 305 
LYS CB     C N N 306 
LYS CG     C N N 307 
LYS CD     C N N 308 
LYS CE     C N N 309 
LYS NZ     N N N 310 
LYS OXT    O N N 311 
LYS H      H N N 312 
LYS H2     H N N 313 
LYS HA     H N N 314 
LYS HB2    H N N 315 
LYS HB3    H N N 316 
LYS HG2    H N N 317 
LYS HG3    H N N 318 
LYS HD2    H N N 319 
LYS HD3    H N N 320 
LYS HE2    H N N 321 
LYS HE3    H N N 322 
LYS HZ1    H N N 323 
LYS HZ2    H N N 324 
LYS HZ3    H N N 325 
LYS HXT    H N N 326 
PHE N      N N N 327 
PHE CA     C N S 328 
PHE C      C N N 329 
PHE O      O N N 330 
PHE CB     C N N 331 
PHE CG     C Y N 332 
PHE CD1    C Y N 333 
PHE CD2    C Y N 334 
PHE CE1    C Y N 335 
PHE CE2    C Y N 336 
PHE CZ     C Y N 337 
PHE OXT    O N N 338 
PHE H      H N N 339 
PHE H2     H N N 340 
PHE HA     H N N 341 
PHE HB2    H N N 342 
PHE HB3    H N N 343 
PHE HD1    H N N 344 
PHE HD2    H N N 345 
PHE HE1    H N N 346 
PHE HE2    H N N 347 
PHE HZ     H N N 348 
PHE HXT    H N N 349 
PRO N      N N N 350 
PRO CA     C N S 351 
PRO C      C N N 352 
PRO O      O N N 353 
PRO CB     C N N 354 
PRO CG     C N N 355 
PRO CD     C N N 356 
PRO OXT    O N N 357 
PRO H      H N N 358 
PRO HA     H N N 359 
PRO HB2    H N N 360 
PRO HB3    H N N 361 
PRO HG2    H N N 362 
PRO HG3    H N N 363 
PRO HD2    H N N 364 
PRO HD3    H N N 365 
PRO HXT    H N N 366 
SER N      N N N 367 
SER CA     C N S 368 
SER C      C N N 369 
SER O      O N N 370 
SER CB     C N N 371 
SER OG     O N N 372 
SER OXT    O N N 373 
SER H      H N N 374 
SER H2     H N N 375 
SER HA     H N N 376 
SER HB2    H N N 377 
SER HB3    H N N 378 
SER HG     H N N 379 
SER HXT    H N N 380 
THR N      N N N 381 
THR CA     C N S 382 
THR C      C N N 383 
THR O      O N N 384 
THR CB     C N R 385 
THR OG1    O N N 386 
THR CG2    C N N 387 
THR OXT    O N N 388 
THR H      H N N 389 
THR H2     H N N 390 
THR HA     H N N 391 
THR HB     H N N 392 
THR HG1    H N N 393 
THR HG21   H N N 394 
THR HG22   H N N 395 
THR HG23   H N N 396 
THR HXT    H N N 397 
TRP N      N N N 398 
TRP CA     C N S 399 
TRP C      C N N 400 
TRP O      O N N 401 
TRP CB     C N N 402 
TRP CG     C Y N 403 
TRP CD1    C Y N 404 
TRP CD2    C Y N 405 
TRP NE1    N Y N 406 
TRP CE2    C Y N 407 
TRP CE3    C Y N 408 
TRP CZ2    C Y N 409 
TRP CZ3    C Y N 410 
TRP CH2    C Y N 411 
TRP OXT    O N N 412 
TRP H      H N N 413 
TRP H2     H N N 414 
TRP HA     H N N 415 
TRP HB2    H N N 416 
TRP HB3    H N N 417 
TRP HD1    H N N 418 
TRP HE1    H N N 419 
TRP HE3    H N N 420 
TRP HZ2    H N N 421 
TRP HZ3    H N N 422 
TRP HH2    H N N 423 
TRP HXT    H N N 424 
TYR N      N N N 425 
TYR CA     C N S 426 
TYR C      C N N 427 
TYR O      O N N 428 
TYR CB     C N N 429 
TYR CG     C Y N 430 
TYR CD1    C Y N 431 
TYR CD2    C Y N 432 
TYR CE1    C Y N 433 
TYR CE2    C Y N 434 
TYR CZ     C Y N 435 
TYR OH     O N N 436 
TYR OXT    O N N 437 
TYR H      H N N 438 
TYR H2     H N N 439 
TYR HA     H N N 440 
TYR HB2    H N N 441 
TYR HB3    H N N 442 
TYR HD1    H N N 443 
TYR HD2    H N N 444 
TYR HE1    H N N 445 
TYR HE2    H N N 446 
TYR HH     H N N 447 
TYR HXT    H N N 448 
U   OP3    O N N 449 
U   P      P N N 450 
U   OP1    O N N 451 
U   OP2    O N N 452 
U   "O5'"  O N N 453 
U   "C5'"  C N N 454 
U   "C4'"  C N R 455 
U   "O4'"  O N N 456 
U   "C3'"  C N S 457 
U   "O3'"  O N N 458 
U   "C2'"  C N R 459 
U   "O2'"  O N N 460 
U   "C1'"  C N R 461 
U   N1     N N N 462 
U   C2     C N N 463 
U   O2     O N N 464 
U   N3     N N N 465 
U   C4     C N N 466 
U   O4     O N N 467 
U   C5     C N N 468 
U   C6     C N N 469 
U   HOP3   H N N 470 
U   HOP2   H N N 471 
U   "H5'"  H N N 472 
U   "H5''" H N N 473 
U   "H4'"  H N N 474 
U   "H3'"  H N N 475 
U   "HO3'" H N N 476 
U   "H2'"  H N N 477 
U   "HO2'" H N N 478 
U   "H1'"  H N N 479 
U   H3     H N N 480 
U   H5     H N N 481 
U   H6     H N N 482 
VAL N      N N N 483 
VAL CA     C N S 484 
VAL C      C N N 485 
VAL O      O N N 486 
VAL CB     C N N 487 
VAL CG1    C N N 488 
VAL CG2    C N N 489 
VAL OXT    O N N 490 
VAL H      H N N 491 
VAL H2     H N N 492 
VAL HA     H N N 493 
VAL HB     H N N 494 
VAL HG11   H N N 495 
VAL HG12   H N N 496 
VAL HG13   H N N 497 
VAL HG21   H N N 498 
VAL HG22   H N N 499 
VAL HG23   H N N 500 
VAL HXT    H N N 501 
# 
loop_
_chem_comp_bond.comp_id 
_chem_comp_bond.atom_id_1 
_chem_comp_bond.atom_id_2 
_chem_comp_bond.value_order 
_chem_comp_bond.pdbx_aromatic_flag 
_chem_comp_bond.pdbx_stereo_config 
_chem_comp_bond.pdbx_ordinal 
5MC P     OP1    doub N N 1   
5MC P     OP2    sing N N 2   
5MC P     OP3    sing N N 3   
5MC P     "O5'"  sing N N 4   
5MC OP2   HOP2   sing N N 5   
5MC OP3   HOP3   sing N N 6   
5MC "O5'" "C5'"  sing N N 7   
5MC "C5'" "C4'"  sing N N 8   
5MC "C5'" "H5'"  sing N N 9   
5MC "C5'" "H5''" sing N N 10  
5MC "C4'" "O4'"  sing N N 11  
5MC "C4'" "C3'"  sing N N 12  
5MC "C4'" "H4'"  sing N N 13  
5MC "O4'" "C1'"  sing N N 14  
5MC "C3'" "O3'"  sing N N 15  
5MC "C3'" "C2'"  sing N N 16  
5MC "C3'" "H3'"  sing N N 17  
5MC "O3'" "HO3'" sing N N 18  
5MC "C2'" "O2'"  sing N N 19  
5MC "C2'" "C1'"  sing N N 20  
5MC "C2'" "H2'"  sing N N 21  
5MC "O2'" "HO2'" sing N N 22  
5MC "C1'" N1     sing N N 23  
5MC "C1'" "H1'"  sing N N 24  
5MC N1    C2     sing N N 25  
5MC N1    C6     sing N N 26  
5MC C2    O2     doub N N 27  
5MC C2    N3     sing N N 28  
5MC N3    C4     doub N N 29  
5MC C4    N4     sing N N 30  
5MC C4    C5     sing N N 31  
5MC N4    HN41   sing N N 32  
5MC N4    HN42   sing N N 33  
5MC C5    C6     doub N N 34  
5MC C5    CM5    sing N N 35  
5MC C6    H6     sing N N 36  
5MC CM5   HM51   sing N N 37  
5MC CM5   HM52   sing N N 38  
5MC CM5   HM53   sing N N 39  
ALA N     CA     sing N N 40  
ALA N     H      sing N N 41  
ALA N     H2     sing N N 42  
ALA CA    C      sing N N 43  
ALA CA    CB     sing N N 44  
ALA CA    HA     sing N N 45  
ALA C     O      doub N N 46  
ALA C     OXT    sing N N 47  
ALA CB    HB1    sing N N 48  
ALA CB    HB2    sing N N 49  
ALA CB    HB3    sing N N 50  
ALA OXT   HXT    sing N N 51  
ARG N     CA     sing N N 52  
ARG N     H      sing N N 53  
ARG N     H2     sing N N 54  
ARG CA    C      sing N N 55  
ARG CA    CB     sing N N 56  
ARG CA    HA     sing N N 57  
ARG C     O      doub N N 58  
ARG C     OXT    sing N N 59  
ARG CB    CG     sing N N 60  
ARG CB    HB2    sing N N 61  
ARG CB    HB3    sing N N 62  
ARG CG    CD     sing N N 63  
ARG CG    HG2    sing N N 64  
ARG CG    HG3    sing N N 65  
ARG CD    NE     sing N N 66  
ARG CD    HD2    sing N N 67  
ARG CD    HD3    sing N N 68  
ARG NE    CZ     sing N N 69  
ARG NE    HE     sing N N 70  
ARG CZ    NH1    sing N N 71  
ARG CZ    NH2    doub N N 72  
ARG NH1   HH11   sing N N 73  
ARG NH1   HH12   sing N N 74  
ARG NH2   HH21   sing N N 75  
ARG NH2   HH22   sing N N 76  
ARG OXT   HXT    sing N N 77  
ASN N     CA     sing N N 78  
ASN N     H      sing N N 79  
ASN N     H2     sing N N 80  
ASN CA    C      sing N N 81  
ASN CA    CB     sing N N 82  
ASN CA    HA     sing N N 83  
ASN C     O      doub N N 84  
ASN C     OXT    sing N N 85  
ASN CB    CG     sing N N 86  
ASN CB    HB2    sing N N 87  
ASN CB    HB3    sing N N 88  
ASN CG    OD1    doub N N 89  
ASN CG    ND2    sing N N 90  
ASN ND2   HD21   sing N N 91  
ASN ND2   HD22   sing N N 92  
ASN OXT   HXT    sing N N 93  
ASP N     CA     sing N N 94  
ASP N     H      sing N N 95  
ASP N     H2     sing N N 96  
ASP CA    C      sing N N 97  
ASP CA    CB     sing N N 98  
ASP CA    HA     sing N N 99  
ASP C     O      doub N N 100 
ASP C     OXT    sing N N 101 
ASP CB    CG     sing N N 102 
ASP CB    HB2    sing N N 103 
ASP CB    HB3    sing N N 104 
ASP CG    OD1    doub N N 105 
ASP CG    OD2    sing N N 106 
ASP OD2   HD2    sing N N 107 
ASP OXT   HXT    sing N N 108 
C   OP3   P      sing N N 109 
C   OP3   HOP3   sing N N 110 
C   P     OP1    doub N N 111 
C   P     OP2    sing N N 112 
C   P     "O5'"  sing N N 113 
C   OP2   HOP2   sing N N 114 
C   "O5'" "C5'"  sing N N 115 
C   "C5'" "C4'"  sing N N 116 
C   "C5'" "H5'"  sing N N 117 
C   "C5'" "H5''" sing N N 118 
C   "C4'" "O4'"  sing N N 119 
C   "C4'" "C3'"  sing N N 120 
C   "C4'" "H4'"  sing N N 121 
C   "O4'" "C1'"  sing N N 122 
C   "C3'" "O3'"  sing N N 123 
C   "C3'" "C2'"  sing N N 124 
C   "C3'" "H3'"  sing N N 125 
C   "O3'" "HO3'" sing N N 126 
C   "C2'" "O2'"  sing N N 127 
C   "C2'" "C1'"  sing N N 128 
C   "C2'" "H2'"  sing N N 129 
C   "O2'" "HO2'" sing N N 130 
C   "C1'" N1     sing N N 131 
C   "C1'" "H1'"  sing N N 132 
C   N1    C2     sing N N 133 
C   N1    C6     sing N N 134 
C   C2    O2     doub N N 135 
C   C2    N3     sing N N 136 
C   N3    C4     doub N N 137 
C   C4    N4     sing N N 138 
C   C4    C5     sing N N 139 
C   N4    H41    sing N N 140 
C   N4    H42    sing N N 141 
C   C5    C6     doub N N 142 
C   C5    H5     sing N N 143 
C   C6    H6     sing N N 144 
G   OP3   P      sing N N 145 
G   OP3   HOP3   sing N N 146 
G   P     OP1    doub N N 147 
G   P     OP2    sing N N 148 
G   P     "O5'"  sing N N 149 
G   OP2   HOP2   sing N N 150 
G   "O5'" "C5'"  sing N N 151 
G   "C5'" "C4'"  sing N N 152 
G   "C5'" "H5'"  sing N N 153 
G   "C5'" "H5''" sing N N 154 
G   "C4'" "O4'"  sing N N 155 
G   "C4'" "C3'"  sing N N 156 
G   "C4'" "H4'"  sing N N 157 
G   "O4'" "C1'"  sing N N 158 
G   "C3'" "O3'"  sing N N 159 
G   "C3'" "C2'"  sing N N 160 
G   "C3'" "H3'"  sing N N 161 
G   "O3'" "HO3'" sing N N 162 
G   "C2'" "O2'"  sing N N 163 
G   "C2'" "C1'"  sing N N 164 
G   "C2'" "H2'"  sing N N 165 
G   "O2'" "HO2'" sing N N 166 
G   "C1'" N9     sing N N 167 
G   "C1'" "H1'"  sing N N 168 
G   N9    C8     sing Y N 169 
G   N9    C4     sing Y N 170 
G   C8    N7     doub Y N 171 
G   C8    H8     sing N N 172 
G   N7    C5     sing Y N 173 
G   C5    C6     sing N N 174 
G   C5    C4     doub Y N 175 
G   C6    O6     doub N N 176 
G   C6    N1     sing N N 177 
G   N1    C2     sing N N 178 
G   N1    H1     sing N N 179 
G   C2    N2     sing N N 180 
G   C2    N3     doub N N 181 
G   N2    H21    sing N N 182 
G   N2    H22    sing N N 183 
G   N3    C4     sing N N 184 
GLN N     CA     sing N N 185 
GLN N     H      sing N N 186 
GLN N     H2     sing N N 187 
GLN CA    C      sing N N 188 
GLN CA    CB     sing N N 189 
GLN CA    HA     sing N N 190 
GLN C     O      doub N N 191 
GLN C     OXT    sing N N 192 
GLN CB    CG     sing N N 193 
GLN CB    HB2    sing N N 194 
GLN CB    HB3    sing N N 195 
GLN CG    CD     sing N N 196 
GLN CG    HG2    sing N N 197 
GLN CG    HG3    sing N N 198 
GLN CD    OE1    doub N N 199 
GLN CD    NE2    sing N N 200 
GLN NE2   HE21   sing N N 201 
GLN NE2   HE22   sing N N 202 
GLN OXT   HXT    sing N N 203 
GLU N     CA     sing N N 204 
GLU N     H      sing N N 205 
GLU N     H2     sing N N 206 
GLU CA    C      sing N N 207 
GLU CA    CB     sing N N 208 
GLU CA    HA     sing N N 209 
GLU C     O      doub N N 210 
GLU C     OXT    sing N N 211 
GLU CB    CG     sing N N 212 
GLU CB    HB2    sing N N 213 
GLU CB    HB3    sing N N 214 
GLU CG    CD     sing N N 215 
GLU CG    HG2    sing N N 216 
GLU CG    HG3    sing N N 217 
GLU CD    OE1    doub N N 218 
GLU CD    OE2    sing N N 219 
GLU OE2   HE2    sing N N 220 
GLU OXT   HXT    sing N N 221 
GLY N     CA     sing N N 222 
GLY N     H      sing N N 223 
GLY N     H2     sing N N 224 
GLY CA    C      sing N N 225 
GLY CA    HA2    sing N N 226 
GLY CA    HA3    sing N N 227 
GLY C     O      doub N N 228 
GLY C     OXT    sing N N 229 
GLY OXT   HXT    sing N N 230 
HIS N     CA     sing N N 231 
HIS N     H      sing N N 232 
HIS N     H2     sing N N 233 
HIS CA    C      sing N N 234 
HIS CA    CB     sing N N 235 
HIS CA    HA     sing N N 236 
HIS C     O      doub N N 237 
HIS C     OXT    sing N N 238 
HIS CB    CG     sing N N 239 
HIS CB    HB2    sing N N 240 
HIS CB    HB3    sing N N 241 
HIS CG    ND1    sing Y N 242 
HIS CG    CD2    doub Y N 243 
HIS ND1   CE1    doub Y N 244 
HIS ND1   HD1    sing N N 245 
HIS CD2   NE2    sing Y N 246 
HIS CD2   HD2    sing N N 247 
HIS CE1   NE2    sing Y N 248 
HIS CE1   HE1    sing N N 249 
HIS NE2   HE2    sing N N 250 
HIS OXT   HXT    sing N N 251 
HOH O     H1     sing N N 252 
HOH O     H2     sing N N 253 
ILE N     CA     sing N N 254 
ILE N     H      sing N N 255 
ILE N     H2     sing N N 256 
ILE CA    C      sing N N 257 
ILE CA    CB     sing N N 258 
ILE CA    HA     sing N N 259 
ILE C     O      doub N N 260 
ILE C     OXT    sing N N 261 
ILE CB    CG1    sing N N 262 
ILE CB    CG2    sing N N 263 
ILE CB    HB     sing N N 264 
ILE CG1   CD1    sing N N 265 
ILE CG1   HG12   sing N N 266 
ILE CG1   HG13   sing N N 267 
ILE CG2   HG21   sing N N 268 
ILE CG2   HG22   sing N N 269 
ILE CG2   HG23   sing N N 270 
ILE CD1   HD11   sing N N 271 
ILE CD1   HD12   sing N N 272 
ILE CD1   HD13   sing N N 273 
ILE OXT   HXT    sing N N 274 
LEU N     CA     sing N N 275 
LEU N     H      sing N N 276 
LEU N     H2     sing N N 277 
LEU CA    C      sing N N 278 
LEU CA    CB     sing N N 279 
LEU CA    HA     sing N N 280 
LEU C     O      doub N N 281 
LEU C     OXT    sing N N 282 
LEU CB    CG     sing N N 283 
LEU CB    HB2    sing N N 284 
LEU CB    HB3    sing N N 285 
LEU CG    CD1    sing N N 286 
LEU CG    CD2    sing N N 287 
LEU CG    HG     sing N N 288 
LEU CD1   HD11   sing N N 289 
LEU CD1   HD12   sing N N 290 
LEU CD1   HD13   sing N N 291 
LEU CD2   HD21   sing N N 292 
LEU CD2   HD22   sing N N 293 
LEU CD2   HD23   sing N N 294 
LEU OXT   HXT    sing N N 295 
LYS N     CA     sing N N 296 
LYS N     H      sing N N 297 
LYS N     H2     sing N N 298 
LYS CA    C      sing N N 299 
LYS CA    CB     sing N N 300 
LYS CA    HA     sing N N 301 
LYS C     O      doub N N 302 
LYS C     OXT    sing N N 303 
LYS CB    CG     sing N N 304 
LYS CB    HB2    sing N N 305 
LYS CB    HB3    sing N N 306 
LYS CG    CD     sing N N 307 
LYS CG    HG2    sing N N 308 
LYS CG    HG3    sing N N 309 
LYS CD    CE     sing N N 310 
LYS CD    HD2    sing N N 311 
LYS CD    HD3    sing N N 312 
LYS CE    NZ     sing N N 313 
LYS CE    HE2    sing N N 314 
LYS CE    HE3    sing N N 315 
LYS NZ    HZ1    sing N N 316 
LYS NZ    HZ2    sing N N 317 
LYS NZ    HZ3    sing N N 318 
LYS OXT   HXT    sing N N 319 
PHE N     CA     sing N N 320 
PHE N     H      sing N N 321 
PHE N     H2     sing N N 322 
PHE CA    C      sing N N 323 
PHE CA    CB     sing N N 324 
PHE CA    HA     sing N N 325 
PHE C     O      doub N N 326 
PHE C     OXT    sing N N 327 
PHE CB    CG     sing N N 328 
PHE CB    HB2    sing N N 329 
PHE CB    HB3    sing N N 330 
PHE CG    CD1    doub Y N 331 
PHE CG    CD2    sing Y N 332 
PHE CD1   CE1    sing Y N 333 
PHE CD1   HD1    sing N N 334 
PHE CD2   CE2    doub Y N 335 
PHE CD2   HD2    sing N N 336 
PHE CE1   CZ     doub Y N 337 
PHE CE1   HE1    sing N N 338 
PHE CE2   CZ     sing Y N 339 
PHE CE2   HE2    sing N N 340 
PHE CZ    HZ     sing N N 341 
PHE OXT   HXT    sing N N 342 
PRO N     CA     sing N N 343 
PRO N     CD     sing N N 344 
PRO N     H      sing N N 345 
PRO CA    C      sing N N 346 
PRO CA    CB     sing N N 347 
PRO CA    HA     sing N N 348 
PRO C     O      doub N N 349 
PRO C     OXT    sing N N 350 
PRO CB    CG     sing N N 351 
PRO CB    HB2    sing N N 352 
PRO CB    HB3    sing N N 353 
PRO CG    CD     sing N N 354 
PRO CG    HG2    sing N N 355 
PRO CG    HG3    sing N N 356 
PRO CD    HD2    sing N N 357 
PRO CD    HD3    sing N N 358 
PRO OXT   HXT    sing N N 359 
SER N     CA     sing N N 360 
SER N     H      sing N N 361 
SER N     H2     sing N N 362 
SER CA    C      sing N N 363 
SER CA    CB     sing N N 364 
SER CA    HA     sing N N 365 
SER C     O      doub N N 366 
SER C     OXT    sing N N 367 
SER CB    OG     sing N N 368 
SER CB    HB2    sing N N 369 
SER CB    HB3    sing N N 370 
SER OG    HG     sing N N 371 
SER OXT   HXT    sing N N 372 
THR N     CA     sing N N 373 
THR N     H      sing N N 374 
THR N     H2     sing N N 375 
THR CA    C      sing N N 376 
THR CA    CB     sing N N 377 
THR CA    HA     sing N N 378 
THR C     O      doub N N 379 
THR C     OXT    sing N N 380 
THR CB    OG1    sing N N 381 
THR CB    CG2    sing N N 382 
THR CB    HB     sing N N 383 
THR OG1   HG1    sing N N 384 
THR CG2   HG21   sing N N 385 
THR CG2   HG22   sing N N 386 
THR CG2   HG23   sing N N 387 
THR OXT   HXT    sing N N 388 
TRP N     CA     sing N N 389 
TRP N     H      sing N N 390 
TRP N     H2     sing N N 391 
TRP CA    C      sing N N 392 
TRP CA    CB     sing N N 393 
TRP CA    HA     sing N N 394 
TRP C     O      doub N N 395 
TRP C     OXT    sing N N 396 
TRP CB    CG     sing N N 397 
TRP CB    HB2    sing N N 398 
TRP CB    HB3    sing N N 399 
TRP CG    CD1    doub Y N 400 
TRP CG    CD2    sing Y N 401 
TRP CD1   NE1    sing Y N 402 
TRP CD1   HD1    sing N N 403 
TRP CD2   CE2    doub Y N 404 
TRP CD2   CE3    sing Y N 405 
TRP NE1   CE2    sing Y N 406 
TRP NE1   HE1    sing N N 407 
TRP CE2   CZ2    sing Y N 408 
TRP CE3   CZ3    doub Y N 409 
TRP CE3   HE3    sing N N 410 
TRP CZ2   CH2    doub Y N 411 
TRP CZ2   HZ2    sing N N 412 
TRP CZ3   CH2    sing Y N 413 
TRP CZ3   HZ3    sing N N 414 
TRP CH2   HH2    sing N N 415 
TRP OXT   HXT    sing N N 416 
TYR N     CA     sing N N 417 
TYR N     H      sing N N 418 
TYR N     H2     sing N N 419 
TYR CA    C      sing N N 420 
TYR CA    CB     sing N N 421 
TYR CA    HA     sing N N 422 
TYR C     O      doub N N 423 
TYR C     OXT    sing N N 424 
TYR CB    CG     sing N N 425 
TYR CB    HB2    sing N N 426 
TYR CB    HB3    sing N N 427 
TYR CG    CD1    doub Y N 428 
TYR CG    CD2    sing Y N 429 
TYR CD1   CE1    sing Y N 430 
TYR CD1   HD1    sing N N 431 
TYR CD2   CE2    doub Y N 432 
TYR CD2   HD2    sing N N 433 
TYR CE1   CZ     doub Y N 434 
TYR CE1   HE1    sing N N 435 
TYR CE2   CZ     sing Y N 436 
TYR CE2   HE2    sing N N 437 
TYR CZ    OH     sing N N 438 
TYR OH    HH     sing N N 439 
TYR OXT   HXT    sing N N 440 
U   OP3   P      sing N N 441 
U   OP3   HOP3   sing N N 442 
U   P     OP1    doub N N 443 
U   P     OP2    sing N N 444 
U   P     "O5'"  sing N N 445 
U   OP2   HOP2   sing N N 446 
U   "O5'" "C5'"  sing N N 447 
U   "C5'" "C4'"  sing N N 448 
U   "C5'" "H5'"  sing N N 449 
U   "C5'" "H5''" sing N N 450 
U   "C4'" "O4'"  sing N N 451 
U   "C4'" "C3'"  sing N N 452 
U   "C4'" "H4'"  sing N N 453 
U   "O4'" "C1'"  sing N N 454 
U   "C3'" "O3'"  sing N N 455 
U   "C3'" "C2'"  sing N N 456 
U   "C3'" "H3'"  sing N N 457 
U   "O3'" "HO3'" sing N N 458 
U   "C2'" "O2'"  sing N N 459 
U   "C2'" "C1'"  sing N N 460 
U   "C2'" "H2'"  sing N N 461 
U   "O2'" "HO2'" sing N N 462 
U   "C1'" N1     sing N N 463 
U   "C1'" "H1'"  sing N N 464 
U   N1    C2     sing N N 465 
U   N1    C6     sing N N 466 
U   C2    O2     doub N N 467 
U   C2    N3     sing N N 468 
U   N3    C4     sing N N 469 
U   N3    H3     sing N N 470 
U   C4    O4     doub N N 471 
U   C4    C5     sing N N 472 
U   C5    C6     doub N N 473 
U   C5    H5     sing N N 474 
U   C6    H6     sing N N 475 
VAL N     CA     sing N N 476 
VAL N     H      sing N N 477 
VAL N     H2     sing N N 478 
VAL CA    C      sing N N 479 
VAL CA    CB     sing N N 480 
VAL CA    HA     sing N N 481 
VAL C     O      doub N N 482 
VAL C     OXT    sing N N 483 
VAL CB    CG1    sing N N 484 
VAL CB    CG2    sing N N 485 
VAL CB    HB     sing N N 486 
VAL CG1   HG11   sing N N 487 
VAL CG1   HG12   sing N N 488 
VAL CG1   HG13   sing N N 489 
VAL CG2   HG21   sing N N 490 
VAL CG2   HG22   sing N N 491 
VAL CG2   HG23   sing N N 492 
VAL OXT   HXT    sing N N 493 
# 
_pdbx_entity_instance_feature.ordinal        1 
_pdbx_entity_instance_feature.comp_id        5MC 
_pdbx_entity_instance_feature.asym_id        ? 
_pdbx_entity_instance_feature.seq_num        ? 
_pdbx_entity_instance_feature.auth_comp_id   5MC 
_pdbx_entity_instance_feature.auth_asym_id   ? 
_pdbx_entity_instance_feature.auth_seq_num   ? 
_pdbx_entity_instance_feature.feature_type   'SUBJECT OF INVESTIGATION' 
_pdbx_entity_instance_feature.details        ? 
# 
_pdbx_entity_nonpoly.entity_id   3 
_pdbx_entity_nonpoly.name        water 
_pdbx_entity_nonpoly.comp_id     HOH 
# 
_pdbx_initial_refinement_model.id               1 
_pdbx_initial_refinement_model.entity_id_list   ? 
_pdbx_initial_refinement_model.type             'experimental model' 
_pdbx_initial_refinement_model.source_name      PDB 
_pdbx_initial_refinement_model.accession_code   3I2Z 
_pdbx_initial_refinement_model.details          ? 
# 
_pdbx_struct_assembly_auth_evidence.id                     1 
_pdbx_struct_assembly_auth_evidence.assembly_id            1 
_pdbx_struct_assembly_auth_evidence.experimental_support   'isothermal titration calorimetry' 
_pdbx_struct_assembly_auth_evidence.details                ? 
# 
